data_9OL3
# 
_entry.id   9OL3 
# 
_audit_conform.dict_name       mmcif_pdbx.dic 
_audit_conform.dict_version    5.407 
_audit_conform.dict_location   http://mmcif.pdb.org/dictionaries/ascii/mmcif_pdbx.dic 
# 
loop_
_database_2.database_id 
_database_2.database_code 
_database_2.pdbx_database_accession 
_database_2.pdbx_DOI 
PDB   9OL3         pdb_00009ol3 10.2210/pdb9ol3/pdb 
WWPDB D_1000295542 ?            ?                   
# 
loop_
_pdbx_audit_revision_history.ordinal 
_pdbx_audit_revision_history.data_content_type 
_pdbx_audit_revision_history.major_revision 
_pdbx_audit_revision_history.minor_revision 
_pdbx_audit_revision_history.revision_date 
_pdbx_audit_revision_history.part_number 
1 'Structure model' 1 0 2025-10-22 ? 
2 'Structure model' 1 1 2025-11-19 ? 
3 'Structure model' 1 2 2025-11-26 ? 
# 
_pdbx_audit_revision_details.ordinal             1 
_pdbx_audit_revision_details.revision_ordinal    1 
_pdbx_audit_revision_details.data_content_type   'Structure model' 
_pdbx_audit_revision_details.provider            repository 
_pdbx_audit_revision_details.type                'Initial release' 
_pdbx_audit_revision_details.description         ? 
_pdbx_audit_revision_details.details             ? 
# 
loop_
_pdbx_audit_revision_group.ordinal 
_pdbx_audit_revision_group.revision_ordinal 
_pdbx_audit_revision_group.data_content_type 
_pdbx_audit_revision_group.group 
1 2 'Structure model' 'Data collection'     
2 3 'Structure model' 'Database references' 
# 
loop_
_pdbx_audit_revision_category.ordinal 
_pdbx_audit_revision_category.revision_ordinal 
_pdbx_audit_revision_category.data_content_type 
_pdbx_audit_revision_category.category 
1 2 'Structure model' diffrn_detector 
2 3 'Structure model' citation        
3 3 'Structure model' citation_author 
# 
_pdbx_audit_revision_item.ordinal             1 
_pdbx_audit_revision_item.revision_ordinal    2 
_pdbx_audit_revision_item.data_content_type   'Structure model' 
_pdbx_audit_revision_item.item                '_diffrn_detector.type' 
# 
_pdbx_database_status.status_code                     REL 
_pdbx_database_status.status_code_sf                  REL 
_pdbx_database_status.status_code_mr                  ? 
_pdbx_database_status.entry_id                        9OL3 
_pdbx_database_status.recvd_initial_deposition_date   2025-05-11 
_pdbx_database_status.SG_entry                        N 
_pdbx_database_status.deposit_site                    RCSB 
_pdbx_database_status.process_site                    RCSB 
_pdbx_database_status.status_code_cs                  ? 
_pdbx_database_status.status_code_nmr_data            ? 
_pdbx_database_status.methods_development_category    ? 
_pdbx_database_status.pdb_format_compatible           N 
# 
_pdbx_contact_author.id                 2 
_pdbx_contact_author.email              jwszostak@uchicago.edu 
_pdbx_contact_author.name_first         Jack 
_pdbx_contact_author.name_last          Szostak 
_pdbx_contact_author.name_mi            W 
_pdbx_contact_author.role               'principal investigator/group leader' 
_pdbx_contact_author.identifier_ORCID   0000-0003-4131-1203 
# 
loop_
_audit_author.name 
_audit_author.pdbx_ordinal 
_audit_author.identifier_ORCID 
'Fang, Z.'      1 0000-0001-8679-6633 
'Szostak, J.W.' 2 0000-0003-4131-1203 
# 
loop_
_citation.abstract 
_citation.abstract_id_CAS 
_citation.book_id_ISBN 
_citation.book_publisher 
_citation.book_publisher_city 
_citation.book_title 
_citation.coordinate_linkage 
_citation.country 
_citation.database_id_Medline 
_citation.details 
_citation.id 
_citation.journal_abbrev 
_citation.journal_id_ASTM 
_citation.journal_id_CSD 
_citation.journal_id_ISSN 
_citation.journal_full 
_citation.journal_issue 
_citation.journal_volume 
_citation.language 
_citation.page_first 
_citation.page_last 
_citation.title 
_citation.year 
_citation.database_id_CSD 
_citation.pdbx_database_id_DOI 
_citation.pdbx_database_id_PubMed 
_citation.pdbx_database_id_patent 
_citation.unpublished_flag 
? ? ? ? ? ? ? UK ? ? primary 'Nucleic Acids Res.' NARHAD 0389 1362-4962 ? ? 53 ? ? ? 
;Impact of 2'-deoxyribo-purine substrates on nonenzymatic RNA template-directed primer extension.
;
2025 ? 10.1093/nar/gkaf1228      41261857 ? ? 
? ? ? ? ? ? ? US ? ? 1       Biorxiv              ?      ?    2692-8205 ? ? ?  ? ? ? 
;Impact of 2'-deoxyribo-purine substrates on nonenzymatic RNA template-directed primer extension.
;
2025 ? 10.1101/2025.08.29.673048 40909494 ? ? 
# 
loop_
_citation_author.citation_id 
_citation_author.name 
_citation_author.ordinal 
_citation_author.identifier_ORCID 
primary 'Fang, Z.'      1  0000-0001-8679-6633 
primary 'Acikgoz, O.'   2  ?                   
primary 'Jia, X.'       3  0000-0001-9094-9882 
primary 'Essex, J.'     4  ?                   
primary 'Wen, R.'       5  ?                   
primary 'Szostak, J.W.' 6  0000-0003-4131-1203 
1       'Fang, Z.'      7  0000-0001-8679-6633 
1       'Acikgoz, O.'   8  0009-0001-3296-1637 
1       'Jia, X.'       9  0000-0001-9094-9882 
1       'Essex, J.'     10 0009-0003-6281-4798 
1       'Wen, R.'       11 ?                   
1       'Szostak, J.W.' 12 0000-0003-4131-1203 
# 
loop_
_entity.id 
_entity.type 
_entity.src_method 
_entity.pdbx_description 
_entity.formula_weight 
_entity.pdbx_number_of_molecules 
_entity.pdbx_ec 
_entity.pdbx_mutation 
_entity.pdbx_fragment 
_entity.details 
1 polymer     syn 
;RNA (5'-R(*(LCC)P*(LCC)P*(LCC)P*(LCG)P*AP*CP*UP*UP*AP*AP*GP*UP*CP*G)-3')
;
4432.824 2   ? ? ? ? 
2 non-polymer syn 
;2-amino-1-[(R)-{[(2R,3S,5R)-5-(2-amino-6-oxo-1,6-dihydro-9H-purin-9-yl)-3-hydroxyoxolan-2-yl]methoxy}(hydroxy)phosphoryl]-3-[(S)-{[(2R,3S,5R)-5-(2-amino-6-oxo-1,6-dihydro-9H-purin-9-yl)-3-hydroxyoxolan-2-yl]methoxy}(hydroxy)phosphoryl]-1H-imidazol-3-ium (non-preferred name)
;
742.512  2   ? ? ? ? 
3 non-polymer nat 'MAGNESIUM ION' 24.305   7   ? ? ? ? 
4 water       nat water 18.015   130 ? ? ? ? 
# 
_entity_poly.entity_id                      1 
_entity_poly.type                           polyribonucleotide 
_entity_poly.nstd_linkage                   no 
_entity_poly.nstd_monomer                   yes 
_entity_poly.pdbx_seq_one_letter_code       '(LKC)(LCC)(LCC)(LCG)ACUUAAGUCG' 
_entity_poly.pdbx_seq_one_letter_code_can   NNNGACUUAAGUCG 
_entity_poly.pdbx_strand_id                 A,B 
_entity_poly.pdbx_target_identifier         ? 
# 
loop_
_pdbx_entity_nonpoly.entity_id 
_pdbx_entity_nonpoly.name 
_pdbx_entity_nonpoly.comp_id 
2 
;2-amino-1-[(R)-{[(2R,3S,5R)-5-(2-amino-6-oxo-1,6-dihydro-9H-purin-9-yl)-3-hydroxyoxolan-2-yl]methoxy}(hydroxy)phosphoryl]-3-[(S)-{[(2R,3S,5R)-5-(2-amino-6-oxo-1,6-dihydro-9H-purin-9-yl)-3-hydroxyoxolan-2-yl]methoxy}(hydroxy)phosphoryl]-1H-imidazol-3-ium (non-preferred name)
;
A1CGJ 
3 'MAGNESIUM ION' MG    
4 water HOH   
# 
loop_
_entity_poly_seq.entity_id 
_entity_poly_seq.num 
_entity_poly_seq.mon_id 
_entity_poly_seq.hetero 
1 1  LKC n 
1 2  LCC n 
1 3  LCC n 
1 4  LCG n 
1 5  A   n 
1 6  C   n 
1 7  U   n 
1 8  U   n 
1 9  A   n 
1 10 A   n 
1 11 G   n 
1 12 U   n 
1 13 C   n 
1 14 G   n 
# 
_pdbx_entity_src_syn.entity_id              1 
_pdbx_entity_src_syn.pdbx_src_id            1 
_pdbx_entity_src_syn.pdbx_alt_source_flag   sample 
_pdbx_entity_src_syn.pdbx_beg_seq_num       1 
_pdbx_entity_src_syn.pdbx_end_seq_num       14 
_pdbx_entity_src_syn.organism_scientific    'synthetic construct' 
_pdbx_entity_src_syn.organism_common_name   ? 
_pdbx_entity_src_syn.ncbi_taxonomy_id       32630 
_pdbx_entity_src_syn.details                ? 
# 
loop_
_chem_comp.id 
_chem_comp.type 
_chem_comp.mon_nstd_flag 
_chem_comp.name 
_chem_comp.pdbx_synonyms 
_chem_comp.formula 
_chem_comp.formula_weight 
A     'RNA linking' y "ADENOSINE-5'-MONOPHOSPHATE" ? 'C10 H14 N5 O7 P'      347.221 
A1CGJ non-polymer   . 
;2-amino-1-[(R)-{[(2R,3S,5R)-5-(2-amino-6-oxo-1,6-dihydro-9H-purin-9-yl)-3-hydroxyoxolan-2-yl]methoxy}(hydroxy)phosphoryl]-3-[(S)-{[(2R,3S,5R)-5-(2-amino-6-oxo-1,6-dihydro-9H-purin-9-yl)-3-hydroxyoxolan-2-yl]methoxy}(hydroxy)phosphoryl]-1H-imidazol-3-ium (non-preferred name)
;
? 'C23 H30 N13 O12 P2 1' 742.512 
C     'RNA linking' y "CYTIDINE-5'-MONOPHOSPHATE" ? 'C9 H14 N3 O8 P'       323.197 
G     'RNA linking' y "GUANOSINE-5'-MONOPHOSPHATE" ? 'C10 H14 N5 O8 P'      363.221 
HOH   non-polymer   . WATER ? 'H2 O'                 18.015  
LCC   'RNA linking' . 
'[(1R,3R,4R,7S)-7-HYDROXY-3-(5-METHYLCYTOSIN-1-YL)-2,5-DIOXABICYCLO[2.2.1]HEPT-1-YL]METHYL DIHYDROGEN PHOSPHATE' ? 
'C11 H16 N3 O8 P'      349.234 
LCG   'RNA linking' n '[(1R,3R,4R,7S)-7-HYDROXY-3-(GUANIN-9-YL)-2,5-DIOXABICYCLO[2.2.1]HEPT-1-YL]METHYL DIHYDROGEN PHOSPHATE' ? 
'C11 H14 N5 O8 P'      375.231 
LKC   'RNA linking' . 
'4-AMINO-1-[(1S,3R,4R,7S)-7-HYDROXY-1-(HYDROXYMETHYL)-2,5-DIOXABICYCLO[2.2.1]HEPT-3-YL]-5-METHYLPYRIMIDIN-2(1H)-ONE' ? 
'C11 H15 N3 O5'        269.254 
MG    non-polymer   . 'MAGNESIUM ION' ? 'Mg 2'                 24.305  
U     'RNA linking' y "URIDINE-5'-MONOPHOSPHATE" ? 'C9 H13 N2 O9 P'       324.181 
# 
loop_
_pdbx_poly_seq_scheme.asym_id 
_pdbx_poly_seq_scheme.entity_id 
_pdbx_poly_seq_scheme.seq_id 
_pdbx_poly_seq_scheme.mon_id 
_pdbx_poly_seq_scheme.ndb_seq_num 
_pdbx_poly_seq_scheme.pdb_seq_num 
_pdbx_poly_seq_scheme.auth_seq_num 
_pdbx_poly_seq_scheme.pdb_mon_id 
_pdbx_poly_seq_scheme.auth_mon_id 
_pdbx_poly_seq_scheme.pdb_strand_id 
_pdbx_poly_seq_scheme.pdb_ins_code 
_pdbx_poly_seq_scheme.hetero 
A 1 1  LKC 1  1  1  LKC LCC A . n 
A 1 2  LCC 2  2  2  LCC LCC A . n 
A 1 3  LCC 3  3  3  LCC LCC A . n 
A 1 4  LCG 4  4  4  LCG LCG A . n 
A 1 5  A   5  5  5  A   A   A . n 
A 1 6  C   6  6  6  C   C   A . n 
A 1 7  U   7  7  7  U   U   A . n 
A 1 8  U   8  8  8  U   U   A . n 
A 1 9  A   9  9  9  A   A   A . n 
A 1 10 A   10 10 10 A   A   A . n 
A 1 11 G   11 11 11 G   G   A . n 
A 1 12 U   12 12 12 U   U   A . n 
A 1 13 C   13 13 13 C   C   A . n 
A 1 14 G   14 14 14 G   G   A . n 
B 1 1  LKC 1  1  1  LKC LCC B . n 
B 1 2  LCC 2  2  2  LCC LCC B . n 
B 1 3  LCC 3  3  3  LCC LCC B . n 
B 1 4  LCG 4  4  4  LCG LCG B . n 
B 1 5  A   5  5  5  A   A   B . n 
B 1 6  C   6  6  6  C   C   B . n 
B 1 7  U   7  7  7  U   U   B . n 
B 1 8  U   8  8  8  U   U   B . n 
B 1 9  A   9  9  9  A   A   B . n 
B 1 10 A   10 10 10 A   A   B . n 
B 1 11 G   11 11 11 G   G   B . n 
B 1 12 U   12 12 12 U   U   B . n 
B 1 13 C   13 13 13 C   C   B . n 
B 1 14 G   14 14 14 G   G   B . n 
# 
_pdbx_entity_instance_feature.ordinal        1 
_pdbx_entity_instance_feature.comp_id        A1CGJ 
_pdbx_entity_instance_feature.asym_id        ? 
_pdbx_entity_instance_feature.seq_num        ? 
_pdbx_entity_instance_feature.auth_comp_id   A1CGJ 
_pdbx_entity_instance_feature.auth_asym_id   ? 
_pdbx_entity_instance_feature.auth_seq_num   ? 
_pdbx_entity_instance_feature.feature_type   'SUBJECT OF INVESTIGATION' 
_pdbx_entity_instance_feature.details        ? 
# 
loop_
_pdbx_nonpoly_scheme.asym_id 
_pdbx_nonpoly_scheme.entity_id 
_pdbx_nonpoly_scheme.mon_id 
_pdbx_nonpoly_scheme.ndb_seq_num 
_pdbx_nonpoly_scheme.pdb_seq_num 
_pdbx_nonpoly_scheme.auth_seq_num 
_pdbx_nonpoly_scheme.pdb_mon_id 
_pdbx_nonpoly_scheme.auth_mon_id 
_pdbx_nonpoly_scheme.pdb_strand_id 
_pdbx_nonpoly_scheme.pdb_ins_code 
C 2 A1CGJ 1  101 101 A1CGJ EQD A . 
D 3 MG    1  102 1   MG    MG  A . 
E 3 MG    1  103 2   MG    MG  A . 
F 3 MG    1  104 5   MG    MG  A . 
G 3 MG    1  105 7   MG    MG  A . 
H 2 A1CGJ 1  101 101 A1CGJ EQD B . 
I 3 MG    1  102 3   MG    MG  B . 
J 3 MG    1  103 4   MG    MG  B . 
K 3 MG    1  104 6   MG    MG  B . 
L 4 HOH   1  201 83  HOH   HOH A . 
L 4 HOH   2  202 23  HOH   HOH A . 
L 4 HOH   3  203 90  HOH   HOH A . 
L 4 HOH   4  204 91  HOH   HOH A . 
L 4 HOH   5  205 115 HOH   HOH A . 
L 4 HOH   6  206 134 HOH   HOH A . 
L 4 HOH   7  207 22  HOH   HOH A . 
L 4 HOH   8  208 43  HOH   HOH A . 
L 4 HOH   9  209 46  HOH   HOH A . 
L 4 HOH   10 210 81  HOH   HOH A . 
L 4 HOH   11 211 2   HOH   HOH A . 
L 4 HOH   12 212 45  HOH   HOH A . 
L 4 HOH   13 213 21  HOH   HOH A . 
L 4 HOH   14 214 24  HOH   HOH A . 
L 4 HOH   15 215 86  HOH   HOH A . 
L 4 HOH   16 216 94  HOH   HOH A . 
L 4 HOH   17 217 80  HOH   HOH A . 
L 4 HOH   18 218 52  HOH   HOH A . 
L 4 HOH   19 219 27  HOH   HOH A . 
L 4 HOH   20 220 19  HOH   HOH A . 
L 4 HOH   21 221 26  HOH   HOH A . 
L 4 HOH   22 222 30  HOH   HOH A . 
L 4 HOH   23 223 9   HOH   HOH A . 
L 4 HOH   24 224 3   HOH   HOH A . 
L 4 HOH   25 225 44  HOH   HOH A . 
L 4 HOH   26 226 39  HOH   HOH A . 
L 4 HOH   27 227 10  HOH   HOH A . 
L 4 HOH   28 228 50  HOH   HOH A . 
L 4 HOH   29 229 20  HOH   HOH A . 
L 4 HOH   30 230 99  HOH   HOH A . 
L 4 HOH   31 231 59  HOH   HOH A . 
L 4 HOH   32 232 29  HOH   HOH A . 
L 4 HOH   33 233 28  HOH   HOH A . 
L 4 HOH   34 234 12  HOH   HOH A . 
L 4 HOH   35 235 18  HOH   HOH A . 
L 4 HOH   36 236 36  HOH   HOH A . 
L 4 HOH   37 237 87  HOH   HOH A . 
L 4 HOH   38 238 122 HOH   HOH A . 
L 4 HOH   39 239 111 HOH   HOH A . 
L 4 HOH   40 240 31  HOH   HOH A . 
L 4 HOH   41 241 127 HOH   HOH A . 
L 4 HOH   42 242 119 HOH   HOH A . 
L 4 HOH   43 243 118 HOH   HOH A . 
L 4 HOH   44 244 42  HOH   HOH A . 
L 4 HOH   45 245 63  HOH   HOH A . 
L 4 HOH   46 246 8   HOH   HOH A . 
L 4 HOH   47 247 79  HOH   HOH A . 
L 4 HOH   48 248 113 HOH   HOH A . 
L 4 HOH   49 249 7   HOH   HOH A . 
L 4 HOH   50 250 116 HOH   HOH A . 
L 4 HOH   51 251 125 HOH   HOH A . 
L 4 HOH   52 252 11  HOH   HOH A . 
L 4 HOH   53 253 121 HOH   HOH A . 
L 4 HOH   54 254 98  HOH   HOH A . 
L 4 HOH   55 255 112 HOH   HOH A . 
L 4 HOH   56 256 34  HOH   HOH A . 
L 4 HOH   57 257 62  HOH   HOH A . 
L 4 HOH   58 258 25  HOH   HOH A . 
L 4 HOH   59 259 100 HOH   HOH A . 
L 4 HOH   60 260 70  HOH   HOH A . 
L 4 HOH   61 261 117 HOH   HOH A . 
L 4 HOH   62 262 88  HOH   HOH A . 
L 4 HOH   63 263 108 HOH   HOH A . 
L 4 HOH   64 264 6   HOH   HOH A . 
L 4 HOH   65 265 137 HOH   HOH A . 
L 4 HOH   66 266 89  HOH   HOH A . 
L 4 HOH   67 267 68  HOH   HOH A . 
M 4 HOH   1  201 103 HOH   HOH B . 
M 4 HOH   2  202 13  HOH   HOH B . 
M 4 HOH   3  203 15  HOH   HOH B . 
M 4 HOH   4  204 4   HOH   HOH B . 
M 4 HOH   5  205 67  HOH   HOH B . 
M 4 HOH   6  206 92  HOH   HOH B . 
M 4 HOH   7  207 135 HOH   HOH B . 
M 4 HOH   8  208 73  HOH   HOH B . 
M 4 HOH   9  209 95  HOH   HOH B . 
M 4 HOH   10 210 132 HOH   HOH B . 
M 4 HOH   11 211 71  HOH   HOH B . 
M 4 HOH   12 212 84  HOH   HOH B . 
M 4 HOH   13 213 56  HOH   HOH B . 
M 4 HOH   14 214 82  HOH   HOH B . 
M 4 HOH   15 215 133 HOH   HOH B . 
M 4 HOH   16 216 106 HOH   HOH B . 
M 4 HOH   17 217 136 HOH   HOH B . 
M 4 HOH   18 218 14  HOH   HOH B . 
M 4 HOH   19 219 35  HOH   HOH B . 
M 4 HOH   20 220 75  HOH   HOH B . 
M 4 HOH   21 221 61  HOH   HOH B . 
M 4 HOH   22 222 53  HOH   HOH B . 
M 4 HOH   23 223 51  HOH   HOH B . 
M 4 HOH   24 224 48  HOH   HOH B . 
M 4 HOH   25 225 41  HOH   HOH B . 
M 4 HOH   26 226 1   HOH   HOH B . 
M 4 HOH   27 227 131 HOH   HOH B . 
M 4 HOH   28 228 74  HOH   HOH B . 
M 4 HOH   29 229 38  HOH   HOH B . 
M 4 HOH   30 230 123 HOH   HOH B . 
M 4 HOH   31 231 109 HOH   HOH B . 
M 4 HOH   32 232 32  HOH   HOH B . 
M 4 HOH   33 233 57  HOH   HOH B . 
M 4 HOH   34 234 65  HOH   HOH B . 
M 4 HOH   35 235 110 HOH   HOH B . 
M 4 HOH   36 236 16  HOH   HOH B . 
M 4 HOH   37 237 58  HOH   HOH B . 
M 4 HOH   38 238 64  HOH   HOH B . 
M 4 HOH   39 239 33  HOH   HOH B . 
M 4 HOH   40 240 69  HOH   HOH B . 
M 4 HOH   41 241 72  HOH   HOH B . 
M 4 HOH   42 242 93  HOH   HOH B . 
M 4 HOH   43 243 85  HOH   HOH B . 
M 4 HOH   44 244 66  HOH   HOH B . 
M 4 HOH   45 245 40  HOH   HOH B . 
M 4 HOH   46 246 105 HOH   HOH B . 
M 4 HOH   47 247 54  HOH   HOH B . 
M 4 HOH   48 248 107 HOH   HOH B . 
M 4 HOH   49 249 138 HOH   HOH B . 
M 4 HOH   50 250 124 HOH   HOH B . 
M 4 HOH   51 251 37  HOH   HOH B . 
M 4 HOH   52 252 102 HOH   HOH B . 
M 4 HOH   53 253 17  HOH   HOH B . 
M 4 HOH   54 254 76  HOH   HOH B . 
M 4 HOH   55 255 130 HOH   HOH B . 
M 4 HOH   56 256 101 HOH   HOH B . 
M 4 HOH   57 257 120 HOH   HOH B . 
M 4 HOH   58 258 49  HOH   HOH B . 
M 4 HOH   59 259 78  HOH   HOH B . 
M 4 HOH   60 260 5   HOH   HOH B . 
M 4 HOH   61 261 128 HOH   HOH B . 
M 4 HOH   62 262 126 HOH   HOH B . 
M 4 HOH   63 263 77  HOH   HOH B . 
# 
loop_
_software.citation_id 
_software.classification 
_software.compiler_name 
_software.compiler_version 
_software.contact_author 
_software.contact_author_email 
_software.date 
_software.description 
_software.dependencies 
_software.hardware 
_software.language 
_software.location 
_software.mods 
_software.name 
_software.os 
_software.os_version 
_software.type 
_software.version 
_software.pdbx_reference_DOI 
_software.pdbx_ordinal 
? refinement       ? ? ? ? ? ? ? ? ? ? ? REFMAC   ? ? ? 5.8.0425 ? 1 
? 'data reduction' ? ? ? ? ? ? ? ? ? ? ? HKL-2000 ? ? ? .        ? 2 
? 'data scaling'   ? ? ? ? ? ? ? ? ? ? ? HKL-2000 ? ? ? .        ? 3 
? phasing          ? ? ? ? ? ? ? ? ? ? ? PHASER   ? ? ? .        ? 4 
# 
_cell.angle_alpha                  90.000 
_cell.angle_alpha_esd              ? 
_cell.angle_beta                   90.000 
_cell.angle_beta_esd               ? 
_cell.angle_gamma                  120.000 
_cell.angle_gamma_esd              ? 
_cell.entry_id                     9OL3 
_cell.details                      ? 
_cell.formula_units_Z              ? 
_cell.length_a                     48.241 
_cell.length_a_esd                 ? 
_cell.length_b                     48.241 
_cell.length_b_esd                 ? 
_cell.length_c                     82.663 
_cell.length_c_esd                 ? 
_cell.volume                       ? 
_cell.volume_esd                   ? 
_cell.Z_PDB                        12 
_cell.reciprocal_angle_alpha       ? 
_cell.reciprocal_angle_beta        ? 
_cell.reciprocal_angle_gamma       ? 
_cell.reciprocal_angle_alpha_esd   ? 
_cell.reciprocal_angle_beta_esd    ? 
_cell.reciprocal_angle_gamma_esd   ? 
_cell.reciprocal_length_a          ? 
_cell.reciprocal_length_b          ? 
_cell.reciprocal_length_c          ? 
_cell.reciprocal_length_a_esd      ? 
_cell.reciprocal_length_b_esd      ? 
_cell.reciprocal_length_c_esd      ? 
_cell.pdbx_unique_axis             ? 
_cell.pdbx_esd_method              ? 
# 
_symmetry.entry_id                         9OL3 
_symmetry.cell_setting                     ? 
_symmetry.Int_Tables_number                150 
_symmetry.space_group_name_Hall            ? 
_symmetry.space_group_name_H-M             'P 3 2 1' 
_symmetry.pdbx_full_space_group_name_H-M   ? 
# 
_exptl.absorpt_coefficient_mu     ? 
_exptl.absorpt_correction_T_max   ? 
_exptl.absorpt_correction_T_min   ? 
_exptl.absorpt_correction_type    ? 
_exptl.absorpt_process_details    ? 
_exptl.entry_id                   9OL3 
_exptl.crystals_number            1 
_exptl.details                    ? 
_exptl.method                     'X-RAY DIFFRACTION' 
_exptl.method_details             ? 
# 
_exptl_crystal.colour                       ? 
_exptl_crystal.density_diffrn               ? 
_exptl_crystal.density_Matthews             3.13 
_exptl_crystal.density_method               ? 
_exptl_crystal.density_percent_sol          60.73 
_exptl_crystal.description                  ? 
_exptl_crystal.F_000                        ? 
_exptl_crystal.id                           1 
_exptl_crystal.preparation                  ? 
_exptl_crystal.size_max                     ? 
_exptl_crystal.size_mid                     ? 
_exptl_crystal.size_min                     ? 
_exptl_crystal.size_rad                     ? 
_exptl_crystal.colour_lustre                ? 
_exptl_crystal.colour_modifier              ? 
_exptl_crystal.colour_primary               ? 
_exptl_crystal.density_meas                 ? 
_exptl_crystal.density_meas_esd             ? 
_exptl_crystal.density_meas_gt              ? 
_exptl_crystal.density_meas_lt              ? 
_exptl_crystal.density_meas_temp            ? 
_exptl_crystal.density_meas_temp_esd        ? 
_exptl_crystal.density_meas_temp_gt         ? 
_exptl_crystal.density_meas_temp_lt         ? 
_exptl_crystal.pdbx_crystal_image_url       ? 
_exptl_crystal.pdbx_crystal_image_format    ? 
_exptl_crystal.pdbx_mosaicity               ? 
_exptl_crystal.pdbx_mosaicity_esd           ? 
_exptl_crystal.pdbx_mosaic_method           ? 
_exptl_crystal.pdbx_mosaic_block_size       ? 
_exptl_crystal.pdbx_mosaic_block_size_esd   ? 
# 
_exptl_crystal_grow.apparatus       ? 
_exptl_crystal_grow.atmosphere      ? 
_exptl_crystal_grow.crystal_id      1 
_exptl_crystal_grow.details         ? 
_exptl_crystal_grow.method          'VAPOR DIFFUSION, HANGING DROP' 
_exptl_crystal_grow.method_ref      ? 
_exptl_crystal_grow.pH              7.0 
_exptl_crystal_grow.pressure        ? 
_exptl_crystal_grow.pressure_esd    ? 
_exptl_crystal_grow.seeding         ? 
_exptl_crystal_grow.seeding_ref     ? 
_exptl_crystal_grow.temp_details    ? 
_exptl_crystal_grow.temp_esd        ? 
_exptl_crystal_grow.time            ? 
_exptl_crystal_grow.pdbx_details    
'0.05 M HEPES pH 7.0, 0.2 M Ammonium acetate, 0.15 M Magnesium acetate, 10% w/v Polyethylene glycol 6,000.' 
_exptl_crystal_grow.pdbx_pH_range   ? 
_exptl_crystal_grow.temp            293 
# 
_diffrn.ambient_environment              ? 
_diffrn.ambient_temp                     99 
_diffrn.ambient_temp_details             ? 
_diffrn.ambient_temp_esd                 ? 
_diffrn.crystal_id                       1 
_diffrn.crystal_support                  ? 
_diffrn.crystal_treatment                ? 
_diffrn.details                          ? 
_diffrn.id                               1 
_diffrn.ambient_pressure                 ? 
_diffrn.ambient_pressure_esd             ? 
_diffrn.ambient_pressure_gt              ? 
_diffrn.ambient_pressure_lt              ? 
_diffrn.ambient_temp_gt                  ? 
_diffrn.ambient_temp_lt                  ? 
_diffrn.pdbx_serial_crystal_experiment   N 
# 
_diffrn_detector.details                      ? 
_diffrn_detector.detector                     PIXEL 
_diffrn_detector.diffrn_id                    1 
_diffrn_detector.type                         'DECTRIS EIGER X 16M' 
_diffrn_detector.area_resol_mean              ? 
_diffrn_detector.dtime                        ? 
_diffrn_detector.pdbx_frames_total            ? 
_diffrn_detector.pdbx_collection_time_total   ? 
_diffrn_detector.pdbx_collection_date         2022-04-23 
_diffrn_detector.pdbx_frequency               ? 
_diffrn_detector.id                           ? 
_diffrn_detector.number_of_axes               ? 
# 
_diffrn_radiation.collimation                      ? 
_diffrn_radiation.diffrn_id                        1 
_diffrn_radiation.filter_edge                      ? 
_diffrn_radiation.inhomogeneity                    ? 
_diffrn_radiation.monochromator                    ? 
_diffrn_radiation.polarisn_norm                    ? 
_diffrn_radiation.polarisn_ratio                   ? 
_diffrn_radiation.probe                            ? 
_diffrn_radiation.type                             ? 
_diffrn_radiation.xray_symbol                      ? 
_diffrn_radiation.wavelength_id                    1 
_diffrn_radiation.pdbx_monochromatic_or_laue_m_l   M 
_diffrn_radiation.pdbx_wavelength_list             ? 
_diffrn_radiation.pdbx_wavelength                  ? 
_diffrn_radiation.pdbx_diffrn_protocol             'SINGLE WAVELENGTH' 
_diffrn_radiation.pdbx_analyzer                    ? 
_diffrn_radiation.pdbx_scattering_type             x-ray 
# 
_diffrn_radiation_wavelength.id           1 
_diffrn_radiation_wavelength.wavelength   1.033175 
_diffrn_radiation_wavelength.wt           1.0 
# 
_diffrn_source.current                     ? 
_diffrn_source.details                     ? 
_diffrn_source.diffrn_id                   1 
_diffrn_source.power                       ? 
_diffrn_source.size                        ? 
_diffrn_source.source                      SYNCHROTRON 
_diffrn_source.target                      ? 
_diffrn_source.type                        'APS BEAMLINE 23-ID-B' 
_diffrn_source.voltage                     ? 
_diffrn_source.take-off_angle              ? 
_diffrn_source.pdbx_wavelength_list        1.033175 
_diffrn_source.pdbx_wavelength             ? 
_diffrn_source.pdbx_synchrotron_beamline   23-ID-B 
_diffrn_source.pdbx_synchrotron_site       APS 
# 
_reflns.B_iso_Wilson_estimate                          ? 
_reflns.entry_id                                       9OL3 
_reflns.data_reduction_details                         ? 
_reflns.data_reduction_method                          ? 
_reflns.d_resolution_high                              1.557 
_reflns.d_resolution_low                               50 
_reflns.details                                        ? 
_reflns.limit_h_max                                    ? 
_reflns.limit_h_min                                    ? 
_reflns.limit_k_max                                    ? 
_reflns.limit_k_min                                    ? 
_reflns.limit_l_max                                    ? 
_reflns.limit_l_min                                    ? 
_reflns.number_all                                     ? 
_reflns.number_obs                                     15265 
_reflns.observed_criterion                             ? 
_reflns.observed_criterion_F_max                       ? 
_reflns.observed_criterion_F_min                       ? 
_reflns.observed_criterion_I_max                       ? 
_reflns.observed_criterion_I_min                       ? 
_reflns.observed_criterion_sigma_F                     ? 
_reflns.observed_criterion_sigma_I                     ? 
_reflns.percent_possible_obs                           92.4 
_reflns.R_free_details                                 ? 
_reflns.Rmerge_F_all                                   ? 
_reflns.Rmerge_F_obs                                   ? 
_reflns.Friedel_coverage                               ? 
_reflns.number_gt                                      ? 
_reflns.threshold_expression                           ? 
_reflns.pdbx_redundancy                                6.5 
_reflns.pdbx_netI_over_av_sigmaI                       ? 
_reflns.pdbx_netI_over_sigmaI                          49.6 
_reflns.pdbx_res_netI_over_av_sigmaI_2                 ? 
_reflns.pdbx_res_netI_over_sigmaI_2                    ? 
_reflns.pdbx_chi_squared                               1.236 
_reflns.pdbx_scaling_rejects                           ? 
_reflns.pdbx_d_res_high_opt                            ? 
_reflns.pdbx_d_res_low_opt                             ? 
_reflns.pdbx_d_res_opt_method                          ? 
_reflns.phase_calculation_details                      ? 
_reflns.pdbx_Rrim_I_all                                0.057 
_reflns.pdbx_Rpim_I_all                                0.023 
_reflns.pdbx_d_opt                                     ? 
_reflns.pdbx_number_measured_all                       ? 
_reflns.pdbx_diffrn_id                                 1 
_reflns.pdbx_ordinal                                   1 
_reflns.pdbx_CC_half                                   0.988 
_reflns.pdbx_CC_star                                   0.997 
_reflns.pdbx_R_split                                   ? 
_reflns.pdbx_Rmerge_I_obs                              0.052 
_reflns.pdbx_Rmerge_I_all                              ? 
_reflns.pdbx_Rsym_value                                ? 
_reflns.pdbx_CC_split_method                           ? 
_reflns.pdbx_aniso_diffraction_limit_axis_1_ortho[1]   ? 
_reflns.pdbx_aniso_diffraction_limit_axis_1_ortho[2]   ? 
_reflns.pdbx_aniso_diffraction_limit_axis_1_ortho[3]   ? 
_reflns.pdbx_aniso_diffraction_limit_axis_2_ortho[1]   ? 
_reflns.pdbx_aniso_diffraction_limit_axis_2_ortho[2]   ? 
_reflns.pdbx_aniso_diffraction_limit_axis_2_ortho[3]   ? 
_reflns.pdbx_aniso_diffraction_limit_axis_3_ortho[1]   ? 
_reflns.pdbx_aniso_diffraction_limit_axis_3_ortho[2]   ? 
_reflns.pdbx_aniso_diffraction_limit_axis_3_ortho[3]   ? 
_reflns.pdbx_aniso_diffraction_limit_1                 ? 
_reflns.pdbx_aniso_diffraction_limit_2                 ? 
_reflns.pdbx_aniso_diffraction_limit_3                 ? 
_reflns.pdbx_aniso_B_tensor_eigenvector_1_ortho[1]     ? 
_reflns.pdbx_aniso_B_tensor_eigenvector_1_ortho[2]     ? 
_reflns.pdbx_aniso_B_tensor_eigenvector_1_ortho[3]     ? 
_reflns.pdbx_aniso_B_tensor_eigenvector_2_ortho[1]     ? 
_reflns.pdbx_aniso_B_tensor_eigenvector_2_ortho[2]     ? 
_reflns.pdbx_aniso_B_tensor_eigenvector_2_ortho[3]     ? 
_reflns.pdbx_aniso_B_tensor_eigenvector_3_ortho[1]     ? 
_reflns.pdbx_aniso_B_tensor_eigenvector_3_ortho[2]     ? 
_reflns.pdbx_aniso_B_tensor_eigenvector_3_ortho[3]     ? 
_reflns.pdbx_aniso_B_tensor_eigenvalue_1               ? 
_reflns.pdbx_aniso_B_tensor_eigenvalue_2               ? 
_reflns.pdbx_aniso_B_tensor_eigenvalue_3               ? 
_reflns.pdbx_orthogonalization_convention              ? 
_reflns.pdbx_percent_possible_ellipsoidal              ? 
_reflns.pdbx_percent_possible_spherical                ? 
_reflns.pdbx_percent_possible_ellipsoidal_anomalous    ? 
_reflns.pdbx_percent_possible_spherical_anomalous      ? 
_reflns.pdbx_redundancy_anomalous                      ? 
_reflns.pdbx_CC_half_anomalous                         ? 
_reflns.pdbx_absDiff_over_sigma_anomalous              ? 
_reflns.pdbx_percent_possible_anomalous                ? 
_reflns.pdbx_observed_signal_threshold                 ? 
_reflns.pdbx_signal_type                               ? 
_reflns.pdbx_signal_details                            ? 
_reflns.pdbx_signal_software_id                        ? 
# 
_reflns_shell.d_res_high                                    1.557 
_reflns_shell.d_res_low                                     1.59 
_reflns_shell.meanI_over_sigI_all                           ? 
_reflns_shell.meanI_over_sigI_obs                           2.6 
_reflns_shell.number_measured_all                           ? 
_reflns_shell.number_measured_obs                           ? 
_reflns_shell.number_possible                               ? 
_reflns_shell.number_unique_all                             ? 
_reflns_shell.number_unique_obs                             433 
_reflns_shell.percent_possible_obs                          ? 
_reflns_shell.Rmerge_F_all                                  ? 
_reflns_shell.Rmerge_F_obs                                  ? 
_reflns_shell.meanI_over_sigI_gt                            ? 
_reflns_shell.meanI_over_uI_all                             ? 
_reflns_shell.meanI_over_uI_gt                              ? 
_reflns_shell.number_measured_gt                            ? 
_reflns_shell.number_unique_gt                              ? 
_reflns_shell.percent_possible_gt                           ? 
_reflns_shell.Rmerge_F_gt                                   ? 
_reflns_shell.Rmerge_I_gt                                   ? 
_reflns_shell.pdbx_redundancy                               3.7 
_reflns_shell.pdbx_chi_squared                              0.569 
_reflns_shell.pdbx_netI_over_sigmaI_all                     ? 
_reflns_shell.pdbx_netI_over_sigmaI_obs                     ? 
_reflns_shell.pdbx_Rrim_I_all                               0.498 
_reflns_shell.pdbx_Rpim_I_all                               0.231 
_reflns_shell.pdbx_rejects                                  ? 
_reflns_shell.pdbx_ordinal                                  1 
_reflns_shell.pdbx_diffrn_id                                1 
_reflns_shell.pdbx_CC_half                                  0.965 
_reflns_shell.pdbx_CC_star                                  0.991 
_reflns_shell.pdbx_R_split                                  ? 
_reflns_shell.percent_possible_all                          55.2 
_reflns_shell.Rmerge_I_all                                  ? 
_reflns_shell.Rmerge_I_obs                                  0.438 
_reflns_shell.pdbx_Rsym_value                               ? 
_reflns_shell.pdbx_percent_possible_ellipsoidal             ? 
_reflns_shell.pdbx_percent_possible_spherical               ? 
_reflns_shell.pdbx_percent_possible_ellipsoidal_anomalous   ? 
_reflns_shell.pdbx_percent_possible_spherical_anomalous     ? 
_reflns_shell.pdbx_redundancy_anomalous                     ? 
_reflns_shell.pdbx_CC_half_anomalous                        ? 
_reflns_shell.pdbx_absDiff_over_sigma_anomalous             ? 
_reflns_shell.pdbx_percent_possible_anomalous               ? 
# 
_refine.aniso_B[1][1]                            -0.007 
_refine.aniso_B[1][2]                            -0.003 
_refine.aniso_B[1][3]                            -0.000 
_refine.aniso_B[2][2]                            -0.007 
_refine.aniso_B[2][3]                            0.000 
_refine.aniso_B[3][3]                            0.022 
_refine.B_iso_max                                ? 
_refine.B_iso_mean                               48.136 
_refine.B_iso_min                                ? 
_refine.correlation_coeff_Fo_to_Fc               0.972 
_refine.correlation_coeff_Fo_to_Fc_free          0.966 
_refine.details                                  'Hydrogens have been added in their riding positions' 
_refine.diff_density_max                         ? 
_refine.diff_density_max_esd                     ? 
_refine.diff_density_min                         ? 
_refine.diff_density_min_esd                     ? 
_refine.diff_density_rms                         ? 
_refine.diff_density_rms_esd                     ? 
_refine.entry_id                                 9OL3 
_refine.pdbx_refine_id                           'X-RAY DIFFRACTION' 
_refine.ls_abs_structure_details                 ? 
_refine.ls_abs_structure_Flack                   ? 
_refine.ls_abs_structure_Flack_esd               ? 
_refine.ls_abs_structure_Rogers                  ? 
_refine.ls_abs_structure_Rogers_esd              ? 
_refine.ls_d_res_high                            1.557 
_refine.ls_d_res_low                             41.778 
_refine.ls_extinction_coef                       ? 
_refine.ls_extinction_coef_esd                   ? 
_refine.ls_extinction_expression                 ? 
_refine.ls_extinction_method                     ? 
_refine.ls_goodness_of_fit_all                   ? 
_refine.ls_goodness_of_fit_all_esd               ? 
_refine.ls_goodness_of_fit_obs                   ? 
_refine.ls_goodness_of_fit_obs_esd               ? 
_refine.ls_hydrogen_treatment                    ? 
_refine.ls_matrix_type                           ? 
_refine.ls_number_constraints                    ? 
_refine.ls_number_parameters                     ? 
_refine.ls_number_reflns_all                     ? 
_refine.ls_number_reflns_obs                     15265 
_refine.ls_number_reflns_R_free                  768 
_refine.ls_number_reflns_R_work                  14497 
_refine.ls_number_restraints                     ? 
_refine.ls_percent_reflns_obs                    92.291 
_refine.ls_percent_reflns_R_free                 5.031 
_refine.ls_R_factor_all                          0.206 
_refine.ls_R_factor_obs                          ? 
_refine.ls_R_factor_R_free                       0.2494 
_refine.ls_R_factor_R_free_error                 ? 
_refine.ls_R_factor_R_free_error_details         ? 
_refine.ls_R_factor_R_work                       0.2039 
_refine.ls_R_Fsqd_factor_obs                     ? 
_refine.ls_R_I_factor_obs                        ? 
_refine.ls_redundancy_reflns_all                 ? 
_refine.ls_redundancy_reflns_obs                 ? 
_refine.ls_restrained_S_all                      ? 
_refine.ls_restrained_S_obs                      ? 
_refine.ls_shift_over_esd_max                    ? 
_refine.ls_shift_over_esd_mean                   ? 
_refine.ls_structure_factor_coef                 ? 
_refine.ls_weighting_details                     ? 
_refine.ls_weighting_scheme                      ? 
_refine.ls_wR_factor_all                         ? 
_refine.ls_wR_factor_obs                         ? 
_refine.ls_wR_factor_R_free                      ? 
_refine.ls_wR_factor_R_work                      ? 
_refine.occupancy_max                            ? 
_refine.occupancy_min                            ? 
_refine.solvent_model_details                    'MASK BULK SOLVENT' 
_refine.solvent_model_param_bsol                 ? 
_refine.solvent_model_param_ksol                 ? 
_refine.correlation_coeff_I_to_Fcsqd_work        ? 
_refine.correlation_coeff_I_to_Fcsqd_free        ? 
_refine.pdbx_R_complete                          ? 
_refine.ls_R_factor_gt                           ? 
_refine.ls_goodness_of_fit_gt                    ? 
_refine.ls_goodness_of_fit_ref                   ? 
_refine.ls_shift_over_su_max                     ? 
_refine.ls_shift_over_su_max_lt                  ? 
_refine.ls_shift_over_su_mean                    ? 
_refine.ls_shift_over_su_mean_lt                 ? 
_refine.pdbx_ls_sigma_I                          ? 
_refine.pdbx_ls_sigma_F                          ? 
_refine.pdbx_ls_sigma_Fsqd                       ? 
_refine.pdbx_data_cutoff_high_absF               ? 
_refine.pdbx_data_cutoff_high_rms_absF           ? 
_refine.pdbx_data_cutoff_low_absF                ? 
_refine.pdbx_isotropic_thermal_model             ? 
_refine.pdbx_ls_cross_valid_method               THROUGHOUT 
_refine.pdbx_method_to_determine_struct          'MOLECULAR REPLACEMENT' 
_refine.pdbx_starting_model                      ? 
_refine.pdbx_stereochemistry_target_values       ? 
_refine.pdbx_R_Free_selection_details            ? 
_refine.pdbx_stereochem_target_val_spec_case     ? 
_refine.pdbx_overall_ESU_R                       0.091 
_refine.pdbx_overall_ESU_R_Free                  0.097 
_refine.pdbx_solvent_vdw_probe_radii             1.200 
_refine.pdbx_solvent_ion_probe_radii             0.800 
_refine.pdbx_solvent_shrinkage_radii             0.800 
_refine.pdbx_real_space_R                        ? 
_refine.pdbx_density_correlation                 ? 
_refine.pdbx_pd_number_of_powder_patterns        ? 
_refine.pdbx_pd_number_of_points                 ? 
_refine.pdbx_pd_meas_number_of_points            ? 
_refine.pdbx_pd_proc_ls_prof_R_factor            ? 
_refine.pdbx_pd_proc_ls_prof_wR_factor           ? 
_refine.pdbx_pd_Marquardt_correlation_coeff      ? 
_refine.pdbx_pd_Fsqrd_R_factor                   ? 
_refine.pdbx_pd_ls_matrix_band_width             ? 
_refine.pdbx_overall_phase_error                 ? 
_refine.pdbx_overall_SU_R_free_Cruickshank_DPI   ? 
_refine.pdbx_overall_SU_R_free_Blow_DPI          ? 
_refine.pdbx_overall_SU_R_Blow_DPI               ? 
_refine.pdbx_TLS_residual_ADP_flag               ? 
_refine.pdbx_diffrn_id                           1 
_refine.overall_SU_B                             3.633 
_refine.overall_SU_ML                            0.109 
_refine.overall_SU_R_Cruickshank_DPI             ? 
_refine.overall_SU_R_free                        ? 
_refine.overall_FOM_free_R_set                   ? 
_refine.overall_FOM_work_R_set                   ? 
_refine.pdbx_average_fsc_overall                 ? 
_refine.pdbx_average_fsc_work                    ? 
_refine.pdbx_average_fsc_free                    ? 
# 
_refine_hist.pdbx_refine_id                   'X-RAY DIFFRACTION' 
_refine_hist.cycle_id                         LAST 
_refine_hist.details                          ? 
_refine_hist.d_res_high                       1.557 
_refine_hist.d_res_low                        41.778 
_refine_hist.number_atoms_solvent             130 
_refine_hist.number_atoms_total               835 
_refine_hist.number_reflns_all                ? 
_refine_hist.number_reflns_obs                ? 
_refine_hist.number_reflns_R_free             ? 
_refine_hist.number_reflns_R_work             ? 
_refine_hist.R_factor_all                     ? 
_refine_hist.R_factor_obs                     ? 
_refine_hist.R_factor_R_free                  ? 
_refine_hist.R_factor_R_work                  ? 
_refine_hist.pdbx_number_residues_total       ? 
_refine_hist.pdbx_B_iso_mean_ligand           ? 
_refine_hist.pdbx_B_iso_mean_solvent          ? 
_refine_hist.pdbx_number_atoms_protein        0 
_refine_hist.pdbx_number_atoms_nucleic_acid   598 
_refine_hist.pdbx_number_atoms_ligand         107 
_refine_hist.pdbx_number_atoms_lipid          ? 
_refine_hist.pdbx_number_atoms_carb           ? 
_refine_hist.pdbx_pseudo_atom_details         ? 
# 
loop_
_refine_ls_restr.pdbx_refine_id 
_refine_ls_restr.criterion 
_refine_ls_restr.dev_ideal 
_refine_ls_restr.dev_ideal_target 
_refine_ls_restr.number 
_refine_ls_restr.rejects 
_refine_ls_restr.type 
_refine_ls_restr.weight 
_refine_ls_restr.pdbx_Zscore 
_refine_ls_restr.pdbx_restraint_function 
'X-RAY DIFFRACTION' ? 0.020 0.017  784  ? r_bond_refined_d               ? ? ? 
'X-RAY DIFFRACTION' ? 0.026 0.023  354  ? r_bond_other_d                 ? ? ? 
'X-RAY DIFFRACTION' ? 2.933 2.323  1202 ? r_angle_refined_deg            ? ? ? 
'X-RAY DIFFRACTION' ? 3.476 2.482  832  ? r_angle_other_deg              ? ? ? 
'X-RAY DIFFRACTION' ? 0.051 5.000  14   ? r_dihedral_angle_other_2_deg   ? ? ? 
'X-RAY DIFFRACTION' ? 0.176 0.200  152  ? r_chiral_restr                 ? ? ? 
'X-RAY DIFFRACTION' ? 1.552 0.200  24   ? r_chiral_restr_other           ? ? ? 
'X-RAY DIFFRACTION' ? 0.015 0.021  416  ? r_gen_planes_refined           ? ? ? 
'X-RAY DIFFRACTION' ? 0.001 0.023  136  ? r_gen_planes_other             ? ? ? 
'X-RAY DIFFRACTION' ? 0.090 0.200  59   ? r_nbd_refined                  ? ? ? 
'X-RAY DIFFRACTION' ? 0.201 0.200  431  ? r_symmetry_nbd_other           ? ? ? 
'X-RAY DIFFRACTION' ? 0.253 0.200  311  ? r_nbtor_refined                ? ? ? 
'X-RAY DIFFRACTION' ? 0.237 0.200  178  ? r_symmetry_nbtor_other         ? ? ? 
'X-RAY DIFFRACTION' ? 0.193 0.200  114  ? r_xyhbond_nbd_refined          ? ? ? 
'X-RAY DIFFRACTION' ? 0.114 0.200  8    ? r_metal_ion_refined            ? ? ? 
'X-RAY DIFFRACTION' ? 0.160 0.200  9    ? r_symmetry_nbd_refined         ? ? ? 
'X-RAY DIFFRACTION' ? 0.175 0.200  43   ? r_nbd_other                    ? ? ? 
'X-RAY DIFFRACTION' ? 0.162 0.200  21   ? r_symmetry_xyhbond_nbd_refined ? ? ? 
'X-RAY DIFFRACTION' ? 5.119 5.910  784  ? r_scbond_it                    ? ? ? 
'X-RAY DIFFRACTION' ? 5.116 5.909  785  ? r_scbond_other                 ? ? ? 
'X-RAY DIFFRACTION' ? 6.980 10.735 1202 ? r_scangle_it                   ? ? ? 
'X-RAY DIFFRACTION' ? 6.978 10.733 1203 ? r_scangle_other                ? ? ? 
'X-RAY DIFFRACTION' ? 8.029 72.963 1165 ? r_lrange_it                    ? ? ? 
'X-RAY DIFFRACTION' ? 7.577 72.236 1100 ? r_lrange_other                 ? ? ? 
# 
loop_
_refine_ls_shell.pdbx_refine_id 
_refine_ls_shell.d_res_high 
_refine_ls_shell.d_res_low 
_refine_ls_shell.number_reflns_all 
_refine_ls_shell.number_reflns_obs 
_refine_ls_shell.number_reflns_R_free 
_refine_ls_shell.number_reflns_R_work 
_refine_ls_shell.percent_reflns_obs 
_refine_ls_shell.percent_reflns_R_free 
_refine_ls_shell.R_factor_all 
_refine_ls_shell.R_factor_obs 
_refine_ls_shell.R_factor_R_free_error 
_refine_ls_shell.R_factor_R_work 
_refine_ls_shell.redundancy_reflns_all 
_refine_ls_shell.redundancy_reflns_obs 
_refine_ls_shell.wR_factor_all 
_refine_ls_shell.wR_factor_obs 
_refine_ls_shell.wR_factor_R_free 
_refine_ls_shell.wR_factor_R_work 
_refine_ls_shell.pdbx_R_complete 
_refine_ls_shell.correlation_coeff_Fo_to_Fc 
_refine_ls_shell.correlation_coeff_Fo_to_Fc_free 
_refine_ls_shell.correlation_coeff_I_to_Fcsqd_work 
_refine_ls_shell.correlation_coeff_I_to_Fcsqd_free 
_refine_ls_shell.pdbx_total_number_of_bins_used 
_refine_ls_shell.pdbx_phase_error 
_refine_ls_shell.pdbx_fsc_work 
_refine_ls_shell.pdbx_fsc_free 
_refine_ls_shell.R_factor_R_free 
'X-RAY DIFFRACTION' 1.557 1.598  1189 . 28 624  54.8360 . 0.475 . . 0.474 . . . . . 0.341 . . . . . 20 . 0.771 0.658 0.494 
'X-RAY DIFFRACTION' 1.598 1.641  1159 . 51 751  69.1976 . 0.456 . . 0.460 . . . . . 0.299 . . . . . 20 . 0.786 0.816 0.399 
'X-RAY DIFFRACTION' 1.641 1.689  1145 . 50 946  86.9869 . 0.492 . . 0.492 . . . . . 0.338 . . . . . 20 . 0.756 0.701 0.494 
'X-RAY DIFFRACTION' 1.689 1.741  1112 . 39 1017 94.9640 . 0.408 . . 0.406 . . . . . 0.275 . . . . . 20 . 0.831 0.779 0.457 
'X-RAY DIFFRACTION' 1.741 1.798  1060 . 55 996  99.1509 . 0.351 . . 0.344 . . . . . 0.280 . . . . . 20 . 0.899 0.858 0.478 
'X-RAY DIFFRACTION' 1.798 1.861  1047 . 57 978  98.8539 . 0.305 . . 0.299 . . . . . 0.245 . . . . . 20 . 0.930 0.902 0.419 
'X-RAY DIFFRACTION' 1.861 1.931  1022 . 53 962  99.3151 . 0.273 . . 0.268 . . . . . 0.237 . . . . . 20 . 0.949 0.892 0.381 
'X-RAY DIFFRACTION' 1.931 2.010  952  . 37 910  99.4748 . 0.272 . . 0.268 . . . . . 0.233 . . . . . 20 . 0.949 0.927 0.379 
'X-RAY DIFFRACTION' 2.010 2.099  936  . 33 892  98.8248 . 0.236 . . 0.234 . . . . . 0.198 . . . . . 20 . 0.964 0.955 0.276 
'X-RAY DIFFRACTION' 2.099 2.201  892  . 46 827  97.8700 . 0.219 . . 0.215 . . . . . 0.188 . . . . . 20 . 0.970 0.953 0.279 
'X-RAY DIFFRACTION' 2.201 2.320  853  . 62 784  99.1794 . 0.215 . . 0.205 . . . . . 0.191 . . . . . 20 . 0.972 0.958 0.375 
'X-RAY DIFFRACTION' 2.320 2.460  806  . 46 742  97.7668 . 0.202 . . 0.196 . . . . . 0.184 . . . . . 20 . 0.975 0.952 0.295 
'X-RAY DIFFRACTION' 2.460 2.629  755  . 41 694  97.3510 . 0.223 . . 0.221 . . . . . 0.215 . . . . . 20 . 0.968 0.964 0.256 
'X-RAY DIFFRACTION' 2.629 2.839  724  . 47 665  98.3425 . 0.228 . . 0.226 . . . . . 0.231 . . . . . 20 . 0.967 0.956 0.262 
'X-RAY DIFFRACTION' 2.839 3.108  660  . 21 623  97.5758 . 0.219 . . 0.218 . . . . . 0.233 . . . . . 20 . 0.973 0.946 0.248 
'X-RAY DIFFRACTION' 3.108 3.473  605  . 21 569  97.5207 . 0.201 . . 0.200 . . . . . 0.237 . . . . . 20 . 0.980 0.973 0.227 
'X-RAY DIFFRACTION' 3.473 4.005  546  . 25 513  98.5348 . 0.178 . . 0.175 . . . . . 0.221 . . . . . 20 . 0.986 0.981 0.229 
'X-RAY DIFFRACTION' 4.005 4.894  465  . 24 431  97.8495 . 0.151 . . 0.148 . . . . . 0.205 . . . . . 20 . 0.986 0.958 0.230 
'X-RAY DIFFRACTION' 4.894 6.875  375  . 27 346  99.4667 . 0.176 . . 0.176 . . . . . 0.256 . . . . . 20 . 0.983 0.984 0.178 
'X-RAY DIFFRACTION' 6.875 41.778 234  . 5  227  99.1453 . 0.279 . . 0.274 . . . . . 0.331 . . . . . 20 . 0.944 0.925 0.457 
# 
_struct.entry_id                     9OL3 
_struct.title                        'DNA-imidazolium-bridged dinucleotide intermediate complex' 
_struct.pdbx_model_details           ? 
_struct.pdbx_formula_weight          ? 
_struct.pdbx_formula_weight_method   ? 
_struct.pdbx_model_type_details      ? 
_struct.pdbx_CASP_flag               N 
# 
_struct_keywords.entry_id        9OL3 
_struct_keywords.text            'Imidazolium-bridged dinucleotide, RNA duplex, deoxyribo-purine, Origin of Life, RNA' 
_struct_keywords.pdbx_keywords   RNA 
# 
loop_
_struct_asym.id 
_struct_asym.pdbx_blank_PDB_chainid_flag 
_struct_asym.pdbx_modified 
_struct_asym.entity_id 
_struct_asym.details 
A N N 1 ? 
B N N 1 ? 
C N N 2 ? 
D N N 3 ? 
E N N 3 ? 
F N N 3 ? 
G N N 3 ? 
H N N 2 ? 
I N N 3 ? 
J N N 3 ? 
K N N 3 ? 
L N N 4 ? 
M N N 4 ? 
# 
_struct_ref.id                         1 
_struct_ref.db_name                    PDB 
_struct_ref.db_code                    9OL3 
_struct_ref.pdbx_db_accession          9OL3 
_struct_ref.pdbx_db_isoform            ? 
_struct_ref.entity_id                  1 
_struct_ref.pdbx_seq_one_letter_code   ? 
_struct_ref.pdbx_align_begin           1 
# 
loop_
_struct_ref_seq.align_id 
_struct_ref_seq.ref_id 
_struct_ref_seq.pdbx_PDB_id_code 
_struct_ref_seq.pdbx_strand_id 
_struct_ref_seq.seq_align_beg 
_struct_ref_seq.pdbx_seq_align_beg_ins_code 
_struct_ref_seq.seq_align_end 
_struct_ref_seq.pdbx_seq_align_end_ins_code 
_struct_ref_seq.pdbx_db_accession 
_struct_ref_seq.db_align_beg 
_struct_ref_seq.pdbx_db_align_beg_ins_code 
_struct_ref_seq.db_align_end 
_struct_ref_seq.pdbx_db_align_end_ins_code 
_struct_ref_seq.pdbx_auth_seq_align_beg 
_struct_ref_seq.pdbx_auth_seq_align_end 
1 1 9OL3 A 1 ? 14 ? 9OL3 1 ? 14 ? 1 14 
2 1 9OL3 B 1 ? 14 ? 9OL3 1 ? 14 ? 1 14 
# 
_pdbx_struct_assembly.id                   1 
_pdbx_struct_assembly.details              author_and_software_defined_assembly 
_pdbx_struct_assembly.method_details       PISA 
_pdbx_struct_assembly.oligomeric_details   dimeric 
_pdbx_struct_assembly.oligomeric_count     2 
# 
loop_
_pdbx_struct_assembly_prop.biol_id 
_pdbx_struct_assembly_prop.type 
_pdbx_struct_assembly_prop.value 
_pdbx_struct_assembly_prop.details 
1 'ABSA (A^2)' 3780 ? 
1 MORE         -29  ? 
1 'SSA (A^2)'  5880 ? 
# 
_pdbx_struct_assembly_gen.assembly_id       1 
_pdbx_struct_assembly_gen.oper_expression   1 
_pdbx_struct_assembly_gen.asym_id_list      A,B,C,D,E,F,G,H,I,J,K,L,M 
# 
_pdbx_struct_assembly_auth_evidence.id                     1 
_pdbx_struct_assembly_auth_evidence.assembly_id            1 
_pdbx_struct_assembly_auth_evidence.experimental_support   none 
_pdbx_struct_assembly_auth_evidence.details                ? 
# 
_pdbx_struct_oper_list.id                   1 
_pdbx_struct_oper_list.type                 'identity operation' 
_pdbx_struct_oper_list.name                 1_555 
_pdbx_struct_oper_list.symmetry_operation   x,y,z 
_pdbx_struct_oper_list.matrix[1][1]         1.0000000000 
_pdbx_struct_oper_list.matrix[1][2]         0.0000000000 
_pdbx_struct_oper_list.matrix[1][3]         0.0000000000 
_pdbx_struct_oper_list.vector[1]            0.0000000000 
_pdbx_struct_oper_list.matrix[2][1]         0.0000000000 
_pdbx_struct_oper_list.matrix[2][2]         1.0000000000 
_pdbx_struct_oper_list.matrix[2][3]         0.0000000000 
_pdbx_struct_oper_list.vector[2]            0.0000000000 
_pdbx_struct_oper_list.matrix[3][1]         0.0000000000 
_pdbx_struct_oper_list.matrix[3][2]         0.0000000000 
_pdbx_struct_oper_list.matrix[3][3]         1.0000000000 
_pdbx_struct_oper_list.vector[3]            0.0000000000 
# 
loop_
_struct_conn.id 
_struct_conn.conn_type_id 
_struct_conn.pdbx_leaving_atom_flag 
_struct_conn.pdbx_PDB_id 
_struct_conn.ptnr1_label_asym_id 
_struct_conn.ptnr1_label_comp_id 
_struct_conn.ptnr1_label_seq_id 
_struct_conn.ptnr1_label_atom_id 
_struct_conn.pdbx_ptnr1_label_alt_id 
_struct_conn.pdbx_ptnr1_PDB_ins_code 
_struct_conn.pdbx_ptnr1_standard_comp_id 
_struct_conn.ptnr1_symmetry 
_struct_conn.ptnr2_label_asym_id 
_struct_conn.ptnr2_label_comp_id 
_struct_conn.ptnr2_label_seq_id 
_struct_conn.ptnr2_label_atom_id 
_struct_conn.pdbx_ptnr2_label_alt_id 
_struct_conn.pdbx_ptnr2_PDB_ins_code 
_struct_conn.ptnr1_auth_asym_id 
_struct_conn.ptnr1_auth_comp_id 
_struct_conn.ptnr1_auth_seq_id 
_struct_conn.ptnr2_auth_asym_id 
_struct_conn.ptnr2_auth_comp_id 
_struct_conn.ptnr2_auth_seq_id 
_struct_conn.ptnr2_symmetry 
_struct_conn.pdbx_ptnr3_label_atom_id 
_struct_conn.pdbx_ptnr3_label_seq_id 
_struct_conn.pdbx_ptnr3_label_comp_id 
_struct_conn.pdbx_ptnr3_label_asym_id 
_struct_conn.pdbx_ptnr3_label_alt_id 
_struct_conn.pdbx_ptnr3_PDB_ins_code 
_struct_conn.details 
_struct_conn.pdbx_dist_value 
_struct_conn.pdbx_value_order 
_struct_conn.pdbx_role 
covale1  covale both ? A LKC 1  "O3'" ? ? ? 1_555 A LCC 2  P  ? ? A LKC 1   A LCC 2   1_555 ? ? ? ? ? ? ?            1.647 ? ? 
covale2  covale both ? A LCC 2  "O3'" ? ? ? 1_555 A LCC 3  P  ? ? A LCC 2   A LCC 3   1_555 ? ? ? ? ? ? ?            1.639 ? ? 
covale3  covale both ? A LCC 3  "O3'" ? ? ? 1_555 A LCG 4  P  ? ? A LCC 3   A LCG 4   1_555 ? ? ? ? ? ? ?            1.617 ? ? 
covale4  covale both ? A LCG 4  "O3'" ? ? ? 1_555 A A   5  P  ? ? A LCG 4   A A   5   1_555 ? ? ? ? ? ? ?            1.600 ? ? 
covale5  covale both ? B LKC 1  "O3'" ? ? ? 1_555 B LCC 2  P  ? ? B LKC 1   B LCC 2   1_555 ? ? ? ? ? ? ?            1.649 ? ? 
covale6  covale both ? B LCC 2  "O3'" ? ? ? 1_555 B LCC 3  P  ? ? B LCC 2   B LCC 3   1_555 ? ? ? ? ? ? ?            1.647 ? ? 
covale7  covale both ? B LCC 3  "O3'" ? ? ? 1_555 B LCG 4  P  ? ? B LCC 3   B LCG 4   1_555 ? ? ? ? ? ? ?            1.616 ? ? 
covale8  covale both ? B LCG 4  "O3'" ? ? ? 1_555 B A   5  P  ? ? B LCG 4   B A   5   1_555 ? ? ? ? ? ? ?            1.580 ? ? 
metalc1  metalc ?    ? D MG  .  MG    ? ? ? 1_555 L HOH .  O  ? ? A MG  102 A HOH 211 1_555 ? ? ? ? ? ? ?            2.108 ? ? 
metalc2  metalc ?    ? D MG  .  MG    ? ? ? 1_555 L HOH .  O  ? ? A MG  102 A HOH 224 1_555 ? ? ? ? ? ? ?            2.107 ? ? 
metalc3  metalc ?    ? D MG  .  MG    ? ? ? 1_555 L HOH .  O  ? ? A MG  102 A HOH 264 1_555 ? ? ? ? ? ? ?            2.213 ? ? 
metalc4  metalc ?    ? D MG  .  MG    ? ? ? 1_555 M HOH .  O  ? ? A MG  102 B HOH 204 1_555 ? ? ? ? ? ? ?            2.114 ? ? 
metalc5  metalc ?    ? D MG  .  MG    ? ? ? 1_555 M HOH .  O  ? ? A MG  102 B HOH 226 1_555 ? ? ? ? ? ? ?            2.038 ? ? 
metalc6  metalc ?    ? D MG  .  MG    ? ? ? 1_555 M HOH .  O  ? ? A MG  102 B HOH 260 1_555 ? ? ? ? ? ? ?            2.098 ? ? 
metalc7  metalc ?    ? E MG  .  MG    ? ? ? 1_555 L HOH .  O  ? ? A MG  103 A HOH 220 1_555 ? ? ? ? ? ? ?            2.069 ? ? 
metalc8  metalc ?    ? E MG  .  MG    ? ? ? 1_555 L HOH .  O  ? ? A MG  103 A HOH 229 1_555 ? ? ? ? ? ? ?            2.124 ? ? 
metalc9  metalc ?    ? E MG  .  MG    ? ? ? 1_555 L HOH .  O  ? ? A MG  103 A HOH 235 1_555 ? ? ? ? ? ? ?            2.158 ? ? 
metalc10 metalc ?    ? E MG  .  MG    ? ? ? 1_555 M HOH .  O  ? ? A MG  103 B HOH 236 1_555 ? ? ? ? ? ? ?            2.058 ? ? 
metalc11 metalc ?    ? E MG  .  MG    ? ? ? 1_555 M HOH .  O  ? ? A MG  103 B HOH 240 1_555 ? ? ? ? ? ? ?            2.123 ? ? 
metalc12 metalc ?    ? E MG  .  MG    ? ? ? 1_555 M HOH .  O  ? ? A MG  103 B HOH 253 1_555 ? ? ? ? ? ? ?            2.014 ? ? 
metalc13 metalc ?    ? F MG  .  MG    ? ? ? 1_555 L HOH .  O  ? ? A MG  104 A HOH 202 1_555 ? ? ? ? ? ? ?            2.097 ? ? 
metalc14 metalc ?    ? F MG  .  MG    ? ? ? 1_555 L HOH .  O  ? ? A MG  104 A HOH 207 1_555 ? ? ? ? ? ? ?            1.814 ? ? 
metalc15 metalc ?    ? F MG  .  MG    ? ? ? 1_555 L HOH .  O  ? ? A MG  104 A HOH 214 1_555 ? ? ? ? ? ? ?            2.267 ? ? 
metalc16 metalc ?    ? F MG  .  MG    ? ? ? 1_555 L HOH .  O  ? ? A MG  104 A HOH 258 1_555 ? ? ? ? ? ? ?            1.987 ? ? 
metalc17 metalc ?    ? F MG  .  MG    ? ? ? 1_555 L HOH .  O  ? ? A MG  104 A HOH 266 1_555 ? ? ? ? ? ? ?            2.041 ? ? 
metalc18 metalc ?    ? F MG  .  MG    ? ? ? 1_555 L HOH .  O  ? ? A MG  104 A HOH 267 1_555 ? ? ? ? ? ? ?            2.267 ? ? 
metalc19 metalc ?    ? G MG  .  MG    ? ? ? 1_555 L HOH .  O  ? ? A MG  105 A HOH 208 1_555 ? ? ? ? ? ? ?            2.573 ? ? 
metalc20 metalc ?    ? G MG  .  MG    ? ? ? 1_555 L HOH .  O  ? ? A MG  105 A HOH 225 1_555 ? ? ? ? ? ? ?            2.456 ? ? 
metalc21 metalc ?    ? G MG  .  MG    ? ? ? 1_555 L HOH .  O  ? ? A MG  105 A HOH 262 1_555 ? ? ? ? ? ? ?            2.011 ? ? 
metalc22 metalc ?    ? G MG  .  MG    ? ? ? 1_555 M HOH .  O  ? ? A MG  105 B HOH 201 1_555 ? ? ? ? ? ? ?            1.936 ? ? 
metalc23 metalc ?    ? L HOH .  O     ? ? ? 1_555 K MG  .  MG ? ? A HOH 201 B MG  104 1_555 ? ? ? ? ? ? ?            1.805 ? ? 
metalc24 metalc ?    ? L HOH .  O     ? ? ? 1_555 I MG  .  MG ? ? A HOH 236 B MG  102 1_555 ? ? ? ? ? ? ?            2.111 ? ? 
metalc25 metalc ?    ? L HOH .  O     ? ? ? 1_555 I MG  .  MG ? ? A HOH 240 B MG  102 1_555 ? ? ? ? ? ? ?            2.052 ? ? 
metalc26 metalc ?    ? L HOH .  O     ? ? ? 1_555 I MG  .  MG ? ? A HOH 256 B MG  102 1_555 ? ? ? ? ? ? ?            2.040 ? ? 
metalc27 metalc ?    ? I MG  .  MG    ? ? ? 1_555 M HOH .  O  ? ? B MG  102 B HOH 219 1_555 ? ? ? ? ? ? ?            1.986 ? ? 
metalc28 metalc ?    ? I MG  .  MG    ? ? ? 1_555 M HOH .  O  ? ? B MG  102 B HOH 232 3_565 ? ? ? ? ? ? ?            2.116 ? ? 
metalc29 metalc ?    ? I MG  .  MG    ? ? ? 1_555 M HOH .  O  ? ? B MG  102 B HOH 239 1_555 ? ? ? ? ? ? ?            2.200 ? ? 
metalc30 metalc ?    ? J MG  .  MG    ? ? ? 1_555 M HOH .  O  ? ? B MG  103 B HOH 202 1_555 ? ? ? ? ? ? ?            2.229 ? ? 
metalc31 metalc ?    ? J MG  .  MG    ? ? ? 1_555 M HOH .  O  ? ? B MG  103 B HOH 203 1_555 ? ? ? ? ? ? ?            1.877 ? ? 
metalc32 metalc ?    ? J MG  .  MG    ? ? ? 1_555 M HOH .  O  ? ? B MG  103 B HOH 218 1_555 ? ? ? ? ? ? ?            2.254 ? ? 
metalc33 metalc ?    ? J MG  .  MG    ? ? ? 1_555 M HOH .  O  ? ? B MG  103 B HOH 254 1_555 ? ? ? ? ? ? ?            1.902 ? ? 
metalc34 metalc ?    ? J MG  .  MG    ? ? ? 1_555 M HOH .  O  ? ? B MG  103 B HOH 259 1_555 ? ? ? ? ? ? ?            1.867 ? ? 
metalc35 metalc ?    ? J MG  .  MG    ? ? ? 1_555 M HOH .  O  ? ? B MG  103 B HOH 263 1_555 ? ? ? ? ? ? ?            2.139 ? ? 
metalc36 metalc ?    ? K MG  .  MG    ? ? ? 1_555 M HOH .  O  ? ? B MG  104 B HOH 214 1_555 ? ? ? ? ? ? ?            2.517 ? ? 
metalc37 metalc ?    ? K MG  .  MG    ? ? ? 1_555 M HOH .  O  ? ? B MG  104 B HOH 233 1_555 ? ? ? ? ? ? ?            2.352 ? ? 
metalc38 metalc ?    ? K MG  .  MG    ? ? ? 1_555 M HOH .  O  ? ? B MG  104 B HOH 262 1_555 ? ? ? ? ? ? ?            2.060 ? ? 
hydrog1  hydrog ?    ? A LCG 4  N1    ? ? ? 1_555 B C   13 N3 ? ? A LCG 4   B C   13  1_555 ? ? ? ? ? ? WATSON-CRICK ?     ? ? 
hydrog2  hydrog ?    ? A LCG 4  N2    ? ? ? 1_555 B C   13 O2 ? ? A LCG 4   B C   13  1_555 ? ? ? ? ? ? WATSON-CRICK ?     ? ? 
hydrog3  hydrog ?    ? A LCG 4  O6    ? ? ? 1_555 B C   13 N4 ? ? A LCG 4   B C   13  1_555 ? ? ? ? ? ? WATSON-CRICK ?     ? ? 
hydrog4  hydrog ?    ? A A   5  N1    ? ? ? 1_555 B U   12 N3 ? ? A A   5   B U   12  1_555 ? ? ? ? ? ? WATSON-CRICK ?     ? ? 
hydrog5  hydrog ?    ? A A   5  N6    ? ? ? 1_555 B U   12 O4 ? ? A A   5   B U   12  1_555 ? ? ? ? ? ? WATSON-CRICK ?     ? ? 
hydrog6  hydrog ?    ? A C   6  N3    ? ? ? 1_555 B G   11 N1 ? ? A C   6   B G   11  1_555 ? ? ? ? ? ? WATSON-CRICK ?     ? ? 
hydrog7  hydrog ?    ? A C   6  N4    ? ? ? 1_555 B G   11 O6 ? ? A C   6   B G   11  1_555 ? ? ? ? ? ? WATSON-CRICK ?     ? ? 
hydrog8  hydrog ?    ? A C   6  O2    ? ? ? 1_555 B G   11 N2 ? ? A C   6   B G   11  1_555 ? ? ? ? ? ? WATSON-CRICK ?     ? ? 
hydrog9  hydrog ?    ? A U   7  N3    ? ? ? 1_555 B A   10 N1 ? ? A U   7   B A   10  1_555 ? ? ? ? ? ? WATSON-CRICK ?     ? ? 
hydrog10 hydrog ?    ? A U   7  O4    ? ? ? 1_555 B A   10 N6 ? ? A U   7   B A   10  1_555 ? ? ? ? ? ? WATSON-CRICK ?     ? ? 
hydrog11 hydrog ?    ? A U   8  N3    ? ? ? 1_555 B A   9  N1 ? ? A U   8   B A   9   1_555 ? ? ? ? ? ? WATSON-CRICK ?     ? ? 
hydrog12 hydrog ?    ? A U   8  O4    ? ? ? 1_555 B A   9  N6 ? ? A U   8   B A   9   1_555 ? ? ? ? ? ? WATSON-CRICK ?     ? ? 
hydrog13 hydrog ?    ? A A   9  N1    ? ? ? 1_555 B U   8  N3 ? ? A A   9   B U   8   1_555 ? ? ? ? ? ? WATSON-CRICK ?     ? ? 
hydrog14 hydrog ?    ? A A   9  N6    ? ? ? 1_555 B U   8  O4 ? ? A A   9   B U   8   1_555 ? ? ? ? ? ? WATSON-CRICK ?     ? ? 
hydrog15 hydrog ?    ? A A   10 N1    ? ? ? 1_555 B U   7  N3 ? ? A A   10  B U   7   1_555 ? ? ? ? ? ? WATSON-CRICK ?     ? ? 
hydrog16 hydrog ?    ? A A   10 N6    ? ? ? 1_555 B U   7  O4 ? ? A A   10  B U   7   1_555 ? ? ? ? ? ? WATSON-CRICK ?     ? ? 
hydrog17 hydrog ?    ? A G   11 N1    ? ? ? 1_555 B C   6  N3 ? ? A G   11  B C   6   1_555 ? ? ? ? ? ? WATSON-CRICK ?     ? ? 
hydrog18 hydrog ?    ? A G   11 N2    ? ? ? 1_555 B C   6  O2 ? ? A G   11  B C   6   1_555 ? ? ? ? ? ? WATSON-CRICK ?     ? ? 
hydrog19 hydrog ?    ? A G   11 O6    ? ? ? 1_555 B C   6  N4 ? ? A G   11  B C   6   1_555 ? ? ? ? ? ? WATSON-CRICK ?     ? ? 
hydrog20 hydrog ?    ? A U   12 N3    ? ? ? 1_555 B A   5  N1 ? ? A U   12  B A   5   1_555 ? ? ? ? ? ? WATSON-CRICK ?     ? ? 
hydrog21 hydrog ?    ? A U   12 O4    ? ? ? 1_555 B A   5  N6 ? ? A U   12  B A   5   1_555 ? ? ? ? ? ? WATSON-CRICK ?     ? ? 
hydrog22 hydrog ?    ? A C   13 N3    ? ? ? 1_555 B LCG 4  N1 ? ? A C   13  B LCG 4   1_555 ? ? ? ? ? ? WATSON-CRICK ?     ? ? 
hydrog23 hydrog ?    ? A C   13 N4    ? ? ? 1_555 B LCG 4  O6 ? ? A C   13  B LCG 4   1_555 ? ? ? ? ? ? WATSON-CRICK ?     ? ? 
hydrog24 hydrog ?    ? A C   13 O2    ? ? ? 1_555 B LCG 4  N2 ? ? A C   13  B LCG 4   1_555 ? ? ? ? ? ? WATSON-CRICK ?     ? ? 
# 
loop_
_struct_conn_type.id 
_struct_conn_type.criteria 
_struct_conn_type.reference 
covale ? ? 
metalc ? ? 
hydrog ? ? 
# 
loop_
_pdbx_struct_conn_angle.id 
_pdbx_struct_conn_angle.ptnr1_label_atom_id 
_pdbx_struct_conn_angle.ptnr1_label_alt_id 
_pdbx_struct_conn_angle.ptnr1_label_asym_id 
_pdbx_struct_conn_angle.ptnr1_label_comp_id 
_pdbx_struct_conn_angle.ptnr1_label_seq_id 
_pdbx_struct_conn_angle.ptnr1_auth_atom_id 
_pdbx_struct_conn_angle.ptnr1_auth_asym_id 
_pdbx_struct_conn_angle.ptnr1_auth_comp_id 
_pdbx_struct_conn_angle.ptnr1_auth_seq_id 
_pdbx_struct_conn_angle.ptnr1_PDB_ins_code 
_pdbx_struct_conn_angle.ptnr1_symmetry 
_pdbx_struct_conn_angle.ptnr2_label_atom_id 
_pdbx_struct_conn_angle.ptnr2_label_alt_id 
_pdbx_struct_conn_angle.ptnr2_label_asym_id 
_pdbx_struct_conn_angle.ptnr2_label_comp_id 
_pdbx_struct_conn_angle.ptnr2_label_seq_id 
_pdbx_struct_conn_angle.ptnr2_auth_atom_id 
_pdbx_struct_conn_angle.ptnr2_auth_asym_id 
_pdbx_struct_conn_angle.ptnr2_auth_comp_id 
_pdbx_struct_conn_angle.ptnr2_auth_seq_id 
_pdbx_struct_conn_angle.ptnr2_PDB_ins_code 
_pdbx_struct_conn_angle.ptnr2_symmetry 
_pdbx_struct_conn_angle.ptnr3_label_atom_id 
_pdbx_struct_conn_angle.ptnr3_label_alt_id 
_pdbx_struct_conn_angle.ptnr3_label_asym_id 
_pdbx_struct_conn_angle.ptnr3_label_comp_id 
_pdbx_struct_conn_angle.ptnr3_label_seq_id 
_pdbx_struct_conn_angle.ptnr3_auth_atom_id 
_pdbx_struct_conn_angle.ptnr3_auth_asym_id 
_pdbx_struct_conn_angle.ptnr3_auth_comp_id 
_pdbx_struct_conn_angle.ptnr3_auth_seq_id 
_pdbx_struct_conn_angle.ptnr3_PDB_ins_code 
_pdbx_struct_conn_angle.ptnr3_symmetry 
_pdbx_struct_conn_angle.value 
_pdbx_struct_conn_angle.value_esd 
1  O ? L HOH . ? A HOH 211 ? 1_555 MG ? D MG . ? A MG 102 ? 1_555 O ? L HOH . ? A HOH 224 ? 1_555 88.8  ? 
2  O ? L HOH . ? A HOH 211 ? 1_555 MG ? D MG . ? A MG 102 ? 1_555 O ? L HOH . ? A HOH 264 ? 1_555 80.1  ? 
3  O ? L HOH . ? A HOH 224 ? 1_555 MG ? D MG . ? A MG 102 ? 1_555 O ? L HOH . ? A HOH 264 ? 1_555 79.9  ? 
4  O ? L HOH . ? A HOH 211 ? 1_555 MG ? D MG . ? A MG 102 ? 1_555 O ? M HOH . ? B HOH 204 ? 1_555 103.9 ? 
5  O ? L HOH . ? A HOH 224 ? 1_555 MG ? D MG . ? A MG 102 ? 1_555 O ? M HOH . ? B HOH 204 ? 1_555 99.9  ? 
6  O ? L HOH . ? A HOH 264 ? 1_555 MG ? D MG . ? A MG 102 ? 1_555 O ? M HOH . ? B HOH 204 ? 1_555 176.0 ? 
7  O ? L HOH . ? A HOH 211 ? 1_555 MG ? D MG . ? A MG 102 ? 1_555 O ? M HOH . ? B HOH 226 ? 1_555 98.2  ? 
8  O ? L HOH . ? A HOH 224 ? 1_555 MG ? D MG . ? A MG 102 ? 1_555 O ? M HOH . ? B HOH 226 ? 1_555 168.3 ? 
9  O ? L HOH . ? A HOH 264 ? 1_555 MG ? D MG . ? A MG 102 ? 1_555 O ? M HOH . ? B HOH 226 ? 1_555 92.0  ? 
10 O ? M HOH . ? B HOH 204 ? 1_555 MG ? D MG . ? A MG 102 ? 1_555 O ? M HOH . ? B HOH 226 ? 1_555 87.5  ? 
11 O ? L HOH . ? A HOH 211 ? 1_555 MG ? D MG . ? A MG 102 ? 1_555 O ? M HOH . ? B HOH 260 ? 1_555 175.1 ? 
12 O ? L HOH . ? A HOH 224 ? 1_555 MG ? D MG . ? A MG 102 ? 1_555 O ? M HOH . ? B HOH 260 ? 1_555 90.6  ? 
13 O ? L HOH . ? A HOH 264 ? 1_555 MG ? D MG . ? A MG 102 ? 1_555 O ? M HOH . ? B HOH 260 ? 1_555 95.1  ? 
14 O ? M HOH . ? B HOH 204 ? 1_555 MG ? D MG . ? A MG 102 ? 1_555 O ? M HOH . ? B HOH 260 ? 1_555 80.9  ? 
15 O ? M HOH . ? B HOH 226 ? 1_555 MG ? D MG . ? A MG 102 ? 1_555 O ? M HOH . ? B HOH 260 ? 1_555 81.6  ? 
16 O ? L HOH . ? A HOH 220 ? 1_555 MG ? E MG . ? A MG 103 ? 1_555 O ? L HOH . ? A HOH 229 ? 1_555 90.6  ? 
17 O ? L HOH . ? A HOH 220 ? 1_555 MG ? E MG . ? A MG 103 ? 1_555 O ? L HOH . ? A HOH 235 ? 1_555 94.2  ? 
18 O ? L HOH . ? A HOH 229 ? 1_555 MG ? E MG . ? A MG 103 ? 1_555 O ? L HOH . ? A HOH 235 ? 1_555 88.4  ? 
19 O ? L HOH . ? A HOH 220 ? 1_555 MG ? E MG . ? A MG 103 ? 1_555 O ? M HOH . ? B HOH 236 ? 1_555 93.2  ? 
20 O ? L HOH . ? A HOH 229 ? 1_555 MG ? E MG . ? A MG 103 ? 1_555 O ? M HOH . ? B HOH 236 ? 1_555 87.2  ? 
21 O ? L HOH . ? A HOH 235 ? 1_555 MG ? E MG . ? A MG 103 ? 1_555 O ? M HOH . ? B HOH 236 ? 1_555 171.4 ? 
22 O ? L HOH . ? A HOH 220 ? 1_555 MG ? E MG . ? A MG 103 ? 1_555 O ? M HOH . ? B HOH 240 ? 1_555 88.5  ? 
23 O ? L HOH . ? A HOH 229 ? 1_555 MG ? E MG . ? A MG 103 ? 1_555 O ? M HOH . ? B HOH 240 ? 1_555 171.8 ? 
24 O ? L HOH . ? A HOH 235 ? 1_555 MG ? E MG . ? A MG 103 ? 1_555 O ? M HOH . ? B HOH 240 ? 1_555 83.5  ? 
25 O ? M HOH . ? B HOH 236 ? 1_555 MG ? E MG . ? A MG 103 ? 1_555 O ? M HOH . ? B HOH 240 ? 1_555 101.0 ? 
26 O ? L HOH . ? A HOH 220 ? 1_555 MG ? E MG . ? A MG 103 ? 1_555 O ? M HOH . ? B HOH 253 ? 1_555 174.5 ? 
27 O ? L HOH . ? A HOH 229 ? 1_555 MG ? E MG . ? A MG 103 ? 1_555 O ? M HOH . ? B HOH 253 ? 1_555 93.5  ? 
28 O ? L HOH . ? A HOH 235 ? 1_555 MG ? E MG . ? A MG 103 ? 1_555 O ? M HOH . ? B HOH 253 ? 1_555 82.3  ? 
29 O ? M HOH . ? B HOH 236 ? 1_555 MG ? E MG . ? A MG 103 ? 1_555 O ? M HOH . ? B HOH 253 ? 1_555 90.6  ? 
30 O ? M HOH . ? B HOH 240 ? 1_555 MG ? E MG . ? A MG 103 ? 1_555 O ? M HOH . ? B HOH 253 ? 1_555 86.9  ? 
31 O ? L HOH . ? A HOH 202 ? 1_555 MG ? F MG . ? A MG 104 ? 1_555 O ? L HOH . ? A HOH 207 ? 1_555 88.1  ? 
32 O ? L HOH . ? A HOH 202 ? 1_555 MG ? F MG . ? A MG 104 ? 1_555 O ? L HOH . ? A HOH 214 ? 1_555 103.4 ? 
33 O ? L HOH . ? A HOH 207 ? 1_555 MG ? F MG . ? A MG 104 ? 1_555 O ? L HOH . ? A HOH 214 ? 1_555 109.6 ? 
34 O ? L HOH . ? A HOH 202 ? 1_555 MG ? F MG . ? A MG 104 ? 1_555 O ? L HOH . ? A HOH 258 ? 1_555 164.7 ? 
35 O ? L HOH . ? A HOH 207 ? 1_555 MG ? F MG . ? A MG 104 ? 1_555 O ? L HOH . ? A HOH 258 ? 1_555 106.8 ? 
36 O ? L HOH . ? A HOH 214 ? 1_555 MG ? F MG . ? A MG 104 ? 1_555 O ? L HOH . ? A HOH 258 ? 1_555 75.3  ? 
37 O ? L HOH . ? A HOH 202 ? 1_555 MG ? F MG . ? A MG 104 ? 1_555 O ? L HOH . ? A HOH 266 ? 1_555 82.2  ? 
38 O ? L HOH . ? A HOH 207 ? 1_555 MG ? F MG . ? A MG 104 ? 1_555 O ? L HOH . ? A HOH 266 ? 1_555 167.2 ? 
39 O ? L HOH . ? A HOH 214 ? 1_555 MG ? F MG . ? A MG 104 ? 1_555 O ? L HOH . ? A HOH 266 ? 1_555 81.0  ? 
40 O ? L HOH . ? A HOH 258 ? 1_555 MG ? F MG . ? A MG 104 ? 1_555 O ? L HOH . ? A HOH 266 ? 1_555 82.6  ? 
41 O ? L HOH . ? A HOH 202 ? 1_555 MG ? F MG . ? A MG 104 ? 1_555 O ? L HOH . ? A HOH 267 ? 1_555 86.0  ? 
42 O ? L HOH . ? A HOH 207 ? 1_555 MG ? F MG . ? A MG 104 ? 1_555 O ? L HOH . ? A HOH 267 ? 1_555 96.6  ? 
43 O ? L HOH . ? A HOH 214 ? 1_555 MG ? F MG . ? A MG 104 ? 1_555 O ? L HOH . ? A HOH 267 ? 1_555 152.3 ? 
44 O ? L HOH . ? A HOH 258 ? 1_555 MG ? F MG . ? A MG 104 ? 1_555 O ? L HOH . ? A HOH 267 ? 1_555 88.8  ? 
45 O ? L HOH . ? A HOH 266 ? 1_555 MG ? F MG . ? A MG 104 ? 1_555 O ? L HOH . ? A HOH 267 ? 1_555 74.5  ? 
46 O ? L HOH . ? A HOH 208 ? 1_555 MG ? G MG . ? A MG 105 ? 1_555 O ? L HOH . ? A HOH 225 ? 1_555 64.8  ? 
47 O ? L HOH . ? A HOH 208 ? 1_555 MG ? G MG . ? A MG 105 ? 1_555 O ? L HOH . ? A HOH 262 ? 1_555 60.5  ? 
48 O ? L HOH . ? A HOH 225 ? 1_555 MG ? G MG . ? A MG 105 ? 1_555 O ? L HOH . ? A HOH 262 ? 1_555 67.7  ? 
49 O ? L HOH . ? A HOH 208 ? 1_555 MG ? G MG . ? A MG 105 ? 1_555 O ? M HOH . ? B HOH 201 ? 1_555 73.1  ? 
50 O ? L HOH . ? A HOH 225 ? 1_555 MG ? G MG . ? A MG 105 ? 1_555 O ? M HOH . ? B HOH 201 ? 1_555 80.9  ? 
51 O ? L HOH . ? A HOH 262 ? 1_555 MG ? G MG . ? A MG 105 ? 1_555 O ? M HOH . ? B HOH 201 ? 1_555 131.5 ? 
52 O ? L HOH . ? A HOH 201 ? 1_555 MG ? K MG . ? B MG 104 ? 1_555 O ? M HOH . ? B HOH 214 ? 1_555 70.0  ? 
53 O ? L HOH . ? A HOH 201 ? 1_555 MG ? K MG . ? B MG 104 ? 1_555 O ? M HOH . ? B HOH 233 ? 1_555 92.3  ? 
54 O ? M HOH . ? B HOH 214 ? 1_555 MG ? K MG . ? B MG 104 ? 1_555 O ? M HOH . ? B HOH 233 ? 1_555 71.7  ? 
55 O ? L HOH . ? A HOH 201 ? 1_555 MG ? K MG . ? B MG 104 ? 1_555 O ? M HOH . ? B HOH 262 ? 1_555 138.2 ? 
56 O ? M HOH . ? B HOH 214 ? 1_555 MG ? K MG . ? B MG 104 ? 1_555 O ? M HOH . ? B HOH 262 ? 1_555 68.9  ? 
57 O ? M HOH . ? B HOH 233 ? 1_555 MG ? K MG . ? B MG 104 ? 1_555 O ? M HOH . ? B HOH 262 ? 1_555 82.3  ? 
58 O ? L HOH . ? A HOH 236 ? 1_555 MG ? I MG . ? B MG 102 ? 1_555 O ? L HOH . ? A HOH 240 ? 1_555 95.2  ? 
59 O ? L HOH . ? A HOH 236 ? 1_555 MG ? I MG . ? B MG 102 ? 1_555 O ? L HOH . ? A HOH 256 ? 1_555 90.9  ? 
60 O ? L HOH . ? A HOH 240 ? 1_555 MG ? I MG . ? B MG 102 ? 1_555 O ? L HOH . ? A HOH 256 ? 1_555 89.2  ? 
61 O ? L HOH . ? A HOH 236 ? 1_555 MG ? I MG . ? B MG 102 ? 1_555 O ? M HOH . ? B HOH 219 ? 1_555 91.4  ? 
62 O ? L HOH . ? A HOH 240 ? 1_555 MG ? I MG . ? B MG 102 ? 1_555 O ? M HOH . ? B HOH 219 ? 1_555 86.2  ? 
63 O ? L HOH . ? A HOH 256 ? 1_555 MG ? I MG . ? B MG 102 ? 1_555 O ? M HOH . ? B HOH 219 ? 1_555 175.1 ? 
64 O ? L HOH . ? A HOH 236 ? 1_555 MG ? I MG . ? B MG 102 ? 1_555 O ? M HOH . ? B HOH 232 ? 3_565 88.2  ? 
65 O ? L HOH . ? A HOH 240 ? 1_555 MG ? I MG . ? B MG 102 ? 1_555 O ? M HOH . ? B HOH 232 ? 3_565 176.4 ? 
66 O ? L HOH . ? A HOH 256 ? 1_555 MG ? I MG . ? B MG 102 ? 1_555 O ? M HOH . ? B HOH 232 ? 3_565 92.0  ? 
67 O ? M HOH . ? B HOH 219 ? 1_555 MG ? I MG . ? B MG 102 ? 1_555 O ? M HOH . ? B HOH 232 ? 3_565 92.5  ? 
68 O ? L HOH . ? A HOH 236 ? 1_555 MG ? I MG . ? B MG 102 ? 1_555 O ? M HOH . ? B HOH 239 ? 1_555 172.0 ? 
69 O ? L HOH . ? A HOH 240 ? 1_555 MG ? I MG . ? B MG 102 ? 1_555 O ? M HOH . ? B HOH 239 ? 1_555 87.6  ? 
70 O ? L HOH . ? A HOH 256 ? 1_555 MG ? I MG . ? B MG 102 ? 1_555 O ? M HOH . ? B HOH 239 ? 1_555 81.7  ? 
71 O ? M HOH . ? B HOH 219 ? 1_555 MG ? I MG . ? B MG 102 ? 1_555 O ? M HOH . ? B HOH 239 ? 1_555 96.2  ? 
72 O ? M HOH . ? B HOH 232 ? 3_565 MG ? I MG . ? B MG 102 ? 1_555 O ? M HOH . ? B HOH 239 ? 1_555 89.2  ? 
73 O ? M HOH . ? B HOH 202 ? 1_555 MG ? J MG . ? B MG 103 ? 1_555 O ? M HOH . ? B HOH 203 ? 1_555 85.3  ? 
74 O ? M HOH . ? B HOH 202 ? 1_555 MG ? J MG . ? B MG 103 ? 1_555 O ? M HOH . ? B HOH 218 ? 1_555 98.1  ? 
75 O ? M HOH . ? B HOH 203 ? 1_555 MG ? J MG . ? B MG 103 ? 1_555 O ? M HOH . ? B HOH 218 ? 1_555 110.4 ? 
76 O ? M HOH . ? B HOH 202 ? 1_555 MG ? J MG . ? B MG 103 ? 1_555 O ? M HOH . ? B HOH 254 ? 1_555 166.9 ? 
77 O ? M HOH . ? B HOH 203 ? 1_555 MG ? J MG . ? B MG 103 ? 1_555 O ? M HOH . ? B HOH 254 ? 1_555 107.3 ? 
78 O ? M HOH . ? B HOH 218 ? 1_555 MG ? J MG . ? B MG 103 ? 1_555 O ? M HOH . ? B HOH 254 ? 1_555 80.7  ? 
79 O ? M HOH . ? B HOH 202 ? 1_555 MG ? J MG . ? B MG 103 ? 1_555 O ? M HOH . ? B HOH 259 ? 1_555 68.5  ? 
80 O ? M HOH . ? B HOH 203 ? 1_555 MG ? J MG . ? B MG 103 ? 1_555 O ? M HOH . ? B HOH 259 ? 1_555 152.6 ? 
81 O ? M HOH . ? B HOH 218 ? 1_555 MG ? J MG . ? B MG 103 ? 1_555 O ? M HOH . ? B HOH 259 ? 1_555 82.5  ? 
82 O ? M HOH . ? B HOH 254 ? 1_555 MG ? J MG . ? B MG 103 ? 1_555 O ? M HOH . ? B HOH 259 ? 1_555 98.4  ? 
83 O ? M HOH . ? B HOH 202 ? 1_555 MG ? J MG . ? B MG 103 ? 1_555 O ? M HOH . ? B HOH 263 ? 1_555 85.9  ? 
84 O ? M HOH . ? B HOH 203 ? 1_555 MG ? J MG . ? B MG 103 ? 1_555 O ? M HOH . ? B HOH 263 ? 1_555 97.7  ? 
85 O ? M HOH . ? B HOH 218 ? 1_555 MG ? J MG . ? B MG 103 ? 1_555 O ? M HOH . ? B HOH 263 ? 1_555 151.8 ? 
86 O ? M HOH . ? B HOH 254 ? 1_555 MG ? J MG . ? B MG 103 ? 1_555 O ? M HOH . ? B HOH 263 ? 1_555 89.1  ? 
87 O ? M HOH . ? B HOH 259 ? 1_555 MG ? J MG . ? B MG 103 ? 1_555 O ? M HOH . ? B HOH 263 ? 1_555 73.1  ? 
# 
_pdbx_entry_details.entry_id                   9OL3 
_pdbx_entry_details.nonpolymer_details         ? 
_pdbx_entry_details.sequence_details           ? 
_pdbx_entry_details.compound_details           ? 
_pdbx_entry_details.source_details             ? 
_pdbx_entry_details.has_ligand_of_interest     Y 
_pdbx_entry_details.has_protein_modification   N 
# 
loop_
_pdbx_validate_close_contact.id 
_pdbx_validate_close_contact.PDB_model_num 
_pdbx_validate_close_contact.auth_atom_id_1 
_pdbx_validate_close_contact.auth_asym_id_1 
_pdbx_validate_close_contact.auth_comp_id_1 
_pdbx_validate_close_contact.auth_seq_id_1 
_pdbx_validate_close_contact.PDB_ins_code_1 
_pdbx_validate_close_contact.label_alt_id_1 
_pdbx_validate_close_contact.auth_atom_id_2 
_pdbx_validate_close_contact.auth_asym_id_2 
_pdbx_validate_close_contact.auth_comp_id_2 
_pdbx_validate_close_contact.auth_seq_id_2 
_pdbx_validate_close_contact.PDB_ins_code_2 
_pdbx_validate_close_contact.label_alt_id_2 
_pdbx_validate_close_contact.dist 
1 1 O   B HOH   251 ? ? O B HOH 261 ? ? 2.08 
2 1 N7B A A1CGJ 101 ? ? O A HOH 201 ? ? 2.08 
3 1 N7B B A1CGJ 101 ? ? O B HOH 201 ? ? 2.11 
4 1 O6  B G     11  ? ? O B HOH 202 ? ? 2.18 
# 
loop_
_pdbx_validate_rmsd_angle.id 
_pdbx_validate_rmsd_angle.PDB_model_num 
_pdbx_validate_rmsd_angle.auth_atom_id_1 
_pdbx_validate_rmsd_angle.auth_asym_id_1 
_pdbx_validate_rmsd_angle.auth_comp_id_1 
_pdbx_validate_rmsd_angle.auth_seq_id_1 
_pdbx_validate_rmsd_angle.PDB_ins_code_1 
_pdbx_validate_rmsd_angle.label_alt_id_1 
_pdbx_validate_rmsd_angle.auth_atom_id_2 
_pdbx_validate_rmsd_angle.auth_asym_id_2 
_pdbx_validate_rmsd_angle.auth_comp_id_2 
_pdbx_validate_rmsd_angle.auth_seq_id_2 
_pdbx_validate_rmsd_angle.PDB_ins_code_2 
_pdbx_validate_rmsd_angle.label_alt_id_2 
_pdbx_validate_rmsd_angle.auth_atom_id_3 
_pdbx_validate_rmsd_angle.auth_asym_id_3 
_pdbx_validate_rmsd_angle.auth_comp_id_3 
_pdbx_validate_rmsd_angle.auth_seq_id_3 
_pdbx_validate_rmsd_angle.PDB_ins_code_3 
_pdbx_validate_rmsd_angle.label_alt_id_3 
_pdbx_validate_rmsd_angle.angle_value 
_pdbx_validate_rmsd_angle.angle_target_value 
_pdbx_validate_rmsd_angle.angle_deviation 
_pdbx_validate_rmsd_angle.angle_standard_deviation 
_pdbx_validate_rmsd_angle.linker_flag 
1 1 "O5'" A C 6  ? ? P A C 6  ? ? OP2 A C 6  ? ? 99.37  105.70 -6.33 0.90 N 
2 1 "O5'" A C 13 ? ? P A C 13 ? ? OP2 A C 13 ? ? 99.82  105.70 -5.88 0.90 N 
3 1 "O5'" B C 6  ? ? P B C 6  ? ? OP2 B C 6  ? ? 100.25 105.70 -5.45 0.90 N 
4 1 "O5'" B U 8  ? ? P B U 8  ? ? OP2 B U 8  ? ? 99.51  105.70 -6.19 0.90 N 
5 1 "O5'" B C 13 ? ? P B C 13 ? ? OP2 B C 13 ? ? 100.11 105.70 -5.59 0.90 N 
# 
loop_
_pdbx_struct_special_symmetry.id 
_pdbx_struct_special_symmetry.PDB_model_num 
_pdbx_struct_special_symmetry.auth_asym_id 
_pdbx_struct_special_symmetry.auth_comp_id 
_pdbx_struct_special_symmetry.auth_seq_id 
_pdbx_struct_special_symmetry.PDB_ins_code 
_pdbx_struct_special_symmetry.label_asym_id 
_pdbx_struct_special_symmetry.label_comp_id 
_pdbx_struct_special_symmetry.label_seq_id 
1 1 A HOH 254 ? L HOH . 
2 1 A HOH 259 ? L HOH . 
3 1 B HOH 252 ? M HOH . 
4 1 B HOH 256 ? M HOH . 
# 
loop_
_chem_comp_atom.comp_id 
_chem_comp_atom.atom_id 
_chem_comp_atom.type_symbol 
_chem_comp_atom.pdbx_aromatic_flag 
_chem_comp_atom.pdbx_stereo_config 
_chem_comp_atom.pdbx_ordinal 
A     OP3    O  N N 1   
A     P      P  N N 2   
A     OP1    O  N N 3   
A     OP2    O  N N 4   
A     "O5'"  O  N N 5   
A     "C5'"  C  N N 6   
A     "C4'"  C  N R 7   
A     "O4'"  O  N N 8   
A     "C3'"  C  N S 9   
A     "O3'"  O  N N 10  
A     "C2'"  C  N R 11  
A     "O2'"  O  N N 12  
A     "C1'"  C  N R 13  
A     N9     N  Y N 14  
A     C8     C  Y N 15  
A     N7     N  Y N 16  
A     C5     C  Y N 17  
A     C6     C  Y N 18  
A     N6     N  N N 19  
A     N1     N  Y N 20  
A     C2     C  Y N 21  
A     N3     N  Y N 22  
A     C4     C  Y N 23  
A     HOP3   H  N N 24  
A     HOP2   H  N N 25  
A     "H5'"  H  N N 26  
A     "H5''" H  N N 27  
A     "H4'"  H  N N 28  
A     "H3'"  H  N N 29  
A     "HO3'" H  N N 30  
A     "H2'"  H  N N 31  
A     "HO2'" H  N N 32  
A     "H1'"  H  N N 33  
A     H8     H  N N 34  
A     H61    H  N N 35  
A     H62    H  N N 36  
A     H2     H  N N 37  
A1CGJ O6A    O  N N 38  
A1CGJ C6A    C  N N 39  
A1CGJ N1A    N  N N 40  
A1CGJ C2A    C  N N 41  
A1CGJ N2A    N  N N 42  
A1CGJ N3A    N  N N 43  
A1CGJ C4A    C  Y N 44  
A1CGJ C5A    C  Y N 45  
A1CGJ N7A    N  Y N 46  
A1CGJ C8A    C  Y N 47  
A1CGJ N9A    N  Y N 48  
A1CGJ C1D    C  N R 49  
A1CGJ O4D    O  N N 50  
A1CGJ C2D    C  N N 51  
A1CGJ C3D    C  N S 52  
A1CGJ O3D    O  N N 53  
A1CGJ C4D    C  N R 54  
A1CGJ C5D    C  N N 55  
A1CGJ O5D    O  N N 56  
A1CGJ PA     P  N N 57  
A1CGJ O1A    O  N N 58  
A1CGJ O2A    O  N N 59  
A1CGJ N1C    N  Y N 60  
A1CGJ C1C    C  Y N 61  
A1CGJ N3C    N  N N 62  
A1CGJ C3C    C  Y N 63  
A1CGJ C2C    C  Y N 64  
A1CGJ N2C    N  Y N 65  
A1CGJ PG     P  N N 66  
A1CGJ O1G    O  N N 67  
A1CGJ O2G    O  N N 68  
A1CGJ O5E    O  N N 69  
A1CGJ C5E    C  N N 70  
A1CGJ C4E    C  N R 71  
A1CGJ O4E    O  N N 72  
A1CGJ C3E    C  N S 73  
A1CGJ O3E    O  N N 74  
A1CGJ C2E    C  N N 75  
A1CGJ C1E    C  N R 76  
A1CGJ N9B    N  Y N 77  
A1CGJ C4B    C  Y N 78  
A1CGJ N3B    N  N N 79  
A1CGJ C2B    C  N N 80  
A1CGJ N2B    N  N N 81  
A1CGJ N1B    N  N N 82  
A1CGJ C6B    C  N N 83  
A1CGJ O6B    O  N N 84  
A1CGJ C5B    C  Y N 85  
A1CGJ N7B    N  Y N 86  
A1CGJ C8B    C  Y N 87  
A1CGJ H1A    H  N N 88  
A1CGJ H8I    H  N N 89  
A1CGJ H2A    H  N N 90  
A1CGJ H8A    H  N N 91  
A1CGJ H1D    H  N N 92  
A1CGJ H2D    H  N N 93  
A1CGJ H8B    H  N N 94  
A1CGJ H3D    H  N N 95  
A1CGJ H8G    H  N N 96  
A1CGJ H4D    H  N N 97  
A1CGJ H8C    H  N N 98  
A1CGJ H5D    H  N N 99  
A1CGJ H1     H  N N 100 
A1CGJ H8L    H  N N 101 
A1CGJ H3C    H  N N 102 
A1CGJ H2C    H  N N 103 
A1CGJ H2     H  N N 104 
A1CGJ H5E    H  N N 105 
A1CGJ H8D    H  N N 106 
A1CGJ H4E    H  N N 107 
A1CGJ H3E    H  N N 108 
A1CGJ H8H    H  N N 109 
A1CGJ H8E    H  N N 110 
A1CGJ H2E    H  N N 111 
A1CGJ H1E    H  N N 112 
A1CGJ H2B    H  N N 113 
A1CGJ H8J    H  N N 114 
A1CGJ H1B    H  N N 115 
A1CGJ H8F    H  N N 116 
A1CGJ H8K    H  N N 117 
C     OP3    O  N N 118 
C     P      P  N N 119 
C     OP1    O  N N 120 
C     OP2    O  N N 121 
C     "O5'"  O  N N 122 
C     "C5'"  C  N N 123 
C     "C4'"  C  N R 124 
C     "O4'"  O  N N 125 
C     "C3'"  C  N S 126 
C     "O3'"  O  N N 127 
C     "C2'"  C  N R 128 
C     "O2'"  O  N N 129 
C     "C1'"  C  N R 130 
C     N1     N  N N 131 
C     C2     C  N N 132 
C     O2     O  N N 133 
C     N3     N  N N 134 
C     C4     C  N N 135 
C     N4     N  N N 136 
C     C5     C  N N 137 
C     C6     C  N N 138 
C     HOP3   H  N N 139 
C     HOP2   H  N N 140 
C     "H5'"  H  N N 141 
C     "H5''" H  N N 142 
C     "H4'"  H  N N 143 
C     "H3'"  H  N N 144 
C     "HO3'" H  N N 145 
C     "H2'"  H  N N 146 
C     "HO2'" H  N N 147 
C     "H1'"  H  N N 148 
C     H41    H  N N 149 
C     H42    H  N N 150 
C     H5     H  N N 151 
C     H6     H  N N 152 
G     OP3    O  N N 153 
G     P      P  N N 154 
G     OP1    O  N N 155 
G     OP2    O  N N 156 
G     "O5'"  O  N N 157 
G     "C5'"  C  N N 158 
G     "C4'"  C  N R 159 
G     "O4'"  O  N N 160 
G     "C3'"  C  N S 161 
G     "O3'"  O  N N 162 
G     "C2'"  C  N R 163 
G     "O2'"  O  N N 164 
G     "C1'"  C  N R 165 
G     N9     N  Y N 166 
G     C8     C  Y N 167 
G     N7     N  Y N 168 
G     C5     C  Y N 169 
G     C6     C  N N 170 
G     O6     O  N N 171 
G     N1     N  N N 172 
G     C2     C  N N 173 
G     N2     N  N N 174 
G     N3     N  N N 175 
G     C4     C  Y N 176 
G     HOP3   H  N N 177 
G     HOP2   H  N N 178 
G     "H5'"  H  N N 179 
G     "H5''" H  N N 180 
G     "H4'"  H  N N 181 
G     "H3'"  H  N N 182 
G     "HO3'" H  N N 183 
G     "H2'"  H  N N 184 
G     "HO2'" H  N N 185 
G     "H1'"  H  N N 186 
G     H8     H  N N 187 
G     H1     H  N N 188 
G     H21    H  N N 189 
G     H22    H  N N 190 
HOH   O      O  N N 191 
HOH   H1     H  N N 192 
HOH   H2     H  N N 193 
LCC   "O5'"  O  N N 194 
LCC   "C5'"  C  N N 195 
LCC   "C4'"  C  N R 196 
LCC   "O4'"  O  N N 197 
LCC   "C1'"  C  N R 198 
LCC   N1     N  N N 199 
LCC   C6     C  N N 200 
LCC   C5     C  N N 201 
LCC   C5M    C  N N 202 
LCC   C4     C  N N 203 
LCC   N4     N  N N 204 
LCC   N3     N  N N 205 
LCC   C2     C  N N 206 
LCC   O2     O  N N 207 
LCC   "C3'"  C  N S 208 
LCC   "C2'"  C  N R 209 
LCC   "O2'"  O  N N 210 
LCC   "O3'"  O  N N 211 
LCC   "C6'"  C  N N 212 
LCC   P      P  N N 213 
LCC   O1P    O  N N 214 
LCC   O2P    O  N N 215 
LCC   OXT    O  N N 216 
LCC   "H5'1" H  N N 217 
LCC   "H5'2" H  N N 218 
LCC   "H1'"  H  N N 219 
LCC   H6     H  N N 220 
LCC   H5M1   H  N N 221 
LCC   H5M2   H  N N 222 
LCC   H5M3   H  N N 223 
LCC   H41    H  N N 224 
LCC   H42    H  N N 225 
LCC   "H3'"  H  N N 226 
LCC   "H2'1" H  N N 227 
LCC   H3T    H  N N 228 
LCC   "H6'1" H  N N 229 
LCC   "H6'2" H  N N 230 
LCC   H1P    H  N N 231 
LCC   HXT    H  N N 232 
LCG   P      P  N N 233 
LCG   OP1    O  N N 234 
LCG   "O5'"  O  N N 235 
LCG   "C5'"  C  N N 236 
LCG   "C3'"  C  N S 237 
LCG   "C6'"  C  N N 238 
LCG   N9     N  Y N 239 
LCG   C8     C  Y N 240 
LCG   C4     C  Y N 241 
LCG   N7     N  Y N 242 
LCG   C5     C  Y N 243 
LCG   C6     C  N N 244 
LCG   "C2'"  C  N R 245 
LCG   O6     O  N N 246 
LCG   "C4'"  C  N R 247 
LCG   "C1'"  C  N R 248 
LCG   C2     C  N N 249 
LCG   N1     N  N N 250 
LCG   "O4'"  O  N N 251 
LCG   OP2    O  N N 252 
LCG   N2     N  N N 253 
LCG   N3     N  N N 254 
LCG   "O2'"  O  N N 255 
LCG   "O3'"  O  N N 256 
LCG   OP3    O  N N 257 
LCG   "H5'"  H  N N 258 
LCG   "H5''" H  N N 259 
LCG   "H3'"  H  N N 260 
LCG   "H6'1" H  N N 261 
LCG   "H6'2" H  N N 262 
LCG   H8     H  N N 263 
LCG   "H2'"  H  N N 264 
LCG   "H1'"  H  N N 265 
LCG   H1     H  N N 266 
LCG   HOP2   H  N N 267 
LCG   H21    H  N N 268 
LCG   H22    H  N N 269 
LCG   "HO3'" H  N N 270 
LCG   HOP3   H  N N 271 
LKC   N1     N  N N 272 
LKC   C2     C  N N 273 
LKC   N3     N  N N 274 
LKC   C4     C  N N 275 
LKC   C5     C  N N 276 
LKC   C6     C  N N 277 
LKC   O2     O  N N 278 
LKC   N4     N  N N 279 
LKC   "C1'"  C  N R 280 
LKC   "C2'"  C  N R 281 
LKC   "C3'"  C  N S 282 
LKC   "C4'"  C  N S 283 
LKC   "O4'"  O  N N 284 
LKC   "O3'"  O  N N 285 
LKC   "C5'"  C  N N 286 
LKC   "O5'"  O  N N 287 
LKC   C5A    C  N N 288 
LKC   "O2'"  O  N N 289 
LKC   "C6'"  C  N N 290 
LKC   H6     H  N N 291 
LKC   H41    H  N N 292 
LKC   H42    H  N N 293 
LKC   "H1'"  H  N N 294 
LKC   "H2'1" H  N N 295 
LKC   "H3'"  H  N N 296 
LKC   H3T    H  N N 297 
LKC   "H5'1" H  N N 298 
LKC   "H5'2" H  N N 299 
LKC   H5T    H  N N 300 
LKC   H5M1   H  N N 301 
LKC   H5M2   H  N N 302 
LKC   H5M3   H  N N 303 
LKC   "H6'1" H  N N 304 
LKC   "H6'2" H  N N 305 
MG    MG     MG N N 306 
U     OP3    O  N N 307 
U     P      P  N N 308 
U     OP1    O  N N 309 
U     OP2    O  N N 310 
U     "O5'"  O  N N 311 
U     "C5'"  C  N N 312 
U     "C4'"  C  N R 313 
U     "O4'"  O  N N 314 
U     "C3'"  C  N S 315 
U     "O3'"  O  N N 316 
U     "C2'"  C  N R 317 
U     "O2'"  O  N N 318 
U     "C1'"  C  N R 319 
U     N1     N  N N 320 
U     C2     C  N N 321 
U     O2     O  N N 322 
U     N3     N  N N 323 
U     C4     C  N N 324 
U     O4     O  N N 325 
U     C5     C  N N 326 
U     C6     C  N N 327 
U     HOP3   H  N N 328 
U     HOP2   H  N N 329 
U     "H5'"  H  N N 330 
U     "H5''" H  N N 331 
U     "H4'"  H  N N 332 
U     "H3'"  H  N N 333 
U     "HO3'" H  N N 334 
U     "H2'"  H  N N 335 
U     "HO2'" H  N N 336 
U     "H1'"  H  N N 337 
U     H3     H  N N 338 
U     H5     H  N N 339 
U     H6     H  N N 340 
# 
loop_
_chem_comp_bond.comp_id 
_chem_comp_bond.atom_id_1 
_chem_comp_bond.atom_id_2 
_chem_comp_bond.value_order 
_chem_comp_bond.pdbx_aromatic_flag 
_chem_comp_bond.pdbx_stereo_config 
_chem_comp_bond.pdbx_ordinal 
A     OP3   P      sing N N 1   
A     OP3   HOP3   sing N N 2   
A     P     OP1    doub N N 3   
A     P     OP2    sing N N 4   
A     P     "O5'"  sing N N 5   
A     OP2   HOP2   sing N N 6   
A     "O5'" "C5'"  sing N N 7   
A     "C5'" "C4'"  sing N N 8   
A     "C5'" "H5'"  sing N N 9   
A     "C5'" "H5''" sing N N 10  
A     "C4'" "O4'"  sing N N 11  
A     "C4'" "C3'"  sing N N 12  
A     "C4'" "H4'"  sing N N 13  
A     "O4'" "C1'"  sing N N 14  
A     "C3'" "O3'"  sing N N 15  
A     "C3'" "C2'"  sing N N 16  
A     "C3'" "H3'"  sing N N 17  
A     "O3'" "HO3'" sing N N 18  
A     "C2'" "O2'"  sing N N 19  
A     "C2'" "C1'"  sing N N 20  
A     "C2'" "H2'"  sing N N 21  
A     "O2'" "HO2'" sing N N 22  
A     "C1'" N9     sing N N 23  
A     "C1'" "H1'"  sing N N 24  
A     N9    C8     sing Y N 25  
A     N9    C4     sing Y N 26  
A     C8    N7     doub Y N 27  
A     C8    H8     sing N N 28  
A     N7    C5     sing Y N 29  
A     C5    C6     sing Y N 30  
A     C5    C4     doub Y N 31  
A     C6    N6     sing N N 32  
A     C6    N1     doub Y N 33  
A     N6    H61    sing N N 34  
A     N6    H62    sing N N 35  
A     N1    C2     sing Y N 36  
A     C2    N3     doub Y N 37  
A     C2    H2     sing N N 38  
A     N3    C4     sing Y N 39  
A1CGJ C6A   O6A    doub N N 40  
A1CGJ C6A   N1A    sing N N 41  
A1CGJ C6A   C5A    sing N N 42  
A1CGJ C2A   N1A    sing N N 43  
A1CGJ C2A   N2A    sing N N 44  
A1CGJ C2A   N3A    doub N N 45  
A1CGJ C4A   N3A    sing N N 46  
A1CGJ C4A   C5A    doub Y N 47  
A1CGJ C4A   N9A    sing Y N 48  
A1CGJ C5A   N7A    sing Y N 49  
A1CGJ C8A   N7A    doub Y N 50  
A1CGJ N9A   C8A    sing Y N 51  
A1CGJ C1D   N9A    sing N N 52  
A1CGJ C1D   O4D    sing N N 53  
A1CGJ C1D   C2D    sing N N 54  
A1CGJ C4D   O4D    sing N N 55  
A1CGJ C3D   C2D    sing N N 56  
A1CGJ C3D   O3D    sing N N 57  
A1CGJ C3D   C4D    sing N N 58  
A1CGJ C4D   C5D    sing N N 59  
A1CGJ C5D   O5D    sing N N 60  
A1CGJ PA    O5D    sing N N 61  
A1CGJ PA    O1A    sing N N 62  
A1CGJ PA    O2A    doub N N 63  
A1CGJ N1C   PA     sing N N 64  
A1CGJ N1C   C1C    sing Y N 65  
A1CGJ N1C   C3C    sing Y N 66  
A1CGJ C1C   N3C    sing N N 67  
A1CGJ C1C   N2C    doub Y N 68  
A1CGJ C3C   C2C    doub Y N 69  
A1CGJ N2C   C2C    sing Y N 70  
A1CGJ N2C   PG     sing N N 71  
A1CGJ PG    O1G    doub N N 72  
A1CGJ PG    O2G    sing N N 73  
A1CGJ PG    O5E    sing N N 74  
A1CGJ C5E   O5E    sing N N 75  
A1CGJ C4E   C5E    sing N N 76  
A1CGJ C4E   O4E    sing N N 77  
A1CGJ C4E   C3E    sing N N 78  
A1CGJ C1E   O4E    sing N N 79  
A1CGJ C3E   O3E    sing N N 80  
A1CGJ C3E   C2E    sing N N 81  
A1CGJ C1E   C2E    sing N N 82  
A1CGJ C1E   N9B    sing N N 83  
A1CGJ N9B   C4B    sing Y N 84  
A1CGJ N9B   C8B    sing Y N 85  
A1CGJ C4B   N3B    sing N N 86  
A1CGJ C4B   C5B    doub Y N 87  
A1CGJ C2B   N3B    doub N N 88  
A1CGJ C2B   N2B    sing N N 89  
A1CGJ C2B   N1B    sing N N 90  
A1CGJ C6B   N1B    sing N N 91  
A1CGJ C6B   O6B    doub N N 92  
A1CGJ C6B   C5B    sing N N 93  
A1CGJ C5B   N7B    sing Y N 94  
A1CGJ C8B   N7B    doub Y N 95  
A1CGJ N1A   H1A    sing N N 96  
A1CGJ N2A   H8I    sing N N 97  
A1CGJ N2A   H2A    sing N N 98  
A1CGJ C8A   H8A    sing N N 99  
A1CGJ C1D   H1D    sing N N 100 
A1CGJ C2D   H2D    sing N N 101 
A1CGJ C2D   H8B    sing N N 102 
A1CGJ C3D   H3D    sing N N 103 
A1CGJ O3D   H8G    sing N N 104 
A1CGJ C4D   H4D    sing N N 105 
A1CGJ C5D   H8C    sing N N 106 
A1CGJ C5D   H5D    sing N N 107 
A1CGJ O1A   H1     sing N N 108 
A1CGJ N3C   H8L    sing N N 109 
A1CGJ C3C   H3C    sing N N 110 
A1CGJ C2C   H2C    sing N N 111 
A1CGJ O2G   H2     sing N N 112 
A1CGJ C5E   H5E    sing N N 113 
A1CGJ C5E   H8D    sing N N 114 
A1CGJ C4E   H4E    sing N N 115 
A1CGJ C3E   H3E    sing N N 116 
A1CGJ O3E   H8H    sing N N 117 
A1CGJ C2E   H8E    sing N N 118 
A1CGJ C2E   H2E    sing N N 119 
A1CGJ C1E   H1E    sing N N 120 
A1CGJ N2B   H2B    sing N N 121 
A1CGJ N2B   H8J    sing N N 122 
A1CGJ N1B   H1B    sing N N 123 
A1CGJ C8B   H8F    sing N N 124 
A1CGJ N3C   H8K    sing N N 125 
C     OP3   P      sing N N 126 
C     OP3   HOP3   sing N N 127 
C     P     OP1    doub N N 128 
C     P     OP2    sing N N 129 
C     P     "O5'"  sing N N 130 
C     OP2   HOP2   sing N N 131 
C     "O5'" "C5'"  sing N N 132 
C     "C5'" "C4'"  sing N N 133 
C     "C5'" "H5'"  sing N N 134 
C     "C5'" "H5''" sing N N 135 
C     "C4'" "O4'"  sing N N 136 
C     "C4'" "C3'"  sing N N 137 
C     "C4'" "H4'"  sing N N 138 
C     "O4'" "C1'"  sing N N 139 
C     "C3'" "O3'"  sing N N 140 
C     "C3'" "C2'"  sing N N 141 
C     "C3'" "H3'"  sing N N 142 
C     "O3'" "HO3'" sing N N 143 
C     "C2'" "O2'"  sing N N 144 
C     "C2'" "C1'"  sing N N 145 
C     "C2'" "H2'"  sing N N 146 
C     "O2'" "HO2'" sing N N 147 
C     "C1'" N1     sing N N 148 
C     "C1'" "H1'"  sing N N 149 
C     N1    C2     sing N N 150 
C     N1    C6     sing N N 151 
C     C2    O2     doub N N 152 
C     C2    N3     sing N N 153 
C     N3    C4     doub N N 154 
C     C4    N4     sing N N 155 
C     C4    C5     sing N N 156 
C     N4    H41    sing N N 157 
C     N4    H42    sing N N 158 
C     C5    C6     doub N N 159 
C     C5    H5     sing N N 160 
C     C6    H6     sing N N 161 
G     OP3   P      sing N N 162 
G     OP3   HOP3   sing N N 163 
G     P     OP1    doub N N 164 
G     P     OP2    sing N N 165 
G     P     "O5'"  sing N N 166 
G     OP2   HOP2   sing N N 167 
G     "O5'" "C5'"  sing N N 168 
G     "C5'" "C4'"  sing N N 169 
G     "C5'" "H5'"  sing N N 170 
G     "C5'" "H5''" sing N N 171 
G     "C4'" "O4'"  sing N N 172 
G     "C4'" "C3'"  sing N N 173 
G     "C4'" "H4'"  sing N N 174 
G     "O4'" "C1'"  sing N N 175 
G     "C3'" "O3'"  sing N N 176 
G     "C3'" "C2'"  sing N N 177 
G     "C3'" "H3'"  sing N N 178 
G     "O3'" "HO3'" sing N N 179 
G     "C2'" "O2'"  sing N N 180 
G     "C2'" "C1'"  sing N N 181 
G     "C2'" "H2'"  sing N N 182 
G     "O2'" "HO2'" sing N N 183 
G     "C1'" N9     sing N N 184 
G     "C1'" "H1'"  sing N N 185 
G     N9    C8     sing Y N 186 
G     N9    C4     sing Y N 187 
G     C8    N7     doub Y N 188 
G     C8    H8     sing N N 189 
G     N7    C5     sing Y N 190 
G     C5    C6     sing N N 191 
G     C5    C4     doub Y N 192 
G     C6    O6     doub N N 193 
G     C6    N1     sing N N 194 
G     N1    C2     sing N N 195 
G     N1    H1     sing N N 196 
G     C2    N2     sing N N 197 
G     C2    N3     doub N N 198 
G     N2    H21    sing N N 199 
G     N2    H22    sing N N 200 
G     N3    C4     sing N N 201 
HOH   O     H1     sing N N 202 
HOH   O     H2     sing N N 203 
LCC   "O5'" "C5'"  sing N N 204 
LCC   "O5'" P      sing N N 205 
LCC   "C5'" "C4'"  sing N N 206 
LCC   "C5'" "H5'1" sing N N 207 
LCC   "C5'" "H5'2" sing N N 208 
LCC   "C4'" "O4'"  sing N N 209 
LCC   "C4'" "C3'"  sing N N 210 
LCC   "C4'" "C6'"  sing N N 211 
LCC   "O4'" "C1'"  sing N N 212 
LCC   "C1'" N1     sing N N 213 
LCC   "C1'" "C2'"  sing N N 214 
LCC   "C1'" "H1'"  sing N N 215 
LCC   N1    C6     sing N N 216 
LCC   N1    C2     sing N N 217 
LCC   C6    C5     doub N N 218 
LCC   C6    H6     sing N N 219 
LCC   C5    C5M    sing N N 220 
LCC   C5    C4     sing N N 221 
LCC   C5M   H5M1   sing N N 222 
LCC   C5M   H5M2   sing N N 223 
LCC   C5M   H5M3   sing N N 224 
LCC   C4    N4     sing N N 225 
LCC   C4    N3     doub N N 226 
LCC   N4    H41    sing N N 227 
LCC   N4    H42    sing N N 228 
LCC   N3    C2     sing N N 229 
LCC   C2    O2     doub N N 230 
LCC   "C3'" "C2'"  sing N N 231 
LCC   "C3'" "O3'"  sing N N 232 
LCC   "C3'" "H3'"  sing N N 233 
LCC   "C2'" "O2'"  sing N N 234 
LCC   "C2'" "H2'1" sing N N 235 
LCC   "O2'" "C6'"  sing N N 236 
LCC   "O3'" H3T    sing N N 237 
LCC   "C6'" "H6'1" sing N N 238 
LCC   "C6'" "H6'2" sing N N 239 
LCC   P     O1P    sing N N 240 
LCC   P     O2P    doub N N 241 
LCC   P     OXT    sing N N 242 
LCC   O1P   H1P    sing N N 243 
LCC   OXT   HXT    sing N N 244 
LCG   P     OP1    doub N N 245 
LCG   P     "O5'"  sing N N 246 
LCG   P     OP2    sing N N 247 
LCG   P     OP3    sing N N 248 
LCG   "O5'" "C5'"  sing N N 249 
LCG   "C5'" "C4'"  sing N N 250 
LCG   "C5'" "H5'"  sing N N 251 
LCG   "C5'" "H5''" sing N N 252 
LCG   "C3'" "C2'"  sing N N 253 
LCG   "C3'" "C4'"  sing N N 254 
LCG   "C3'" "O3'"  sing N N 255 
LCG   "C3'" "H3'"  sing N N 256 
LCG   "C6'" "C4'"  sing N N 257 
LCG   "C6'" "O2'"  sing N N 258 
LCG   "C6'" "H6'1" sing N N 259 
LCG   "C6'" "H6'2" sing N N 260 
LCG   N9    C8     sing Y N 261 
LCG   N9    C4     sing Y N 262 
LCG   N9    "C1'"  sing N N 263 
LCG   C8    N7     doub Y N 264 
LCG   C8    H8     sing N N 265 
LCG   C4    C5     doub Y N 266 
LCG   C4    N3     sing N N 267 
LCG   N7    C5     sing Y N 268 
LCG   C5    C6     sing N N 269 
LCG   C6    O6     doub N N 270 
LCG   C6    N1     sing N N 271 
LCG   "C2'" "C1'"  sing N N 272 
LCG   "C2'" "O2'"  sing N N 273 
LCG   "C2'" "H2'"  sing N N 274 
LCG   "C4'" "O4'"  sing N N 275 
LCG   "C1'" "O4'"  sing N N 276 
LCG   "C1'" "H1'"  sing N N 277 
LCG   C2    N1     sing N N 278 
LCG   C2    N2     sing N N 279 
LCG   C2    N3     doub N N 280 
LCG   N1    H1     sing N N 281 
LCG   OP2   HOP2   sing N N 282 
LCG   N2    H21    sing N N 283 
LCG   N2    H22    sing N N 284 
LCG   "O3'" "HO3'" sing N N 285 
LCG   OP3   HOP3   sing N N 286 
LKC   N1    C2     sing N N 287 
LKC   N1    C6     sing N N 288 
LKC   N1    "C1'"  sing N N 289 
LKC   C2    N3     sing N N 290 
LKC   C2    O2     doub N N 291 
LKC   N3    C4     doub N N 292 
LKC   C4    C5     sing N N 293 
LKC   C4    N4     sing N N 294 
LKC   C5    C6     doub N N 295 
LKC   C5    C5A    sing N N 296 
LKC   C6    H6     sing N N 297 
LKC   N4    H41    sing N N 298 
LKC   N4    H42    sing N N 299 
LKC   "C1'" "C2'"  sing N N 300 
LKC   "C1'" "O4'"  sing N N 301 
LKC   "C1'" "H1'"  sing N N 302 
LKC   "C2'" "C3'"  sing N N 303 
LKC   "C2'" "O2'"  sing N N 304 
LKC   "C2'" "H2'1" sing N N 305 
LKC   "C3'" "C4'"  sing N N 306 
LKC   "C3'" "O3'"  sing N N 307 
LKC   "C3'" "H3'"  sing N N 308 
LKC   "C4'" "O4'"  sing N N 309 
LKC   "C4'" "C5'"  sing N N 310 
LKC   "C4'" "C6'"  sing N N 311 
LKC   "O3'" H3T    sing N N 312 
LKC   "C5'" "O5'"  sing N N 313 
LKC   "C5'" "H5'1" sing N N 314 
LKC   "C5'" "H5'2" sing N N 315 
LKC   "O5'" H5T    sing N N 316 
LKC   C5A   H5M1   sing N N 317 
LKC   C5A   H5M2   sing N N 318 
LKC   C5A   H5M3   sing N N 319 
LKC   "O2'" "C6'"  sing N N 320 
LKC   "C6'" "H6'1" sing N N 321 
LKC   "C6'" "H6'2" sing N N 322 
U     OP3   P      sing N N 323 
U     OP3   HOP3   sing N N 324 
U     P     OP1    doub N N 325 
U     P     OP2    sing N N 326 
U     P     "O5'"  sing N N 327 
U     OP2   HOP2   sing N N 328 
U     "O5'" "C5'"  sing N N 329 
U     "C5'" "C4'"  sing N N 330 
U     "C5'" "H5'"  sing N N 331 
U     "C5'" "H5''" sing N N 332 
U     "C4'" "O4'"  sing N N 333 
U     "C4'" "C3'"  sing N N 334 
U     "C4'" "H4'"  sing N N 335 
U     "O4'" "C1'"  sing N N 336 
U     "C3'" "O3'"  sing N N 337 
U     "C3'" "C2'"  sing N N 338 
U     "C3'" "H3'"  sing N N 339 
U     "O3'" "HO3'" sing N N 340 
U     "C2'" "O2'"  sing N N 341 
U     "C2'" "C1'"  sing N N 342 
U     "C2'" "H2'"  sing N N 343 
U     "O2'" "HO2'" sing N N 344 
U     "C1'" N1     sing N N 345 
U     "C1'" "H1'"  sing N N 346 
U     N1    C2     sing N N 347 
U     N1    C6     sing N N 348 
U     C2    O2     doub N N 349 
U     C2    N3     sing N N 350 
U     N3    C4     sing N N 351 
U     N3    H3     sing N N 352 
U     C4    O4     doub N N 353 
U     C4    C5     sing N N 354 
U     C5    C6     doub N N 355 
U     C5    H5     sing N N 356 
U     C6    H6     sing N N 357 
# 
_ndb_struct_conf_na.entry_id   9OL3 
_ndb_struct_conf_na.feature    'a-form double helix' 
# 
loop_
_ndb_struct_na_base_pair.model_number 
_ndb_struct_na_base_pair.i_label_asym_id 
_ndb_struct_na_base_pair.i_label_comp_id 
_ndb_struct_na_base_pair.i_label_seq_id 
_ndb_struct_na_base_pair.i_symmetry 
_ndb_struct_na_base_pair.j_label_asym_id 
_ndb_struct_na_base_pair.j_label_comp_id 
_ndb_struct_na_base_pair.j_label_seq_id 
_ndb_struct_na_base_pair.j_symmetry 
_ndb_struct_na_base_pair.shear 
_ndb_struct_na_base_pair.stretch 
_ndb_struct_na_base_pair.stagger 
_ndb_struct_na_base_pair.buckle 
_ndb_struct_na_base_pair.propeller 
_ndb_struct_na_base_pair.opening 
_ndb_struct_na_base_pair.pair_number 
_ndb_struct_na_base_pair.pair_name 
_ndb_struct_na_base_pair.i_auth_asym_id 
_ndb_struct_na_base_pair.i_auth_seq_id 
_ndb_struct_na_base_pair.i_PDB_ins_code 
_ndb_struct_na_base_pair.j_auth_asym_id 
_ndb_struct_na_base_pair.j_auth_seq_id 
_ndb_struct_na_base_pair.j_PDB_ins_code 
_ndb_struct_na_base_pair.hbond_type_28 
_ndb_struct_na_base_pair.hbond_type_12 
1 A LCG 4  1_555 B C   13 1_555 -0.248 -0.180 0.090 -3.718 -14.656 -0.483 1  A_LCG4:C13_B A 4  ? B 13 ? 19 1 
1 A A   5  1_555 B U   12 1_555 -0.144 -0.100 0.102 2.856  -9.052  -4.009 2  A_A5:U12_B   A 5  ? B 12 ? 20 1 
1 A C   6  1_555 B G   11 1_555 0.127  -0.196 0.123 7.435  -15.935 -0.306 3  A_C6:G11_B   A 6  ? B 11 ? 19 1 
1 A U   7  1_555 B A   10 1_555 -0.032 -0.107 0.152 1.977  -14.168 -0.822 4  A_U7:A10_B   A 7  ? B 10 ? 20 1 
1 A U   8  1_555 B A   9  1_555 -0.286 -0.085 0.092 1.803  -9.425  3.304  5  A_U8:A9_B    A 8  ? B 9  ? 20 1 
1 A A   9  1_555 B U   8  1_555 0.183  -0.123 0.003 -3.370 -10.800 4.700  6  A_A9:U8_B    A 9  ? B 8  ? 20 1 
1 A A   10 1_555 B U   7  1_555 0.146  -0.134 0.195 -2.215 -13.589 0.072  7  A_A10:U7_B   A 10 ? B 7  ? 20 1 
1 A G   11 1_555 B C   6  1_555 -0.136 -0.234 0.138 -6.935 -16.625 -1.489 8  A_G11:C6_B   A 11 ? B 6  ? 19 1 
1 A U   12 1_555 B A   5  1_555 0.166  -0.074 0.097 -3.079 -9.122  -5.703 9  A_U12:A5_B   A 12 ? B 5  ? 20 1 
1 A C   13 1_555 B LCG 4  1_555 0.272  -0.179 0.126 3.822  -13.870 -1.021 10 A_C13:LCG4_B A 13 ? B 4  ? 19 1 
# 
loop_
_ndb_struct_na_base_pair_step.model_number 
_ndb_struct_na_base_pair_step.i_label_asym_id_1 
_ndb_struct_na_base_pair_step.i_label_comp_id_1 
_ndb_struct_na_base_pair_step.i_label_seq_id_1 
_ndb_struct_na_base_pair_step.i_symmetry_1 
_ndb_struct_na_base_pair_step.j_label_asym_id_1 
_ndb_struct_na_base_pair_step.j_label_comp_id_1 
_ndb_struct_na_base_pair_step.j_label_seq_id_1 
_ndb_struct_na_base_pair_step.j_symmetry_1 
_ndb_struct_na_base_pair_step.i_label_asym_id_2 
_ndb_struct_na_base_pair_step.i_label_comp_id_2 
_ndb_struct_na_base_pair_step.i_label_seq_id_2 
_ndb_struct_na_base_pair_step.i_symmetry_2 
_ndb_struct_na_base_pair_step.j_label_asym_id_2 
_ndb_struct_na_base_pair_step.j_label_comp_id_2 
_ndb_struct_na_base_pair_step.j_label_seq_id_2 
_ndb_struct_na_base_pair_step.j_symmetry_2 
_ndb_struct_na_base_pair_step.shift 
_ndb_struct_na_base_pair_step.slide 
_ndb_struct_na_base_pair_step.rise 
_ndb_struct_na_base_pair_step.tilt 
_ndb_struct_na_base_pair_step.roll 
_ndb_struct_na_base_pair_step.twist 
_ndb_struct_na_base_pair_step.x_displacement 
_ndb_struct_na_base_pair_step.y_displacement 
_ndb_struct_na_base_pair_step.helical_rise 
_ndb_struct_na_base_pair_step.inclination 
_ndb_struct_na_base_pair_step.tip 
_ndb_struct_na_base_pair_step.helical_twist 
_ndb_struct_na_base_pair_step.step_number 
_ndb_struct_na_base_pair_step.step_name 
_ndb_struct_na_base_pair_step.i_auth_asym_id_1 
_ndb_struct_na_base_pair_step.i_auth_seq_id_1 
_ndb_struct_na_base_pair_step.i_PDB_ins_code_1 
_ndb_struct_na_base_pair_step.j_auth_asym_id_1 
_ndb_struct_na_base_pair_step.j_auth_seq_id_1 
_ndb_struct_na_base_pair_step.j_PDB_ins_code_1 
_ndb_struct_na_base_pair_step.i_auth_asym_id_2 
_ndb_struct_na_base_pair_step.i_auth_seq_id_2 
_ndb_struct_na_base_pair_step.i_PDB_ins_code_2 
_ndb_struct_na_base_pair_step.j_auth_asym_id_2 
_ndb_struct_na_base_pair_step.j_auth_seq_id_2 
_ndb_struct_na_base_pair_step.j_PDB_ins_code_2 
1 A LCG 4  1_555 B C 13 1_555 A A 5  1_555 B U   12 1_555 -0.589 -1.374 3.103 -1.175 3.252  30.330 -3.211 0.902  2.964 6.191  
2.237  30.522 1 AA_LCG4A5:U12C13_BB A 4  ? B 13 ? A 5  ? B 12 ? 
1 A A   5  1_555 B U 12 1_555 A C 6  1_555 B G   11 1_555 0.589  -1.431 3.164 0.606  4.066  33.580 -3.080 -0.920 2.985 7.005  
-1.044 33.824 2 AA_A5C6:G11U12_BB   A 5  ? B 12 ? A 6  ? B 11 ? 
1 A C   6  1_555 B G 11 1_555 A U 7  1_555 B A   10 1_555 -0.240 -1.773 3.375 -2.136 10.566 30.467 -4.966 0.072  2.640 19.360 
3.914  32.275 3 AA_C6U7:A10G11_BB   A 6  ? B 11 ? A 7  ? B 10 ? 
1 A U   7  1_555 B A 10 1_555 A U 8  1_555 B A   9  1_555 -0.181 -1.326 3.243 -1.190 10.004 28.880 -4.358 0.125  2.652 19.330 
2.299  30.551 4 AA_U7U8:A9A10_BB    A 7  ? B 10 ? A 8  ? B 9  ? 
1 A U   8  1_555 B A 9  1_555 A A 9  1_555 B U   8  1_555 0.039  -1.140 3.298 0.753  16.221 34.530 -3.682 0.030  2.532 25.645 
-1.190 38.052 5 AA_U8A9:U8A9_BB     A 8  ? B 9  ? A 9  ? B 8  ? 
1 A A   9  1_555 B U 8  1_555 A A 10 1_555 B U   7  1_555 0.143  -1.335 3.198 -0.154 10.284 30.662 -4.067 -0.282 2.624 18.796 
0.282  32.301 6 AA_A9A10:U7U8_BB    A 9  ? B 8  ? A 10 ? B 7  ? 
1 A A   10 1_555 B U 7  1_555 A G 11 1_555 B C   6  1_555 0.179  -1.806 3.366 2.320  10.019 29.390 -5.179 0.086  2.629 19.028 
-4.406 31.100 7 AA_A10G11:C6U7_BB   A 10 ? B 7  ? A 11 ? B 6  ? 
1 A G   11 1_555 B C 6  1_555 A U 12 1_555 B A   5  1_555 -0.597 -1.430 3.174 -0.382 4.452  33.890 -3.098 0.959  2.974 7.596  
0.652  34.175 8 AA_G11U12:A5C6_BB   A 11 ? B 6  ? A 12 ? B 5  ? 
1 A U   12 1_555 B A 5  1_555 A C 13 1_555 B LCG 4  1_555 0.609  -1.408 3.113 0.824  3.340  30.441 -3.279 -1.002 2.960 6.335  
-1.562 30.630 9 AA_U12C13:LCG4A5_BB A 12 ? B 5  ? A 13 ? B 4  ? 
# 
loop_
_pdbx_audit_support.funding_organization 
_pdbx_audit_support.country 
_pdbx_audit_support.grant_number 
_pdbx_audit_support.ordinal 
'National Science Foundation (NSF, United States)' 'United States' 2104708 1 
'Howard Hughes Medical Institute (HHMI)'           'United States' ?       2 
# 
_pdbx_initial_refinement_model.id               1 
_pdbx_initial_refinement_model.entity_id_list   ? 
_pdbx_initial_refinement_model.type             'experimental model' 
_pdbx_initial_refinement_model.source_name      PDB 
_pdbx_initial_refinement_model.accession_code   6C8E 
_pdbx_initial_refinement_model.details          ? 
# 
_atom_sites.entry_id                    9OL3 
_atom_sites.Cartn_transf_matrix[1][1]   ? 
_atom_sites.Cartn_transf_matrix[1][2]   ? 
_atom_sites.Cartn_transf_matrix[1][3]   ? 
_atom_sites.Cartn_transf_matrix[2][1]   ? 
_atom_sites.Cartn_transf_matrix[2][2]   ? 
_atom_sites.Cartn_transf_matrix[2][3]   ? 
_atom_sites.Cartn_transf_matrix[3][1]   ? 
_atom_sites.Cartn_transf_matrix[3][2]   ? 
_atom_sites.Cartn_transf_matrix[3][3]   ? 
_atom_sites.Cartn_transf_vector[1]      ? 
_atom_sites.Cartn_transf_vector[2]      ? 
_atom_sites.Cartn_transf_vector[3]      ? 
_atom_sites.Cartn_transform_axes        ? 
_atom_sites.fract_transf_matrix[1][1]   0.00814865 
_atom_sites.fract_transf_matrix[1][2]   -0.00322731 
_atom_sites.fract_transf_matrix[1][3]   -0.02227349 
_atom_sites.fract_transf_matrix[2][1]   -0.01389599 
_atom_sites.fract_transf_matrix[2][2]   -0.01049053 
_atom_sites.fract_transf_matrix[2][3]   -0.01642505 
_atom_sites.fract_transf_matrix[3][1]   -0.00440444 
_atom_sites.fract_transf_matrix[3][2]   0.01080932 
_atom_sites.fract_transf_matrix[3][3]   -0.00317756 
_atom_sites.fract_transf_vector[1]      0.202889 
_atom_sites.fract_transf_vector[2]      0.406397 
_atom_sites.fract_transf_vector[3]      0.250136 
_atom_sites.solution_primary            ? 
_atom_sites.solution_secondary          ? 
_atom_sites.solution_hydrogens          ? 
_atom_sites.special_details             ? 
# 
loop_
_atom_type.symbol 
_atom_type.pdbx_scat_Z 
_atom_type.pdbx_N_electrons 
_atom_type.scat_Cromer_Mann_a1 
_atom_type.scat_Cromer_Mann_b1 
_atom_type.scat_Cromer_Mann_a2 
_atom_type.scat_Cromer_Mann_b2 
_atom_type.scat_Cromer_Mann_a3 
_atom_type.scat_Cromer_Mann_b3 
_atom_type.scat_Cromer_Mann_a4 
_atom_type.scat_Cromer_Mann_b4 
_atom_type.scat_Cromer_Mann_c 
C  6  6  2.3103  20.8439 1.0201 10.2075 1.5888 0.5687  0.8651 51.6512 0.2156   
H  1  1  0.4930  10.5109 0.3229 26.1257 0.1402 3.1424  0.0408 57.7997 0.0030   
MG 12 12 5.4265  2.8275  2.1759 79.2611 1.2283 0.3808  2.3099 7.1937  0.8594   
N  7  7  12.2220 0.0057  3.1346 9.8933  2.0141 28.9975 1.1672 0.5826  -11.5379 
O  8  8  3.0487  13.2771 2.2870 5.7011  1.5464 0.3239  0.8671 32.9089 0.2508   
P  15 15 6.4348  1.9067  4.1793 27.1570 1.7801 0.5260  1.4909 68.1645 1.1150   
# 
loop_
_atom_site.group_PDB 
_atom_site.id 
_atom_site.type_symbol 
_atom_site.label_atom_id 
_atom_site.label_alt_id 
_atom_site.label_comp_id 
_atom_site.label_asym_id 
_atom_site.label_entity_id 
_atom_site.label_seq_id 
_atom_site.pdbx_PDB_ins_code 
_atom_site.Cartn_x 
_atom_site.Cartn_y 
_atom_site.Cartn_z 
_atom_site.occupancy 
_atom_site.B_iso_or_equiv 
_atom_site.pdbx_formal_charge 
_atom_site.auth_seq_id 
_atom_site.auth_comp_id 
_atom_site.auth_asym_id 
_atom_site.auth_atom_id 
_atom_site.pdbx_PDB_model_num 
_atom_site.calc_flag 
HETATM 1   N  N1    . LKC   A 1 1  ? 15.280  -15.072 -1.014  1.000 48.996  0 1   LKC   A N1    1 ? 
HETATM 2   C  C2    . LKC   A 1 1  ? 14.152  -15.791 -0.961  1.000 52.553  0 1   LKC   A C2    1 ? 
HETATM 3   N  N3    . LKC   A 1 1  ? 13.491  -15.917 0.184   1.000 51.909  0 1   LKC   A N3    1 ? 
HETATM 4   C  C4    . LKC   A 1 1  ? 13.922  -15.322 1.263   1.000 54.933  0 1   LKC   A C4    1 ? 
HETATM 5   C  C5    . LKC   A 1 1  ? 15.093  -14.564 1.284   1.000 55.049  0 1   LKC   A C5    1 ? 
HETATM 6   C  C6    . LKC   A 1 1  ? 15.790  -14.441 0.127   1.000 52.194  0 1   LKC   A C6    1 ? 
HETATM 7   O  O2    . LKC   A 1 1  ? 13.722  -16.327 -1.985  1.000 48.469  0 1   LKC   A O2    1 ? 
HETATM 8   N  N4    . LKC   A 1 1  ? 13.212  -15.455 2.367   1.000 56.629  0 1   LKC   A N4    1 ? 
HETATM 9   C  "C1'" . LKC   A 1 1  ? 16.010  -15.022 -2.271  1.000 52.424  0 1   LKC   A "C1'" 1 ? 
HETATM 10  C  "C2'" . LKC   A 1 1  ? 15.479  -14.066 -3.320  1.000 53.677  0 1   LKC   A "C2'" 1 ? 
HETATM 11  C  "C3'" . LKC   A 1 1  ? 16.153  -12.757 -2.865  1.000 52.637  0 1   LKC   A "C3'" 1 ? 
HETATM 12  C  "C4'" . LKC   A 1 1  ? 17.569  -13.400 -2.937  1.000 50.040  0 1   LKC   A "C4'" 1 ? 
HETATM 13  O  "O4'" . LKC   A 1 1  ? 17.355  -14.479 -1.944  1.000 57.546  0 1   LKC   A "O4'" 1 ? 
HETATM 14  O  "O3'" . LKC   A 1 1  ? 15.983  -11.763 -3.834  1.000 60.812  0 1   LKC   A "O3'" 1 ? 
HETATM 15  C  "C5'" . LKC   A 1 1  ? 18.692  -12.360 -2.609  1.000 47.813  0 1   LKC   A "C5'" 1 ? 
HETATM 16  O  "O5'" . LKC   A 1 1  ? 18.456  -12.044 -1.202  1.000 55.815  0 1   LKC   A "O5'" 1 ? 
HETATM 17  C  C5A   . LKC   A 1 1  ? 15.553  -13.920 2.425   1.000 58.372  0 1   LKC   A C5A   1 ? 
HETATM 18  O  "O2'" . LKC   A 1 1  ? 16.129  -14.407 -4.558  1.000 55.184  0 1   LKC   A "O2'" 1 ? 
HETATM 19  C  "C6'" . LKC   A 1 1  ? 17.608  -13.967 -4.307  1.000 53.801  0 1   LKC   A "C6'" 1 ? 
HETATM 20  O  "O5'" . LCC   A 1 2  ? 13.514  -11.726 -4.450  1.000 50.036  0 2   LCC   A "O5'" 1 ? 
HETATM 21  C  "C5'" . LCC   A 1 2  ? 13.443  -12.201 -5.775  1.000 48.174  0 2   LCC   A "C5'" 1 ? 
HETATM 22  C  "C4'" . LCC   A 1 2  ? 12.192  -13.083 -5.669  1.000 49.706  0 2   LCC   A "C4'" 1 ? 
HETATM 23  O  "O4'" . LCC   A 1 2  ? 12.269  -14.118 -4.656  1.000 51.005  0 2   LCC   A "O4'" 1 ? 
HETATM 24  C  "C1'" . LCC   A 1 2  ? 10.849  -14.472 -4.366  1.000 46.232  0 2   LCC   A "C1'" 1 ? 
HETATM 25  N  N1    . LCC   A 1 2  ? 10.570  -14.344 -2.943  1.000 49.588  0 2   LCC   A N1    1 ? 
HETATM 26  C  C6    . LCC   A 1 2  ? 11.410  -13.606 -2.100  1.000 48.318  0 2   LCC   A C6    1 ? 
HETATM 27  C  C5    . LCC   A 1 2  ? 11.132  -13.506 -0.795  1.000 49.702  0 2   LCC   A C5    1 ? 
HETATM 28  C  C5M   . LCC   A 1 2  ? 11.987  -12.760 0.025   1.000 54.034  0 2   LCC   A C5M   1 ? 
HETATM 29  C  C4    . LCC   A 1 2  ? 10.013  -14.192 -0.316  1.000 48.697  0 2   LCC   A C4    1 ? 
HETATM 30  N  N4    . LCC   A 1 2  ? 9.788   -14.119 0.959   1.000 51.400  0 2   LCC   A N4    1 ? 
HETATM 31  N  N3    . LCC   A 1 2  ? 9.241   -14.926 -1.107  1.000 47.566  0 2   LCC   A N3    1 ? 
HETATM 32  C  C2    . LCC   A 1 2  ? 9.492   -14.994 -2.430  1.000 47.136  0 2   LCC   A C2    1 ? 
HETATM 33  O  O2    . LCC   A 1 2  ? 8.783   -15.635 -3.228  1.000 52.737  0 2   LCC   A O2    1 ? 
HETATM 34  C  "C3'" . LCC   A 1 2  ? 10.911  -12.291 -5.230  1.000 50.111  0 2   LCC   A "C3'" 1 ? 
HETATM 35  C  "C2'" . LCC   A 1 2  ? 10.068  -13.542 -5.299  1.000 47.317  0 2   LCC   A "C2'" 1 ? 
HETATM 36  O  "O2'" . LCC   A 1 2  ? 10.339  -14.008 -6.638  1.000 53.052  0 2   LCC   A "O2'" 1 ? 
HETATM 37  O  "O3'" . LCC   A 1 2  ? 10.466  -11.326 -6.215  1.000 53.698  0 2   LCC   A "O3'" 1 ? 
HETATM 38  C  "C6'" . LCC   A 1 2  ? 11.826  -13.761 -6.951  1.000 56.325  0 2   LCC   A "C6'" 1 ? 
HETATM 39  P  P     . LCC   A 1 2  ? 14.704  -10.732 -3.950  1.000 56.269  0 2   LCC   A P     1 ? 
HETATM 40  O  O1P   . LCC   A 1 2  ? 14.456  -10.291 -2.609  1.000 50.129  0 2   LCC   A O1P   1 ? 
HETATM 41  O  O2P   . LCC   A 1 2  ? 15.078  -9.870  -5.063  1.000 56.626  0 2   LCC   A O2P   1 ? 
HETATM 42  O  "O5'" . LCC   A 1 3  ? 8.080   -10.948 -5.602  1.000 48.069  0 3   LCC   A "O5'" 1 ? 
HETATM 43  C  "C5'" . LCC   A 1 3  ? 7.582   -11.478 -6.827  1.000 46.108  0 3   LCC   A "C5'" 1 ? 
HETATM 44  C  "C4'" . LCC   A 1 3  ? 6.312   -12.280 -6.384  1.000 43.446  0 3   LCC   A "C4'" 1 ? 
HETATM 45  O  "O4'" . LCC   A 1 3  ? 6.645   -13.261 -5.393  1.000 47.783  0 3   LCC   A "O4'" 1 ? 
HETATM 46  C  "C1'" . LCC   A 1 3  ? 5.397   -13.501 -4.643  1.000 45.640  0 3   LCC   A "C1'" 1 ? 
HETATM 47  N  N1    . LCC   A 1 3  ? 5.615   -13.173 -3.249  1.000 47.663  0 3   LCC   A N1    1 ? 
HETATM 48  C  C6    . LCC   A 1 3  ? 6.742   -12.472 -2.795  1.000 46.163  0 3   LCC   A C6    1 ? 
HETATM 49  C  C5    . LCC   A 1 3  ? 6.891   -12.242 -1.461  1.000 47.212  0 3   LCC   A C5    1 ? 
HETATM 50  C  C5M   . LCC   A 1 3  ? 8.003   -11.473 -1.031  1.000 51.635  0 3   LCC   A C5M   1 ? 
HETATM 51  C  C4    . LCC   A 1 3  ? 5.941   -12.788 -0.600  1.000 45.643  0 3   LCC   A C4    1 ? 
HETATM 52  N  N4    . LCC   A 1 3  ? 6.087   -12.603 0.714   1.000 47.842  0 3   LCC   A N4    1 ? 
HETATM 53  N  N3    . LCC   A 1 3  ? 4.899   -13.494 -1.056  1.000 45.974  0 3   LCC   A N3    1 ? 
HETATM 54  C  C2    . LCC   A 1 3  ? 4.733   -13.652 -2.363  1.000 43.626  0 3   LCC   A C2    1 ? 
HETATM 55  O  O2    . LCC   A 1 3  ? 3.747   -14.291 -2.796  1.000 48.051  0 3   LCC   A O2    1 ? 
HETATM 56  C  "C3'" . LCC   A 1 3  ? 5.256   -11.496 -5.701  1.000 43.259  0 3   LCC   A "C3'" 1 ? 
HETATM 57  C  "C2'" . LCC   A 1 3  ? 4.374   -12.686 -5.414  1.000 43.859  0 3   LCC   A "C2'" 1 ? 
HETATM 58  O  "O2'" . LCC   A 1 3  ? 4.220   -13.294 -6.692  1.000 44.897  0 3   LCC   A "O2'" 1 ? 
HETATM 59  O  "O3'" . LCC   A 1 3  ? 4.690   -10.527 -6.595  1.000 49.143  0 3   LCC   A "O3'" 1 ? 
HETATM 60  C  "C6'" . LCC   A 1 3  ? 5.527   -12.925 -7.473  1.000 47.590  0 3   LCC   A "C6'" 1 ? 
HETATM 61  P  P     . LCC   A 1 3  ? 9.542   -10.097 -5.646  1.000 52.650  0 3   LCC   A P     1 ? 
HETATM 62  O  O1P   . LCC   A 1 3  ? 9.673   -9.654  -4.270  1.000 47.777  0 3   LCC   A O1P   1 ? 
HETATM 63  O  O2P   . LCC   A 1 3  ? 9.462   -9.250  -6.825  1.000 52.521  0 3   LCC   A O2P   1 ? 
HETATM 64  P  P     . LCG   A 1 4  ? 4.009   -9.144  -6.108  1.000 47.870  0 4   LCG   A P     1 ? 
HETATM 65  O  OP1   . LCG   A 1 4  ? 3.637   -8.460  -7.371  1.000 46.478  0 4   LCG   A OP1   1 ? 
HETATM 66  O  "O5'" . LCG   A 1 4  ? 2.694   -9.647  -5.336  1.000 46.203  0 4   LCG   A "O5'" 1 ? 
HETATM 67  C  "C5'" . LCG   A 1 4  ? 1.606   -10.199 -6.067  1.000 43.707  0 4   LCG   A "C5'" 1 ? 
HETATM 68  C  "C3'" . LCG   A 1 4  ? 0.147   -9.635  -4.051  1.000 43.308  0 4   LCG   A "C3'" 1 ? 
HETATM 69  C  "C6'" . LCG   A 1 4  ? -0.723  -11.269 -5.524  1.000 48.943  0 4   LCG   A "C6'" 1 ? 
HETATM 70  N  N9    . LCG   A 1 4  ? 1.320   -11.338 -1.817  1.000 42.870  0 4   LCG   A N9    1 ? 
HETATM 71  C  C8    . LCG   A 1 4  ? 2.601   -10.836 -1.978  1.000 44.443  0 4   LCG   A C8    1 ? 
HETATM 72  C  C4    . LCG   A 1 4  ? 1.057   -11.445 -0.542  1.000 45.836  0 4   LCG   A C4    1 ? 
HETATM 73  N  N7    . LCG   A 1 4  ? 3.116   -10.692 -0.763  1.000 46.522  0 4   LCG   A N7    1 ? 
HETATM 74  C  C5    . LCG   A 1 4  ? 2.183   -11.085 0.136   1.000 44.666  0 4   LCG   A C5    1 ? 
HETATM 75  C  C6    . LCG   A 1 4  ? 2.180   -11.139 1.494   1.000 54.859  0 4   LCG   A C6    1 ? 
HETATM 76  C  "C2'" . LCG   A 1 4  ? -0.733  -10.652 -3.264  1.000 43.851  0 4   LCG   A "C2'" 1 ? 
HETATM 77  O  O6    . LCG   A 1 4  ? 3.137   -10.820 2.223   1.000 49.030  0 4   LCG   A O6    1 ? 
HETATM 78  C  "C4'" . LCG   A 1 4  ? 0.594   -10.710 -4.973  1.000 43.438  0 4   LCG   A "C4'" 1 ? 
HETATM 79  C  "C1'" . LCG   A 1 4  ? 0.336   -11.699 -2.883  1.000 43.361  0 4   LCG   A "C1'" 1 ? 
HETATM 80  C  C2    . LCG   A 1 4  ? -0.075  -11.930 1.395   1.000 49.366  0 4   LCG   A C2    1 ? 
HETATM 81  N  N1    . LCG   A 1 4  ? 1.051   -11.579 2.122   1.000 44.368  0 4   LCG   A N1    1 ? 
HETATM 82  O  "O4'" . LCG   A 1 4  ? 1.206   -11.674 -4.043  1.000 44.842  0 4   LCG   A "O4'" 1 ? 
HETATM 83  O  OP2   . LCG   A 1 4  ? 4.802   -8.496  -5.040  1.000 46.365  0 4   LCG   A OP2   1 ? 
HETATM 84  N  N2    . LCG   A 1 4  ? -1.129  -12.312 2.071   1.000 41.461  0 4   LCG   A N2    1 ? 
HETATM 85  N  N3    . LCG   A 1 4  ? -0.061  -11.906 0.051   1.000 44.037  0 4   LCG   A N3    1 ? 
HETATM 86  O  "O2'" . LCG   A 1 4  ? -1.543  -11.234 -4.268  1.000 45.281  0 4   LCG   A "O2'" 1 ? 
HETATM 87  O  "O3'" . LCG   A 1 4  ? -0.600  -8.678  -4.726  1.000 43.562  0 4   LCG   A "O3'" 1 ? 
ATOM   88  P  P     . A     A 1 5  ? -0.771  -7.190  -4.163  1.000 45.771  0 5   A     A P     1 ? 
ATOM   89  O  OP1   . A     A 1 5  ? -1.316  -6.322  -5.251  1.000 44.371  0 5   A     A OP1   1 ? 
ATOM   90  O  OP2   . A     A 1 5  ? 0.402   -6.682  -3.383  1.000 45.454  0 5   A     A OP2   1 ? 
ATOM   91  O  "O5'" . A     A 1 5  ? -1.921  -7.302  -3.029  1.000 47.541  0 5   A     A "O5'" 1 ? 
ATOM   92  C  "C5'" . A     A 1 5  ? -3.183  -7.889  -3.351  1.000 44.147  0 5   A     A "C5'" 1 ? 
ATOM   93  C  "C4'" . A     A 1 5  ? -3.906  -8.159  -2.042  1.000 42.028  0 5   A     A "C4'" 1 ? 
ATOM   94  O  "O4'" . A     A 1 5  ? -3.264  -9.252  -1.321  1.000 42.524  0 5   A     A "O4'" 1 ? 
ATOM   95  C  "C3'" . A     A 1 5  ? -3.948  -7.015  -1.032  1.000 43.248  0 5   A     A "C3'" 1 ? 
ATOM   96  O  "O3'" . A     A 1 5  ? -4.985  -6.078  -1.326  1.000 43.366  0 5   A     A "O3'" 1 ? 
ATOM   97  C  "C2'" . A     A 1 5  ? -4.276  -7.808  0.231   1.000 44.576  0 5   A     A "C2'" 1 ? 
ATOM   98  O  "O2'" . A     A 1 5  ? -5.628  -8.190  0.225   1.000 45.637  0 5   A     A "O2'" 1 ? 
ATOM   99  C  "C1'" . A     A 1 5  ? -3.324  -8.984  0.071   1.000 51.265  0 5   A     A "C1'" 1 ? 
ATOM   100 N  N9    . A     A 1 5  ? -1.982  -8.705  0.579   1.000 46.978  0 5   A     A N9    1 ? 
ATOM   101 C  C8    . A     A 1 5  ? -0.870  -8.332  -0.145  1.000 50.723  0 5   A     A C8    1 ? 
ATOM   102 N  N7    . A     A 1 5  ? 0.211   -8.160  0.585   1.000 48.953  0 5   A     A N7    1 ? 
ATOM   103 C  C5    . A     A 1 5  ? -0.222  -8.442  1.870   1.000 49.825  0 5   A     A C5    1 ? 
ATOM   104 C  C6    . A     A 1 5  ? 0.455   -8.409  3.105   1.000 50.637  0 5   A     A C6    1 ? 
ATOM   105 N  N6    . A     A 1 5  ? 1.738   -8.103  3.209   1.000 50.600  0 5   A     A N6    1 ? 
ATOM   106 N  N1    . A     A 1 5  ? -0.246  -8.735  4.210   1.000 46.178  0 5   A     A N1    1 ? 
ATOM   107 C  C2    . A     A 1 5  ? -1.550  -9.023  4.082   1.000 49.929  0 5   A     A C2    1 ? 
ATOM   108 N  N3    . A     A 1 5  ? -2.303  -9.100  2.978   1.000 50.302  0 5   A     A N3    1 ? 
ATOM   109 C  C4    . A     A 1 5  ? -1.567  -8.766  1.892   1.000 49.103  0 5   A     A C4    1 ? 
ATOM   110 P  P     . C     A 1 6  ? -4.867  -4.530  -0.902  1.000 45.673  0 6   C     A P     1 ? 
ATOM   111 O  OP1   . C     A 1 6  ? -5.968  -3.763  -1.530  1.000 43.827  0 6   C     A OP1   1 ? 
ATOM   112 O  OP2   . C     A 1 6  ? -3.455  -4.063  -0.980  1.000 47.721  0 6   C     A OP2   1 ? 
ATOM   113 O  "O5'" . C     A 1 6  ? -5.030  -4.603  0.691   1.000 46.785  0 6   C     A "O5'" 1 ? 
ATOM   114 C  "C5'" . C     A 1 6  ? -6.298  -4.959  1.300   1.000 46.303  0 6   C     A "C5'" 1 ? 
ATOM   115 C  "C4'" . C     A 1 6  ? -6.066  -5.250  2.767   1.000 47.936  0 6   C     A "C4'" 1 ? 
ATOM   116 O  "O4'" . C     A 1 6  ? -5.023  -6.242  2.961   1.000 51.427  0 6   C     A "O4'" 1 ? 
ATOM   117 C  "C3'" . C     A 1 6  ? -5.560  -4.032  3.565   1.000 47.959  0 6   C     A "C3'" 1 ? 
ATOM   118 O  "O3'" . C     A 1 6  ? -6.679  -3.242  3.917   1.000 56.388  0 6   C     A "O3'" 1 ? 
ATOM   119 C  "C2'" . C     A 1 6  ? -4.955  -4.717  4.778   1.000 49.992  0 6   C     A "C2'" 1 ? 
ATOM   120 O  "O2'" . C     A 1 6  ? -6.016  -5.177  5.589   1.000 50.087  0 6   C     A "O2'" 1 ? 
ATOM   121 C  "C1'" . C     A 1 6  ? -4.239  -5.887  4.094   1.000 50.126  0 6   C     A "C1'" 1 ? 
ATOM   122 N  N1    . C     A 1 6  ? -2.837  -5.578  3.696   1.000 48.116  0 6   C     A N1    1 ? 
ATOM   123 C  C2    . C     A 1 6  ? -1.846  -5.608  4.688   1.000 52.610  0 6   C     A C2    1 ? 
ATOM   124 O  O2    . C     A 1 6  ? -2.187  -5.909  5.838   1.000 52.973  0 6   C     A O2    1 ? 
ATOM   125 N  N3    . C     A 1 6  ? -0.552  -5.374  4.359   1.000 49.403  0 6   C     A N3    1 ? 
ATOM   126 C  C4    . C     A 1 6  ? -0.234  -5.069  3.104   1.000 50.980  0 6   C     A C4    1 ? 
ATOM   127 N  N4    . C     A 1 6  ? 1.031   -4.839  2.822   1.000 50.070  0 6   C     A N4    1 ? 
ATOM   128 C  C5    . C     A 1 6  ? -1.227  -5.012  2.081   1.000 46.616  0 6   C     A C5    1 ? 
ATOM   129 C  C6    . C     A 1 6  ? -2.492  -5.278  2.417   1.000 49.310  0 6   C     A C6    1 ? 
ATOM   130 P  P     . U     A 1 7  ? -6.502  -1.662  4.107   1.000 55.311  0 7   U     A P     1 ? 
ATOM   131 O  OP1   . U     A 1 7  ? -7.893  -1.189  4.346   1.000 56.716  0 7   U     A OP1   1 ? 
ATOM   132 O  OP2   . U     A 1 7  ? -5.618  -0.987  3.129   1.000 50.163  0 7   U     A OP2   1 ? 
ATOM   133 O  "O5'" . U     A 1 7  ? -5.595  -1.613  5.426   1.000 56.675  0 7   U     A "O5'" 1 ? 
ATOM   134 C  "C5'" . U     A 1 7  ? -6.208  -1.995  6.674   1.000 58.809  0 7   U     A "C5'" 1 ? 
ATOM   135 C  "C4'" . U     A 1 7  ? -5.190  -1.825  7.771   1.000 59.232  0 7   U     A "C4'" 1 ? 
ATOM   136 O  "O4'" . U     A 1 7  ? -4.095  -2.741  7.552   1.000 58.427  0 7   U     A "O4'" 1 ? 
ATOM   137 C  "C3'" . U     A 1 7  ? -4.505  -0.459  7.838   1.000 60.337  0 7   U     A "C3'" 1 ? 
ATOM   138 O  "O3'" . U     A 1 7  ? -5.284  0.474   8.561   1.000 67.954  0 7   U     A "O3'" 1 ? 
ATOM   139 C  "C2'" . U     A 1 7  ? -3.235  -0.801  8.606   1.000 63.786  0 7   U     A "C2'" 1 ? 
ATOM   140 O  "O2'" . U     A 1 7  ? -3.530  -0.973  9.974   1.000 65.877  0 7   U     A "O2'" 1 ? 
ATOM   141 C  "C1'" . U     A 1 7  ? -2.890  -2.154  7.980   1.000 57.397  0 7   U     A "C1'" 1 ? 
ATOM   142 N  N1    . U     A 1 7  ? -1.948  -2.059  6.862   1.000 56.748  0 7   U     A N1    1 ? 
ATOM   143 C  C2    . U     A 1 7  ? -0.627  -1.946  7.229   1.000 60.104  0 7   U     A C2    1 ? 
ATOM   144 O  O2    . U     A 1 7  ? -0.288  -1.880  8.399   1.000 63.667  0 7   U     A O2    1 ? 
ATOM   145 N  N3    . U     A 1 7  ? 0.266   -1.903  6.197   1.000 57.167  0 7   U     A N3    1 ? 
ATOM   146 C  C4    . U     A 1 7  ? -0.024  -1.953  4.849   1.000 54.594  0 7   U     A C4    1 ? 
ATOM   147 O  O4    . U     A 1 7  ? 0.905   -1.898  4.040   1.000 55.498  0 7   U     A O4    1 ? 
ATOM   148 C  C5    . U     A 1 7  ? -1.421  -2.053  4.541   1.000 53.571  0 7   U     A C5    1 ? 
ATOM   149 C  C6    . U     A 1 7  ? -2.320  -2.108  5.537   1.000 57.780  0 7   U     A C6    1 ? 
ATOM   150 P  P     . U     A 1 8  ? -5.250  2.023   8.174   1.000 68.694  0 8   U     A P     1 ? 
ATOM   151 O  OP1   . U     A 1 8  ? -6.500  2.538   8.809   1.000 73.732  0 8   U     A OP1   1 ? 
ATOM   152 O  OP2   . U     A 1 8  ? -4.976  2.308   6.734   1.000 69.911  0 8   U     A OP2   1 ? 
ATOM   153 O  "O5'" . U     A 1 8  ? -3.900  2.521   8.837   1.000 70.487  0 8   U     A "O5'" 1 ? 
ATOM   154 C  "C5'" . U     A 1 8  ? -3.825  2.512   10.278  1.000 74.008  0 8   U     A "C5'" 1 ? 
ATOM   155 C  "C4'" . U     A 1 8  ? -2.408  2.825   10.636  1.000 68.579  0 8   U     A "C4'" 1 ? 
ATOM   156 O  "O4'" . U     A 1 8  ? -1.550  1.768   10.148  1.000 64.153  0 8   U     A "O4'" 1 ? 
ATOM   157 C  "C3'" . U     A 1 8  ? -1.818  4.071   9.976   1.000 75.239  0 8   U     A "C3'" 1 ? 
ATOM   158 O  "O3'" . U     A 1 8  ? -2.248  5.270   10.604  1.000 78.400  0 8   U     A "O3'" 1 ? 
ATOM   159 C  "C2'" . U     A 1 8  ? -0.331  3.792   10.168  1.000 74.813  0 8   U     A "C2'" 1 ? 
ATOM   160 O  "O2'" . U     A 1 8  ? 0.037   4.008   11.517  1.000 82.364  0 8   U     A "O2'" 1 ? 
ATOM   161 C  "C1'" . U     A 1 8  ? -0.280  2.297   9.845   1.000 69.543  0 8   U     A "C1'" 1 ? 
ATOM   162 N  N1    . U     A 1 8  ? 0.036   1.998   8.431   1.000 70.080  0 8   U     A N1    1 ? 
ATOM   163 C  C2    . U     A 1 8  ? 1.375   2.010   8.084   1.000 72.023  0 8   U     A C2    1 ? 
ATOM   164 O  O2    . U     A 1 8  ? 2.267   2.284   8.877   1.000 72.381  0 8   U     A O2    1 ? 
ATOM   165 N  N3    . U     A 1 8  ? 1.635   1.701   6.779   1.000 66.725  0 8   U     A N3    1 ? 
ATOM   166 C  C4    . U     A 1 8  ? 0.704   1.394   5.805   1.000 67.567  0 8   U     A C4    1 ? 
ATOM   167 O  O4    . U     A 1 8  ? 1.096   1.164   4.670   1.000 64.679  0 8   U     A O4    1 ? 
ATOM   168 C  C5    . U     A 1 8  ? -0.663  1.407   6.235   1.000 65.846  0 8   U     A C5    1 ? 
ATOM   169 C  C6    . U     A 1 8  ? -0.947  1.701   7.513   1.000 68.318  0 8   U     A C6    1 ? 
ATOM   170 P  P     . A     A 1 9  ? -2.259  6.636   9.767   1.000 74.630  0 9   A     A P     1 ? 
ATOM   171 O  OP1   . A     A 1 9  ? -2.976  7.614   10.630  1.000 92.208  0 9   A     A OP1   1 ? 
ATOM   172 O  OP2   . A     A 1 9  ? -2.746  6.395   8.376   1.000 79.753  0 9   A     A OP2   1 ? 
ATOM   173 O  "O5'" . A     A 1 9  ? -0.727  6.987   9.512   1.000 75.584  0 9   A     A "O5'" 1 ? 
ATOM   174 C  "C5'" . A     A 1 9  ? 0.078   7.399   10.625  1.000 76.795  0 9   A     A "C5'" 1 ? 
ATOM   175 C  "C4'" . A     A 1 9  ? 1.462   7.676   10.112  1.000 75.068  0 9   A     A "C4'" 1 ? 
ATOM   176 O  "O4'" . A     A 1 9  ? 2.073   6.429   9.699   1.000 72.240  0 9   A     A "O4'" 1 ? 
ATOM   177 C  "C3'" . A     A 1 9  ? 1.556   8.557   8.868   1.000 76.743  0 9   A     A "C3'" 1 ? 
ATOM   178 O  "O3'" . A     A 1 9  ? 1.486   9.939   9.177   1.000 80.829  0 9   A     A "O3'" 1 ? 
ATOM   179 C  "C2'" . A     A 1 9  ? 2.939   8.175   8.351   1.000 76.494  0 9   A     A "C2'" 1 ? 
ATOM   180 O  "O2'" . A     A 1 9  ? 3.999   8.809   9.034   1.000 83.888  0 9   A     A "O2'" 1 ? 
ATOM   181 C  "C1'" . A     A 1 9  ? 2.911   6.670   8.591   1.000 71.881  0 9   A     A "C1'" 1 ? 
ATOM   182 N  N9    . A     A 1 9  ? 2.397   5.935   7.439   1.000 71.721  0 9   A     A N9    1 ? 
ATOM   183 C  C8    . A     A 1 9  ? 1.117   5.512   7.184   1.000 69.102  0 9   A     A C8    1 ? 
ATOM   184 N  N7    . A     A 1 9  ? 0.997   4.895   6.035   1.000 71.599  0 9   A     A N7    1 ? 
ATOM   185 C  C5    . A     A 1 9  ? 2.276   4.922   5.498   1.000 64.811  0 9   A     A C5    1 ? 
ATOM   186 C  C6    . A     A 1 9  ? 2.816   4.424   4.301   1.000 65.384  0 9   A     A C6    1 ? 
ATOM   187 N  N6    . A     A 1 9  ? 2.106   3.769   3.388   1.000 67.775  0 9   A     A N6    1 ? 
ATOM   188 N  N1    . A     A 1 9  ? 4.129   4.629   4.070   1.000 63.934  0 9   A     A N1    1 ? 
ATOM   189 C  C2    . A     A 1 9  ? 4.847   5.279   4.994   1.000 70.391  0 9   A     A C2    1 ? 
ATOM   190 N  N3    . A     A 1 9  ? 4.452   5.778   6.159   1.000 61.729  0 9   A     A N3    1 ? 
ATOM   191 C  C4    . A     A 1 9  ? 3.143   5.567   6.351   1.000 66.828  0 9   A     A C4    1 ? 
ATOM   192 P  P     . A     A 1 10 ? 0.733   10.942  8.176   1.000 89.872  0 10  A     A P     1 ? 
ATOM   193 O  OP1   . A     A 1 10 ? 0.595   12.296  8.780   1.000 95.188  0 10  A     A OP1   1 ? 
ATOM   194 O  OP2   . A     A 1 10 ? -0.486  10.256  7.661   1.000 92.676  0 10  A     A OP2   1 ? 
ATOM   195 O  "O5'" . A     A 1 10 ? 1.844   11.114  7.050   1.000 72.847  0 10  A     A "O5'" 1 ? 
ATOM   196 C  "C5'" . A     A 1 10 ? 3.106   11.651  7.461   1.000 72.319  0 10  A     A "C5'" 1 ? 
ATOM   197 C  "C4'" . A     A 1 10 ? 4.123   11.451  6.372   1.000 78.418  0 10  A     A "C4'" 1 ? 
ATOM   198 O  "O4'" . A     A 1 10 ? 4.387   10.035  6.218   1.000 77.414  0 10  A     A "O4'" 1 ? 
ATOM   199 C  "C3'" . A     A 1 10 ? 3.733   11.911  4.966   1.000 79.485  0 10  A     A "C3'" 1 ? 
ATOM   200 O  "O3'" . A     A 1 10 ? 3.922   13.300  4.727   1.000 86.897  0 10  A     A "O3'" 1 ? 
ATOM   201 C  "C2'" . A     A 1 10 ? 4.754   11.120  4.152   1.000 78.669  0 10  A     A "C2'" 1 ? 
ATOM   202 O  "O2'" . A     A 1 10 ? 6.029   11.710  4.169   1.000 79.235  0 10  A     A "O2'" 1 ? 
ATOM   203 C  "C1'" . A     A 1 10 ? 4.712   9.772   4.871   1.000 81.965  0 10  A     A "C1'" 1 ? 
ATOM   204 N  N9    . A     A 1 10 ? 3.705   8.899   4.273   1.000 65.073  0 10  A     A N9    1 ? 
ATOM   205 C  C8    . A     A 1 10 ? 2.406   8.683   4.669   1.000 73.041  0 10  A     A C8    1 ? 
ATOM   206 N  N7    . A     A 1 10 ? 1.747   7.877   3.872   1.000 64.284  0 10  A     A N7    1 ? 
ATOM   207 C  C5    . A     A 1 10 ? 2.666   7.567   2.878   1.000 65.833  0 10  A     A C5    1 ? 
ATOM   208 C  C6    . A     A 1 10 ? 2.584   6.758   1.732   1.000 65.456  0 10  A     A C6    1 ? 
ATOM   209 N  N6    . A     A 1 10 ? 1.486   6.096   1.393   1.000 65.601  0 10  A     A N6    1 ? 
ATOM   210 N  N1    . A     A 1 10 ? 3.679   6.661   0.942   1.000 65.995  0 10  A     A N1    1 ? 
ATOM   211 C  C2    . A     A 1 10 ? 4.779   7.341   1.294   1.000 72.423  0 10  A     A C2    1 ? 
ATOM   212 N  N3    . A     A 1 10 ? 4.979   8.127   2.349   1.000 64.293  0 10  A     A N3    1 ? 
ATOM   213 C  C4    . A     A 1 10 ? 3.870   8.204   3.107   1.000 64.059  0 10  A     A C4    1 ? 
ATOM   214 P  P     . G     A 1 11 ? 3.034   14.105  3.650   1.000 83.232  0 11  G     A P     1 ? 
ATOM   215 O  OP1   . G     A 1 11 ? 3.373   15.556  3.705   1.000 95.657  0 11  G     A OP1   1 ? 
ATOM   216 O  OP2   . G     A 1 11 ? 1.606   13.693  3.775   1.000 80.520  0 11  G     A OP2   1 ? 
ATOM   217 O  "O5'" . G     A 1 11 ? 3.588   13.703  2.210   1.000 73.142  0 11  G     A "O5'" 1 ? 
ATOM   218 C  "C5'" . G     A 1 11 ? 4.925   14.098  1.861   1.000 70.786  0 11  G     A "C5'" 1 ? 
ATOM   219 C  "C4'" . G     A 1 11 ? 5.381   13.307  0.668   1.000 72.886  0 11  G     A "C4'" 1 ? 
ATOM   220 O  "O4'" . G     A 1 11 ? 5.202   11.891  0.924   1.000 72.590  0 11  G     A "O4'" 1 ? 
ATOM   221 C  "C3'" . G     A 1 11 ? 4.614   13.516  -0.635  1.000 77.868  0 11  G     A "C3'" 1 ? 
ATOM   222 O  "O3'" . G     A 1 11 ? 4.998   14.689  -1.333  1.000 81.260  0 11  G     A "O3'" 1 ? 
ATOM   223 C  "C2'" . G     A 1 11 ? 5.042   12.273  -1.408  1.000 73.189  0 11  G     A "C2'" 1 ? 
ATOM   224 O  "O2'" . G     A 1 11 ? 6.326   12.395  -1.983  1.000 75.486  0 11  G     A "O2'" 1 ? 
ATOM   225 C  "C1'" . G     A 1 11 ? 4.955   11.231  -0.298  1.000 72.960  0 11  G     A "C1'" 1 ? 
ATOM   226 N  N9    . G     A 1 11 ? 3.657   10.558  -0.227  1.000 66.707  0 11  G     A N9    1 ? 
ATOM   227 C  C8    . G     A 1 11 ? 2.658   10.662  0.712   1.000 61.967  0 11  G     A C8    1 ? 
ATOM   228 N  N7    . G     A 1 11 ? 1.637   9.858   0.486   1.000 60.887  0 11  G     A N7    1 ? 
ATOM   229 C  C5    . G     A 1 11 ? 1.996   9.196   -0.683  1.000 58.337  0 11  G     A C5    1 ? 
ATOM   230 C  C6    . G     A 1 11 ? 1.299   8.208   -1.422  1.000 54.349  0 11  G     A C6    1 ? 
ATOM   231 O  O6    . G     A 1 11 ? 0.197   7.715   -1.158  1.000 61.373  0 11  G     A O6    1 ? 
ATOM   232 N  N1    . G     A 1 11 ? 2.030   7.789   -2.522  1.000 52.756  0 11  G     A N1    1 ? 
ATOM   233 C  C2    . G     A 1 11 ? 3.252   8.280   -2.904  1.000 57.492  0 11  G     A C2    1 ? 
ATOM   234 N  N2    . G     A 1 11 ? 3.803   7.766   -4.006  1.000 59.511  0 11  G     A N2    1 ? 
ATOM   235 N  N3    . G     A 1 11 ? 3.922   9.201   -2.208  1.000 62.852  0 11  G     A N3    1 ? 
ATOM   236 C  C4    . G     A 1 11 ? 3.243   9.589   -1.107  1.000 54.775  0 11  G     A C4    1 ? 
ATOM   237 P  P     . U     A 1 12 ? 3.906   15.563  -2.113  1.000 74.695  0 12  U     A P     1 ? 
ATOM   238 O  OP1   . U     A 1 12 ? 4.476   16.926  -2.311  1.000 93.793  0 12  U     A OP1   1 ? 
ATOM   239 O  OP2   . U     A 1 12 ? 2.590   15.447  -1.424  1.000 66.229  0 12  U     A OP2   1 ? 
ATOM   240 O  "O5'" . U     A 1 12 ? 3.889   14.846  -3.535  1.000 70.716  0 12  U     A "O5'" 1 ? 
ATOM   241 C  "C5'" . U     A 1 12 ? 5.148   14.650  -4.238  1.000 71.252  0 12  U     A "C5'" 1 ? 
ATOM   242 C  "C4'" . U     A 1 12 ? 4.904   13.736  -5.412  1.000 71.388  0 12  U     A "C4'" 1 ? 
ATOM   243 O  "O4'" . U     A 1 12 ? 4.682   12.376  -4.942  1.000 78.504  0 12  U     A "O4'" 1 ? 
ATOM   244 C  "C3'" . U     A 1 12 ? 3.644   14.025  -6.234  1.000 66.509  0 12  U     A "C3'" 1 ? 
ATOM   245 O  "O3'" . U     A 1 12 ? 3.785   15.072  -7.185  1.000 66.626  0 12  U     A "O3'" 1 ? 
ATOM   246 C  "C2'" . U     A 1 12 ? 3.465   12.674  -6.929  1.000 60.032  0 12  U     A "C2'" 1 ? 
ATOM   247 O  "O2'" . U     A 1 12 ? 4.410   12.410  -7.949  1.000 58.326  0 12  U     A "O2'" 1 ? 
ATOM   248 C  "C1'" . U     A 1 12 ? 3.734   11.725  -5.771  1.000 57.870  0 12  U     A "C1'" 1 ? 
ATOM   249 N  N1    . U     A 1 12 ? 2.522   11.363  -4.982  1.000 58.705  0 12  U     A N1    1 ? 
ATOM   250 C  C2    . U     A 1 12 ? 1.730   10.316  -5.454  1.000 57.320  0 12  U     A C2    1 ? 
ATOM   251 O  O2    . U     A 1 12 ? 1.940   9.760   -6.525  1.000 56.794  0 12  U     A O2    1 ? 
ATOM   252 N  N3    . U     A 1 12 ? 0.652   9.986   -4.663  1.000 51.121  0 12  U     A N3    1 ? 
ATOM   253 C  C4    . U     A 1 12 ? 0.269   10.590  -3.486  1.000 52.855  0 12  U     A C4    1 ? 
ATOM   254 O  O4    . U     A 1 12 ? -0.725  10.196  -2.881  1.000 58.194  0 12  U     A O4    1 ? 
ATOM   255 C  C5    . U     A 1 12 ? 1.140   11.652  -3.056  1.000 58.719  0 12  U     A C5    1 ? 
ATOM   256 C  C6    . U     A 1 12 ? 2.202   11.992  -3.807  1.000 57.379  0 12  U     A C6    1 ? 
ATOM   257 P  P     . C     A 1 13 ? 2.497   15.859  -7.727  1.000 71.278  0 13  C     A P     1 ? 
ATOM   258 O  OP1   . C     A 1 13 ? 2.902   17.007  -8.585  1.000 74.143  0 13  C     A OP1   1 ? 
ATOM   259 O  OP2   . C     A 1 13 ? 1.510   16.084  -6.634  1.000 61.170  0 13  C     A OP2   1 ? 
ATOM   260 O  "O5'" . C     A 1 13 ? 1.640   14.885  -8.675  1.000 61.139  0 13  C     A "O5'" 1 ? 
ATOM   261 C  "C5'" . C     A 1 13 ? 2.171   14.380  -9.905  1.000 58.067  0 13  C     A "C5'" 1 ? 
ATOM   262 C  "C4'" . C     A 1 13 ? 1.327   13.184  -10.299 1.000 58.782  0 13  C     A "C4'" 1 ? 
ATOM   263 O  "O4'" . C     A 1 13 ? 1.296   12.203  -9.217  1.000 57.658  0 13  C     A "O4'" 1 ? 
ATOM   264 C  "C3'" . C     A 1 13 ? -0.159  13.456  -10.531 1.000 56.042  0 13  C     A "C3'" 1 ? 
ATOM   265 O  "O3'" . C     A 1 13 ? -0.345  14.063  -11.797 1.000 57.246  0 13  C     A "O3'" 1 ? 
ATOM   266 C  "C2'" . C     A 1 13 ? -0.702  12.015  -10.495 1.000 52.178  0 13  C     A "C2'" 1 ? 
ATOM   267 O  "O2'" . C     A 1 13 ? -0.354  11.299  -11.661 1.000 49.043  0 13  C     A "O2'" 1 ? 
ATOM   268 C  "C1'" . C     A 1 13 ? 0.081   11.471  -9.296  1.000 56.607  0 13  C     A "C1'" 1 ? 
ATOM   269 N  N1    . C     A 1 13 ? -0.676  11.620  -8.022  1.000 53.088  0 13  C     A N1    1 ? 
ATOM   270 C  C2    . C     A 1 13 ? -1.689  10.689  -7.757  1.000 51.239  0 13  C     A C2    1 ? 
ATOM   271 O  O2    . C     A 1 13 ? -1.891  9.785   -8.587  1.000 47.437  0 13  C     A O2    1 ? 
ATOM   272 N  N3    . C     A 1 13 ? -2.420  10.810  -6.622  1.000 48.655  0 13  C     A N3    1 ? 
ATOM   273 C  C4    . C     A 1 13 ? -2.164  11.808  -5.751  1.000 53.594  0 13  C     A C4    1 ? 
ATOM   274 N  N4    . C     A 1 13 ? -2.878  11.868  -4.642  1.000 55.552  0 13  C     A N4    1 ? 
ATOM   275 C  C5    . C     A 1 13 ? -1.145  12.768  -6.013  1.000 52.707  0 13  C     A C5    1 ? 
ATOM   276 C  C6    . C     A 1 13 ? -0.435  12.640  -7.146  1.000 51.797  0 13  C     A C6    1 ? 
ATOM   277 P  P     . G     A 1 14 ? -1.619  14.993  -12.048 1.000 63.182  0 14  G     A P     1 ? 
ATOM   278 O  OP1   . G     A 1 14 ? -1.473  15.522  -13.431 1.000 63.338  0 14  G     A OP1   1 ? 
ATOM   279 O  OP2   . G     A 1 14 ? -1.802  15.866  -10.862 1.000 62.697  0 14  G     A OP2   1 ? 
ATOM   280 O  "O5'" . G     A 1 14 ? -2.945  14.098  -12.005 1.000 50.894  0 14  G     A "O5'" 1 ? 
ATOM   281 C  "C5'" . G     A 1 14 ? -3.154  13.153  -13.058 1.000 47.623  0 14  G     A "C5'" 1 ? 
ATOM   282 C  "C4'" . G     A 1 14 ? -4.312  12.250  -12.694 1.000 47.082  0 14  G     A "C4'" 1 ? 
ATOM   283 O  "O4'" . G     A 1 14 ? -4.032  11.552  -11.463 1.000 49.658  0 14  G     A "O4'" 1 ? 
ATOM   284 C  "C3'" . G     A 1 14 ? -5.669  12.900  -12.417 1.000 50.876  0 14  G     A "C3'" 1 ? 
ATOM   285 O  "O3'" . G     A 1 14 ? -6.350  13.231  -13.615 1.000 53.049  0 14  G     A "O3'" 1 ? 
ATOM   286 C  "C2'" . G     A 1 14 ? -6.382  11.729  -11.732 1.000 51.145  0 14  G     A "C2'" 1 ? 
ATOM   287 O  "O2'" . G     A 1 14 ? -6.768  10.756  -12.684 1.000 48.541  0 14  G     A "O2'" 1 ? 
ATOM   288 C  "C1'" . G     A 1 14 ? -5.254  11.195  -10.851 1.000 48.813  0 14  G     A "C1'" 1 ? 
ATOM   289 N  N9    . G     A 1 14 ? -5.276  11.714  -9.491  1.000 49.565  0 14  G     A N9    1 ? 
ATOM   290 C  C8    . G     A 1 14 ? -4.488  12.680  -8.905  1.000 50.233  0 14  G     A C8    1 ? 
ATOM   291 N  N7    . G     A 1 14 ? -4.802  12.907  -7.652  1.000 54.805  0 14  G     A N7    1 ? 
ATOM   292 C  C5    . G     A 1 14 ? -5.842  12.012  -7.392  1.000 48.292  0 14  G     A C5    1 ? 
ATOM   293 C  C6    . G     A 1 14 ? -6.590  11.776  -6.212  1.000 46.595  0 14  G     A C6    1 ? 
ATOM   294 O  O6    . G     A 1 14 ? -6.492  12.322  -5.112  1.000 47.961  0 14  G     A O6    1 ? 
ATOM   295 N  N1    . G     A 1 14 ? -7.582  10.822  -6.407  1.000 45.345  0 14  G     A N1    1 ? 
ATOM   296 C  C2    . G     A 1 14 ? -7.783  10.120  -7.569  1.000 46.805  0 14  G     A C2    1 ? 
ATOM   297 N  N2    . G     A 1 14 ? -8.799  9.238   -7.586  1.000 45.230  0 14  G     A N2    1 ? 
ATOM   298 N  N3    . G     A 1 14 ? -7.093  10.336  -8.679  1.000 46.793  0 14  G     A N3    1 ? 
ATOM   299 C  C4    . G     A 1 14 ? -6.138  11.282  -8.516  1.000 48.892  0 14  G     A C4    1 ? 
HETATM 300 N  N1    . LKC   B 1 1  ? -13.455 16.433  3.163   1.000 48.242  0 1   LKC   B N1    1 ? 
HETATM 301 C  C2    . LKC   B 1 1  ? -13.421 16.313  1.831   1.000 50.584  0 1   LKC   B C2    1 ? 
HETATM 302 N  N3    . LKC   B 1 1  ? -12.365 16.700  1.164   1.000 51.154  0 1   LKC   B N3    1 ? 
HETATM 303 C  C4    . LKC   B 1 1  ? -11.348 17.225  1.790   1.000 53.371  0 1   LKC   B C4    1 ? 
HETATM 304 C  C5    . LKC   B 1 1  ? -11.313 17.396  3.174   1.000 55.326  0 1   LKC   B C5    1 ? 
HETATM 305 C  C6    . LKC   B 1 1  ? -12.398 16.988  3.866   1.000 52.108  0 1   LKC   B C6    1 ? 
HETATM 306 O  O2    . LKC   B 1 1  ? -14.369 15.814  1.235   1.000 48.892  0 1   LKC   B O2    1 ? 
HETATM 307 N  N4    . LKC   B 1 1  ? -10.314 17.601  1.076   1.000 58.103  0 1   LKC   B N4    1 ? 
HETATM 308 C  "C1'" . LKC   B 1 1  ? -14.664 16.029  3.850   1.000 52.038  0 1   LKC   B "C1'" 1 ? 
HETATM 309 C  "C2'" . LKC   B 1 1  ? -14.845 14.548  4.055   1.000 52.003  0 1   LKC   B "C2'" 1 ? 
HETATM 310 C  "C3'" . LKC   B 1 1  ? -14.036 14.357  5.351   1.000 54.603  0 1   LKC   B "C3'" 1 ? 
HETATM 311 C  "C4'" . LKC   B 1 1  ? -14.849 15.413  6.092   1.000 49.954  0 1   LKC   B "C4'" 1 ? 
HETATM 312 O  "O4'" . LKC   B 1 1  ? -14.529 16.565  5.221   1.000 55.766  0 1   LKC   B "O4'" 1 ? 
HETATM 313 O  "O3'" . LKC   B 1 1  ? -14.248 13.067  5.875   1.000 60.898  0 1   LKC   B "O3'" 1 ? 
HETATM 314 C  "C5'" . LKC   B 1 1  ? -14.475 15.533  7.587   1.000 49.797  0 1   LKC   B "C5'" 1 ? 
HETATM 315 O  "O5'" . LKC   B 1 1  ? -13.129 16.075  7.539   1.000 56.551  0 1   LKC   B "O5'" 1 ? 
HETATM 316 C  C5A   . LKC   B 1 1  ? -10.228 17.925  3.865   1.000 59.567  0 1   LKC   B C5A   1 ? 
HETATM 317 O  "O2'" . LKC   B 1 1  ? -16.198 14.348  4.476   1.000 56.828  0 1   LKC   B "O2'" 1 ? 
HETATM 318 C  "C6'" . LKC   B 1 1  ? -16.232 14.943  5.890   1.000 53.645  0 1   LKC   B "C6'" 1 ? 
HETATM 319 O  "O5'" . LCC   B 1 2  ? -13.846 11.419  3.971   1.000 50.266  0 2   LCC   B "O5'" 1 ? 
HETATM 320 C  "C5'" . LCC   B 1 2  ? -15.124 10.853  3.694   1.000 47.661  0 2   LCC   B "C5'" 1 ? 
HETATM 321 C  "C4'" . LCC   B 1 2  ? -15.096 10.804  2.162   1.000 51.411  0 2   LCC   B "C4'" 1 ? 
HETATM 322 O  "O4'" . LCC   B 1 2  ? -14.838 12.097  1.515   1.000 51.420  0 2   LCC   B "O4'" 1 ? 
HETATM 323 C  "C1'" . LCC   B 1 2  ? -14.393 11.763  0.146   1.000 46.664  0 2   LCC   B "C1'" 1 ? 
HETATM 324 N  N1    . LCC   B 1 2  ? -13.104 12.400  -0.047  1.000 49.592  0 2   LCC   B N1    1 ? 
HETATM 325 C  C6    . LCC   B 1 2  ? -12.350 12.860  1.020   1.000 49.223  0 2   LCC   B C6    1 ? 
HETATM 326 C  C5    . LCC   B 1 2  ? -11.156 13.447  0.788   1.000 48.951  0 2   LCC   B C5    1 ? 
HETATM 327 C  C5M   . LCC   B 1 2  ? -10.394 13.908  1.851   1.000 53.256  0 2   LCC   B C5M   1 ? 
HETATM 328 C  C4    . LCC   B 1 2  ? -10.741 13.598  -0.545  1.000 49.610  0 2   LCC   B C4    1 ? 
HETATM 329 N  N4    . LCC   B 1 2  ? -9.607  14.200  -0.744  1.000 51.316  0 2   LCC   B N4    1 ? 
HETATM 330 N  N3    . LCC   B 1 2  ? -11.481 13.175  -1.552  1.000 48.050  0 2   LCC   B N3    1 ? 
HETATM 331 C  C2    . LCC   B 1 2  ? -12.650 12.564  -1.322  1.000 47.318  0 2   LCC   B C2    1 ? 
HETATM 332 O  O2    . LCC   B 1 2  ? -13.353 12.119  -2.242  1.000 51.466  0 2   LCC   B O2    1 ? 
HETATM 333 C  "C3'" . LCC   B 1 2  ? -13.952 9.926   1.590   1.000 49.311  0 2   LCC   B "C3'" 1 ? 
HETATM 334 C  "C2'" . LCC   B 1 2  ? -14.406 10.234  0.148   1.000 46.529  0 2   LCC   B "C2'" 1 ? 
HETATM 335 O  "O2'" . LCC   B 1 2  ? -15.807 9.876   0.178   1.000 53.556  0 2   LCC   B "O2'" 1 ? 
HETATM 336 O  "O3'" . LCC   B 1 2  ? -14.099 8.542   1.900   1.000 53.187  0 2   LCC   B "O3'" 1 ? 
HETATM 337 C  "C6'" . LCC   B 1 2  ? -16.351 10.227  1.558   1.000 55.319  0 2   LCC   B "C6'" 1 ? 
HETATM 338 P  P     . LCC   B 1 2  ? -13.360 11.732  5.492   1.000 56.036  0 2   LCC   B P     1 ? 
HETATM 339 O  O1P   . LCC   B 1 2  ? -11.982 12.117  5.511   1.000 50.676  0 2   LCC   B O1P   1 ? 
HETATM 340 O  O2P   . LCC   B 1 2  ? -13.947 10.737  6.382   1.000 56.646  0 2   LCC   B O2P   1 ? 
HETATM 341 O  "O5'" . LCC   B 1 3  ? -12.676 7.452   0.161   1.000 49.049  0 3   LCC   B "O5'" 1 ? 
HETATM 342 C  "C5'" . LCC   B 1 3  ? -13.740 6.766   -0.492  1.000 46.629  0 3   LCC   B "C5'" 1 ? 
HETATM 343 C  "C4'" . LCC   B 1 3  ? -13.362 6.928   -2.000  1.000 43.910  0 3   LCC   B "C4'" 1 ? 
HETATM 344 O  "O4'" . LCC   B 1 3  ? -13.197 8.312   -2.388  1.000 46.482  0 3   LCC   B "O4'" 1 ? 
HETATM 345 C  "C1'" . LCC   B 1 3  ? -12.282 8.256   -3.545  1.000 44.872  0 3   LCC   B "C1'" 1 ? 
HETATM 346 N  N1    . LCC   B 1 3  ? -11.086 9.000   -3.253  1.000 46.845  0 3   LCC   B N1    1 ? 
HETATM 347 C  C6    . LCC   B 1 3  ? -10.721 9.405   -1.950  1.000 44.081  0 3   LCC   B C6    1 ? 
HETATM 348 C  C5    . LCC   B 1 3  ? -9.597  10.152  -1.781  1.000 47.896  0 3   LCC   B C5    1 ? 
HETATM 349 C  C5M   . LCC   B 1 3  ? -9.193  10.514  -0.483  1.000 51.418  0 3   LCC   B C5M   1 ? 
HETATM 350 C  C4    . LCC   B 1 3  ? -8.902  10.515  -2.927  1.000 46.924  0 3   LCC   B C4    1 ? 
HETATM 351 N  N4    . LCC   B 1 3  ? -7.817  11.256  -2.787  1.000 47.767  0 3   LCC   B N4    1 ? 
HETATM 352 N  N3    . LCC   B 1 3  ? -9.298  10.155  -4.161  1.000 44.646  0 3   LCC   B N3    1 ? 
HETATM 353 C  C2    . LCC   B 1 3  ? -10.348 9.381   -4.315  1.000 43.040  0 3   LCC   B C2    1 ? 
HETATM 354 O  O2    . LCC   B 1 3  ? -10.678 9.010   -5.470  1.000 46.464  0 3   LCC   B O2    1 ? 
HETATM 355 C  "C3'" . LCC   B 1 3  ? -12.074 6.302   -2.396  1.000 42.067  0 3   LCC   B "C3'" 1 ? 
HETATM 356 C  "C2'" . LCC   B 1 3  ? -12.139 6.769   -3.827  1.000 44.863  0 3   LCC   B "C2'" 1 ? 
HETATM 357 O  "O2'" . LCC   B 1 3  ? -13.409 6.323   -4.261  1.000 43.592  0 3   LCC   B "O2'" 1 ? 
HETATM 358 O  "O3'" . LCC   B 1 3  ? -12.113 4.876   -2.205  1.000 48.544  0 3   LCC   B "O3'" 1 ? 
HETATM 359 C  "C6'" . LCC   B 1 3  ? -14.293 6.262   -2.970  1.000 48.769  0 3   LCC   B "C6'" 1 ? 
HETATM 360 P  P     . LCC   B 1 3  ? -12.730 7.628   1.829   1.000 52.370  0 3   LCC   B P     1 ? 
HETATM 361 O  O1P   . LCC   B 1 3  ? -11.462 8.275   2.116   1.000 47.488  0 3   LCC   B O1P   1 ? 
HETATM 362 O  O2P   . LCC   B 1 3  ? -13.186 6.351   2.352   1.000 53.042  0 3   LCC   B O2P   1 ? 
HETATM 363 P  P     . LCG   B 1 4  ? -10.800 3.963   -1.972  1.000 47.597  0 4   LCG   B P     1 ? 
HETATM 364 O  OP1   . LCG   B 1 4  ? -11.378 2.594   -1.801  1.000 46.308  0 4   LCG   B OP1   1 ? 
HETATM 365 O  "O5'" . LCG   B 1 4  ? -10.055 4.112   -3.383  1.000 44.890  0 4   LCG   B "O5'" 1 ? 
HETATM 366 C  "C5'" . LCG   B 1 4  ? -10.528 3.423   -4.529  1.000 42.692  0 4   LCG   B "C5'" 1 ? 
HETATM 367 C  "C3'" . LCG   B 1 4  ? -8.136  3.565   -5.460  1.000 43.118  0 4   LCG   B "C3'" 1 ? 
HETATM 368 C  "C6'" . LCG   B 1 4  ? -9.901  3.216   -7.058  1.000 47.044  0 4   LCG   B "C6'" 1 ? 
HETATM 369 N  N9    . LCG   B 1 4  ? -7.625  6.546   -5.652  1.000 43.264  0 4   LCG   B N9    1 ? 
HETATM 370 C  C8    . LCG   B 1 4  ? -7.905  6.800   -4.336  1.000 45.261  0 4   LCG   B C8    1 ? 
HETATM 371 C  C4    . LCG   B 1 4  ? -6.573  7.240   -6.003  1.000 44.783  0 4   LCG   B C4    1 ? 
HETATM 372 N  N7    . LCG   B 1 4  ? -7.010  7.703   -3.916  1.000 46.029  0 4   LCG   B N7    1 ? 
HETATM 373 C  C5    . LCG   B 1 4  ? -6.201  8.007   -4.943  1.000 44.456  0 4   LCG   B C5    1 ? 
HETATM 374 C  C6    . LCG   B 1 4  ? -5.134  8.841   -5.075  1.000 52.837  0 4   LCG   B C6    1 ? 
HETATM 375 C  "C2'" . LCG   B 1 4  ? -7.747  4.194   -6.820  1.000 42.766  0 4   LCG   B "C2'" 1 ? 
HETATM 376 O  O6    . LCG   B 1 4  ? -4.681  9.589   -4.191  1.000 46.930  0 4   LCG   B O6    1 ? 
HETATM 377 C  "C4'" . LCG   B 1 4  ? -9.581  3.885   -5.697  1.000 43.288  0 4   LCG   B "C4'" 1 ? 
HETATM 378 C  "C1'" . LCG   B 1 4  ? -8.340  5.606   -6.626  1.000 43.121  0 4   LCG   B "C1'" 1 ? 
HETATM 379 C  C2    . LCG   B 1 4  ? -4.890  8.107   -7.330  1.000 49.787  0 4   LCG   B C2    1 ? 
HETATM 380 N  N1    . LCG   B 1 4  ? -4.518  8.914   -6.275  1.000 44.134  0 4   LCG   B N1    1 ? 
HETATM 381 O  "O4'" . LCG   B 1 4  ? -9.535  5.344   -5.844  1.000 44.740  0 4   LCG   B "O4'" 1 ? 
HETATM 382 O  OP2   . LCG   B 1 4  ? -9.919  4.586   -0.999  1.000 45.431  0 4   LCG   B OP2   1 ? 
HETATM 383 N  N2    . LCG   B 1 4  ? -4.198  8.209   -8.452  1.000 42.087  0 4   LCG   B N2    1 ? 
HETATM 384 N  N3    . LCG   B 1 4  ? -5.968  7.311   -7.209  1.000 43.881  0 4   LCG   B N3    1 ? 
HETATM 385 O  "O2'" . LCG   B 1 4  ? -8.560  3.524   -7.763  1.000 43.845  0 4   LCG   B "O2'" 1 ? 
HETATM 386 O  "O3'" . LCG   B 1 4  ? -7.954  2.157   -5.406  1.000 44.479  0 4   LCG   B "O3'" 1 ? 
ATOM   387 P  P     . A     B 1 5  ? -6.685  1.518   -4.714  1.000 45.613  0 5   A     B P     1 ? 
ATOM   388 O  OP1   . A     B 1 5  ? -6.942  0.043   -4.599  1.000 44.177  0 5   A     B OP1   1 ? 
ATOM   389 O  OP2   . A     B 1 5  ? -6.214  2.258   -3.503  1.000 44.895  0 5   A     B OP2   1 ? 
ATOM   390 O  "O5'" . A     B 1 5  ? -5.471  1.703   -5.763  1.000 45.632  0 5   A     B "O5'" 1 ? 
ATOM   391 C  "C5'" . A     B 1 5  ? -5.611  1.210   -7.106  1.000 43.955  0 5   A     B "C5'" 1 ? 
ATOM   392 C  "C4'" . A     B 1 5  ? -4.466  1.782   -7.915  1.000 41.864  0 5   A     B "C4'" 1 ? 
ATOM   393 O  "O4'" . A     B 1 5  ? -4.655  3.209   -8.105  1.000 43.098  0 5   A     B "O4'" 1 ? 
ATOM   394 C  "C3'" . A     B 1 5  ? -3.066  1.674   -7.320  1.000 43.674  0 5   A     B "C3'" 1 ? 
ATOM   395 O  "O3'" . A     B 1 5  ? -2.498  0.395   -7.551  1.000 44.811  0 5   A     B "O3'" 1 ? 
ATOM   396 C  "C2'" . A     B 1 5  ? -2.358  2.748   -8.137  1.000 43.928  0 5   A     B "C2'" 1 ? 
ATOM   397 O  "O2'" . A     B 1 5  ? -2.119  2.290   -9.443  1.000 45.826  0 5   A     B "O2'" 1 ? 
ATOM   398 C  "C1'" . A     B 1 5  ? -3.397  3.858   -8.069  1.000 49.823  0 5   A     B "C1'" 1 ? 
ATOM   399 N  N9    . A     B 1 5  ? -3.294  4.673   -6.858  1.000 46.504  0 5   A     B N9    1 ? 
ATOM   400 C  C8    . A     B 1 5  ? -4.020  4.574   -5.690  1.000 49.536  0 5   A     B C8    1 ? 
ATOM   401 N  N7    . A     B 1 5  ? -3.700  5.472   -4.779  1.000 48.533  0 5   A     B N7    1 ? 
ATOM   402 C  C5    . A     B 1 5  ? -2.671  6.184   -5.381  1.000 47.197  0 5   A     B C5    1 ? 
ATOM   403 C  C6    . A     B 1 5  ? -1.883  7.263   -4.926  1.000 51.373  0 5   A     B C6    1 ? 
ATOM   404 N  N6    . A     B 1 5  ? -2.023  7.810   -3.735  1.000 49.580  0 5   A     B N6    1 ? 
ATOM   405 N  N1    . A     B 1 5  ? -0.953  7.757   -5.762  1.000 47.478  0 5   A     B N1    1 ? 
ATOM   406 C  C2    . A     B 1 5  ? -0.806  7.182   -6.964  1.000 48.904  0 5   A     B C2    1 ? 
ATOM   407 N  N3    . A     B 1 5  ? -1.485  6.173   -7.516  1.000 51.000  0 5   A     B N3    1 ? 
ATOM   408 C  C4    . A     B 1 5  ? -2.413  5.709   -6.655  1.000 48.167  0 5   A     B C4    1 ? 
ATOM   409 P  P     . C     B 1 6  ? -1.405  -0.229  -6.551  1.000 46.213  0 6   C     B P     1 ? 
ATOM   410 O  OP1   . C     B 1 6  ? -1.183  -1.642  -6.947  1.000 45.041  0 6   C     B OP1   1 ? 
ATOM   411 O  OP2   . C     B 1 6  ? -1.685  0.117   -5.133  1.000 47.300  0 6   C     B OP2   1 ? 
ATOM   412 O  "O5'" . C     B 1 6  ? -0.095  0.656   -6.807  1.000 48.093  0 6   C     B "O5'" 1 ? 
ATOM   413 C  "C5'" . C     B 1 6  ? 0.593   0.611   -8.083  1.000 45.823  0 6   C     B "C5'" 1 ? 
ATOM   414 C  "C4'" . C     B 1 6  ? 1.542   1.787   -8.168  1.000 48.670  0 6   C     B "C4'" 1 ? 
ATOM   415 O  "O4'" . C     B 1 6  ? 0.847   3.043   -7.948  1.000 51.409  0 6   C     B "O4'" 1 ? 
ATOM   416 C  "C3'" . C     B 1 6  ? 2.639   1.780   -7.086  1.000 47.718  0 6   C     B "C3'" 1 ? 
ATOM   417 O  "O3'" . C     B 1 6  ? 3.695   0.941   -7.522  1.000 55.972  0 6   C     B "O3'" 1 ? 
ATOM   418 C  "C2'" . C     B 1 6  ? 3.042   3.245   -7.087  1.000 49.213  0 6   C     B "C2'" 1 ? 
ATOM   419 O  "O2'" . C     B 1 6  ? 3.789   3.465   -8.261  1.000 49.860  0 6   C     B "O2'" 1 ? 
ATOM   420 C  "C1'" . C     B 1 6  ? 1.669   3.916   -7.187  1.000 48.327  0 6   C     B "C1'" 1 ? 
ATOM   421 N  N1    . C     B 1 6  ? 1.057   4.202   -5.864  1.000 48.769  0 6   C     B N1    1 ? 
ATOM   422 C  C2    . C     B 1 6  ? 1.533   5.314   -5.153  1.000 51.231  0 6   C     B C2    1 ? 
ATOM   423 O  O2    . C     B 1 6  ? 2.402   6.020   -5.683  1.000 53.145  0 6   C     B O2    1 ? 
ATOM   424 N  N3    . C     B 1 6  ? 0.975   5.630   -3.962  1.000 50.568  0 6   C     B N3    1 ? 
ATOM   425 C  C4    . C     B 1 6  ? 0.020   4.858   -3.447  1.000 50.453  0 6   C     B C4    1 ? 
ATOM   426 N  N4    . C     B 1 6  ? -0.479  5.183   -2.272  1.000 50.682  0 6   C     B N4    1 ? 
ATOM   427 C  C5    . C     B 1 6  ? -0.449  3.697   -4.137  1.000 47.403  0 6   C     B C5    1 ? 
ATOM   428 C  C6    . C     B 1 6  ? 0.079   3.424   -5.331  1.000 49.308  0 6   C     B C6    1 ? 
ATOM   429 P  P     . U     B 1 7  ? 4.598   0.164   -6.446  1.000 55.649  0 7   U     B P     1 ? 
ATOM   430 O  OP1   . U     B 1 7  ? 5.431   -0.723  -7.308  1.000 55.810  0 7   U     B OP1   1 ? 
ATOM   431 O  OP2   . U     B 1 7  ? 3.864   -0.368  -5.273  1.000 50.592  0 7   U     B OP2   1 ? 
ATOM   432 O  "O5'" . U     B 1 7  ? 5.382   1.385   -5.768  1.000 58.298  0 7   U     B "O5'" 1 ? 
ATOM   433 C  "C5'" . U     B 1 7  ? 6.370   2.075   -6.556  1.000 61.777  0 7   U     B "C5'" 1 ? 
ATOM   434 C  "C4'" . U     B 1 7  ? 6.994   3.147   -5.702  1.000 61.733  0 7   U     B "C4'" 1 ? 
ATOM   435 O  "O4'" . U     B 1 7  ? 5.993   4.138   -5.367  1.000 59.132  0 7   U     B "O4'" 1 ? 
ATOM   436 C  "C3'" . U     B 1 7  ? 7.528   2.695   -4.340  1.000 60.841  0 7   U     B "C3'" 1 ? 
ATOM   437 O  "O3'" . U     B 1 7  ? 8.841   2.170   -4.425  1.000 68.631  0 7   U     B "O3'" 1 ? 
ATOM   438 C  "C2'" . U     B 1 7  ? 7.541   4.013   -3.571  1.000 67.191  0 7   U     B "C2'" 1 ? 
ATOM   439 O  "O2'" . U     B 1 7  ? 8.624   4.825   -3.963  1.000 66.528  0 7   U     B "O2'" 1 ? 
ATOM   440 C  "C1'" . U     B 1 7  ? 6.245   4.646   -4.080  1.000 60.245  0 7   U     B "C1'" 1 ? 
ATOM   441 N  N1    . U     B 1 7  ? 5.102   4.385   -3.209  1.000 56.463  0 7   U     B N1    1 ? 
ATOM   442 C  C2    . U     B 1 7  ? 5.037   5.203   -2.109  1.000 62.643  0 7   U     B C2    1 ? 
ATOM   443 O  O2    . U     B 1 7  ? 5.891   6.044   -1.873  1.000 63.935  0 7   U     B O2    1 ? 
ATOM   444 N  N3    . U     B 1 7  ? 3.958   5.009   -1.305  1.000 55.602  0 7   U     B N3    1 ? 
ATOM   445 C  C4    . U     B 1 7  ? 2.942   4.099   -1.485  1.000 55.919  0 7   U     B C4    1 ? 
ATOM   446 O  O4    . U     B 1 7  ? 2.044   4.072   -0.644  1.000 56.519  0 7   U     B O4    1 ? 
ATOM   447 C  C5    . U     B 1 7  ? 3.082   3.255   -2.640  1.000 52.412  0 7   U     B C5    1 ? 
ATOM   448 C  C6    . U     B 1 7  ? 4.141   3.425   -3.453  1.000 59.722  0 7   U     B C6    1 ? 
ATOM   449 P  P     . U     B 1 8  ? 9.312   1.010   -3.428  1.000 68.793  0 8   U     B P     1 ? 
ATOM   450 O  OP1   . U     B 1 8  ? 10.466  0.422   -4.167  1.000 73.453  0 8   U     B OP1   1 ? 
ATOM   451 O  OP2   . U     B 1 8  ? 8.218   0.123   -2.938  1.000 69.889  0 8   U     B OP2   1 ? 
ATOM   452 O  "O5'" . U     B 1 8  ? 9.642   1.787   -2.084  1.000 69.454  0 8   U     B "O5'" 1 ? 
ATOM   453 C  "C5'" . U     B 1 8  ? 10.642  2.835   -2.134  1.000 71.840  0 8   U     B "C5'" 1 ? 
ATOM   454 C  "C4'" . U     B 1 8  ? 10.663  3.503   -0.792  1.000 68.224  0 8   U     B "C4'" 1 ? 
ATOM   455 O  "O4'" . U     B 1 8  ? 9.491   4.337   -0.652  1.000 63.161  0 8   U     B "O4'" 1 ? 
ATOM   456 C  "C3'" . U     B 1 8  ? 10.585  2.574   0.423   1.000 75.598  0 8   U     B "C3'" 1 ? 
ATOM   457 O  "O3'" . U     B 1 8  ? 11.842  1.966   0.704   1.000 77.321  0 8   U     B "O3'" 1 ? 
ATOM   458 C  "C2'" . U     B 1 8  ? 10.140  3.572   1.487   1.000 74.324  0 8   U     B "C2'" 1 ? 
ATOM   459 O  "O2'" . U     B 1 8  ? 11.203  4.431   1.852   1.000 80.835  0 8   U     B "O2'" 1 ? 
ATOM   460 C  "C1'" . U     B 1 8  ? 9.104   4.377   0.702   1.000 70.515  0 8   U     B "C1'" 1 ? 
ATOM   461 N  N1    . U     B 1 8  ? 7.730   3.855   0.818   1.000 71.447  0 8   U     B N1    1 ? 
ATOM   462 C  C2    . U     B 1 8  ? 6.983   4.333   1.877   1.000 73.781  0 8   U     B C2    1 ? 
ATOM   463 O  O2    . U     B 1 8  ? 7.423   5.125   2.701   1.000 76.281  0 8   U     B O2    1 ? 
ATOM   464 N  N3    . U     B 1 8  ? 5.707   3.861   1.937   1.000 67.787  0 8   U     B N3    1 ? 
ATOM   465 C  C4    . U     B 1 8  ? 5.117   2.961   1.067   1.000 69.221  0 8   U     B C4    1 ? 
ATOM   466 O  O4    . U     B 1 8  ? 3.963   2.613   1.280   1.000 63.238  0 8   U     B O4    1 ? 
ATOM   467 C  C5    . U     B 1 8  ? 5.954   2.498   0.002   1.000 67.909  0 8   U     B C5    1 ? 
ATOM   468 C  C6    . U     B 1 8  ? 7.209   2.961   -0.091  1.000 69.442  0 8   U     B C6    1 ? 
ATOM   469 P  P     . A     B 1 9  ? 11.918  0.646   1.614   1.000 73.395  0 9   A     B P     1 ? 
ATOM   470 O  OP1   . A     B 1 9  ? 13.359  0.282   1.540   1.000 89.516  0 9   A     B OP1   1 ? 
ATOM   471 O  OP2   . A     B 1 9  ? 10.894  -0.371  1.232   1.000 80.474  0 9   A     B OP2   1 ? 
ATOM   472 O  "O5'" . A     B 1 9  ? 11.385  1.070   3.053   1.000 74.438  0 9   A     B "O5'" 1 ? 
ATOM   473 C  "C5'" . A     B 1 9  ? 12.239  1.846   3.901   1.000 75.339  0 9   A     B "C5'" 1 ? 
ATOM   474 C  "C4'" . A     B 1 9  ? 11.514  2.073   5.196   1.000 76.713  0 9   A     B "C4'" 1 ? 
ATOM   475 O  "O4'" . A     B 1 9  ? 10.346  2.892   4.950   1.000 71.026  0 9   A     B "O4'" 1 ? 
ATOM   476 C  "C3'" . A     B 1 9  ? 10.945  0.828   5.869   1.000 76.884  0 9   A     B "C3'" 1 ? 
ATOM   477 O  "O3'" . A     B 1 9  ? 11.914  0.130   6.630   1.000 81.356  0 9   A     B "O3'" 1 ? 
ATOM   478 C  "C2'" . A     B 1 9  ? 9.884   1.447   6.772   1.000 75.782  0 9   A     B "C2'" 1 ? 
ATOM   479 O  "O2'" . A     B 1 9  ? 10.419  1.984   7.961   1.000 84.637  0 9   A     B "O2'" 1 ? 
ATOM   480 C  "C1'" . A     B 1 9  ? 9.319   2.507   5.835   1.000 71.465  0 9   A     B "C1'" 1 ? 
ATOM   481 N  N9    . A     B 1 9  ? 8.196   2.010   5.052   1.000 72.629  0 9   A     B N9    1 ? 
ATOM   482 C  C8    . A     B 1 9  ? 8.199   1.480   3.786   1.000 68.517  0 9   A     B C8    1 ? 
ATOM   483 N  N7    . A     B 1 9  ? 7.009   1.117   3.376   1.000 72.458  0 9   A     B N7    1 ? 
ATOM   484 C  C5    . A     B 1 9  ? 6.174   1.414   4.445   1.000 63.837  0 9   A     B C5    1 ? 
ATOM   485 C  C6    . A     B 1 9  ? 4.788   1.270   4.642   1.000 67.337  0 9   A     B C6    1 ? 
ATOM   486 N  N6    . A     B 1 9  ? 3.960   0.768   3.732   1.000 67.031  0 9   A     B N6    1 ? 
ATOM   487 N  N1    . A     B 1 9  ? 4.272   1.666   5.827   1.000 64.835  0 9   A     B N1    1 ? 
ATOM   488 C  C2    . A     B 1 9  ? 5.108   2.177   6.742   1.000 73.270  0 9   A     B C2    1 ? 
ATOM   489 N  N3    . A     B 1 9  ? 6.420   2.368   6.665   1.000 62.063  0 9   A     B N3    1 ? 
ATOM   490 C  C4    . A     B 1 9  ? 6.898   1.956   5.483   1.000 67.857  0 9   A     B C4    1 ? 
ATOM   491 P  P     . A     B 1 10 ? 11.910  -1.475  6.634   1.000 86.847  0 10  A     B P     1 ? 
ATOM   492 O  OP1   . A     B 1 10 ? 13.188  -2.012  7.179   1.000 96.441  0 10  A     B OP1   1 ? 
ATOM   493 O  OP2   . A     B 1 10 ? 11.443  -1.962  5.307   1.000 92.466  0 10  A     B OP2   1 ? 
ATOM   494 O  "O5'" . A     B 1 10 ? 10.799  -1.750  7.734   1.000 67.545  0 10  A     B "O5'" 1 ? 
ATOM   495 C  "C5'" . A     B 1 10 ? 10.994  -1.192  9.037   1.000 69.359  0 10  A     B "C5'" 1 ? 
ATOM   496 C  "C4'" . A     B 1 10 ? 9.683   -1.168  9.771   1.000 77.734  0 10  A     B "C4'" 1 ? 
ATOM   497 O  "O4'" . A     B 1 10 ? 8.772   -0.274  9.083   1.000 79.971  0 10  A     B "O4'" 1 ? 
ATOM   498 C  "C3'" . A     B 1 10 ? 8.905   -2.483  9.857   1.000 81.715  0 10  A     B "C3'" 1 ? 
ATOM   499 O  "O3'" . A     B 1 10 ? 9.303   -3.387  10.885  1.000 89.758  0 10  A     B "O3'" 1 ? 
ATOM   500 C  "C2'" . A     B 1 10 ? 7.522   -1.935  10.206  1.000 79.876  0 10  A     B "C2'" 1 ? 
ATOM   501 O  "O2'" . A     B 1 10 ? 7.399   -1.579  11.559  1.000 80.391  0 10  A     B "O2'" 1 ? 
ATOM   502 C  "C1'" . A     B 1 10 ? 7.448   -0.717  9.286   1.000 85.204  0 10  A     B "C1'" 1 ? 
ATOM   503 N  N9    . A     B 1 10 ? 6.824   -1.064  8.010   1.000 67.398  0 10  A     B N9    1 ? 
ATOM   504 C  C8    . A     B 1 10 ? 7.424   -1.370  6.810   1.000 75.009  0 10  A     B C8    1 ? 
ATOM   505 N  N7    . A     B 1 10 ? 6.568   -1.682  5.864   1.000 65.903  0 10  A     B N7    1 ? 
ATOM   506 C  C5    . A     B 1 10 ? 5.331   -1.607  6.497   1.000 64.782  0 10  A     B C5    1 ? 
ATOM   507 C  C6    . A     B 1 10 ? 4.018   -1.827  6.042   1.000 66.815  0 10  A     B C6    1 ? 
ATOM   508 N  N6    . A     B 1 10 ? 3.730   -2.190  4.797   1.000 66.568  0 10  A     B N6    1 ? 
ATOM   509 N  N1    . A     B 1 10 ? 3.005   -1.655  6.923   1.000 65.441  0 10  A     B N1    1 ? 
ATOM   510 C  C2    . A     B 1 10 ? 3.304   -1.297  8.178   1.000 69.306  0 10  A     B C2    1 ? 
ATOM   511 N  N3    . A     B 1 10 ? 4.494   -1.056  8.719   1.000 66.091  0 10  A     B N3    1 ? 
ATOM   512 C  C4    . A     B 1 10 ? 5.479   -1.235  7.820   1.000 66.057  0 10  A     B C4    1 ? 
ATOM   513 P  P     . G     B 1 11 ? 9.114   -4.982  10.729  1.000 83.474  0 11  G     B P     1 ? 
ATOM   514 O  OP1   . G     B 1 11 ? 9.796   -5.687  11.854  1.000 97.730  0 11  G     B OP1   1 ? 
ATOM   515 O  OP2   . G     B 1 11 ? 9.451   -5.391  9.333   1.000 79.790  0 11  G     B OP2   1 ? 
ATOM   516 O  "O5'" . G     B 1 11 ? 7.575   -5.300  10.999  1.000 73.410  0 11  G     B "O5'" 1 ? 
ATOM   517 C  "C5'" . G     B 1 11 ? 7.063   -5.124  12.331  1.000 69.309  0 11  G     B "C5'" 1 ? 
ATOM   518 C  "C4'" . G     B 1 11 ? 5.563   -5.109  12.276  1.000 72.601  0 11  G     B "C4'" 1 ? 
ATOM   519 O  "O4'" . G     B 1 11 ? 5.122   -4.172  11.264  1.000 72.996  0 11  G     B "O4'" 1 ? 
ATOM   520 C  "C3'" . G     B 1 11 ? 4.880   -6.407  11.854  1.000 77.441  0 11  G     B "C3'" 1 ? 
ATOM   521 O  "O3'" . G     B 1 11 ? 4.809   -7.360  12.898  1.000 78.502  0 11  G     B "O3'" 1 ? 
ATOM   522 C  "C2'" . G     B 1 11 ? 3.497   -5.881  11.477  1.000 71.325  0 11  G     B "C2'" 1 ? 
ATOM   523 O  "O2'" . G     B 1 11 ? 2.660   -5.652  12.593  1.000 74.562  0 11  G     B "O2'" 1 ? 
ATOM   524 C  "C1'" . G     B 1 11 ? 3.893   -4.614  10.728  1.000 71.411  0 11  G     B "C1'" 1 ? 
ATOM   525 N  N9    . G     B 1 11 ? 4.043   -4.809  9.284   1.000 66.421  0 11  G     B N9    1 ? 
ATOM   526 C  C8    . G     B 1 11 ? 5.178   -4.797  8.509   1.000 61.679  0 11  G     B C8    1 ? 
ATOM   527 N  N7    . G     B 1 11 ? 4.942   -4.957  7.222   1.000 62.219  0 11  G     B N7    1 ? 
ATOM   528 C  C5    . G     B 1 11 ? 3.558   -5.067  7.153   1.000 61.008  0 11  G     B C5    1 ? 
ATOM   529 C  C6    . G     B 1 11 ? 2.710   -5.252  6.032   1.000 55.297  0 11  G     B C6    1 ? 
ATOM   530 O  O6    . G     B 1 11 ? 3.035   -5.353  4.842   1.000 60.978  0 11  G     B O6    1 ? 
ATOM   531 N  N1    . G     B 1 11 ? 1.380   -5.314  6.420   1.000 51.699  0 11  G     B N1    1 ? 
ATOM   532 C  C2    . G     B 1 11 ? 0.913   -5.227  7.706   1.000 58.065  0 11  G     B C2    1 ? 
ATOM   533 N  N2    . G     B 1 11 ? -0.407  -5.292  7.884   1.000 58.191  0 11  G     B N2    1 ? 
ATOM   534 N  N3    . G     B 1 11 ? 1.700   -5.032  8.764   1.000 64.272  0 11  G     B N3    1 ? 
ATOM   535 C  C4    . G     B 1 11 ? 2.998   -4.952  8.407   1.000 55.584  0 11  G     B C4    1 ? 
ATOM   536 P  P     . U     B 1 12 ? 4.962   -8.915  12.565  1.000 74.932  0 12  U     B P     1 ? 
ATOM   537 O  OP1   . U     B 1 12 ? 5.304   -9.614  13.838  1.000 96.201  0 12  U     B OP1   1 ? 
ATOM   538 O  OP2   . U     B 1 12 ? 5.886   -9.066  11.406  1.000 68.413  0 12  U     B OP2   1 ? 
ATOM   539 O  "O5'" . U     B 1 12 ? 3.461   -9.275  12.173  1.000 72.666  0 12  U     B "O5'" 1 ? 
ATOM   540 C  "C5'" . U     B 1 12 ? 2.393   -8.900  13.083  1.000 70.469  0 12  U     B "C5'" 1 ? 
ATOM   541 C  "C4'" . U     B 1 12 ? 1.079   -9.211  12.420  1.000 73.076  0 12  U     B "C4'" 1 ? 
ATOM   542 O  "O4'" . U     B 1 12 ? 0.805   -8.211  11.399  1.000 79.904  0 12  U     B "O4'" 1 ? 
ATOM   543 C  "C3'" . U     B 1 12 ? 1.016   -10.533 11.646  1.000 68.167  0 12  U     B "C3'" 1 ? 
ATOM   544 O  "O3'" . U     B 1 12 ? 0.767   -11.687 12.442  1.000 65.745  0 12  U     B "O3'" 1 ? 
ATOM   545 C  "C2'" . U     B 1 12 ? -0.171  -10.236 10.729  1.000 62.845  0 12  U     B "C2'" 1 ? 
ATOM   546 O  "O2'" . U     B 1 12 ? -1.424  -10.179 11.379  1.000 61.085  0 12  U     B "O2'" 1 ? 
ATOM   547 C  "C1'" . U     B 1 12 ? 0.150   -8.815  10.296  1.000 58.724  0 12  U     B "C1'" 1 ? 
ATOM   548 N  N1    . U     B 1 12 ? 0.993   -8.728  9.075   1.000 60.758  0 12  U     B N1    1 ? 
ATOM   549 C  C2    . U     B 1 12 ? 0.358   -8.777  7.836   1.000 55.662  0 12  U     B C2    1 ? 
ATOM   550 O  O2    . U     B 1 12 ? -0.848  -8.966  7.717   1.000 56.416  0 12  U     B O2    1 ? 
ATOM   551 N  N3    . U     B 1 12 ? 1.187   -8.641  6.747   1.000 51.839  0 12  U     B N3    1 ? 
ATOM   552 C  C4    . U     B 1 12 ? 2.558   -8.508  6.753   1.000 51.893  0 12  U     B C4    1 ? 
ATOM   553 O  O4    . U     B 1 12 ? 3.185   -8.404  5.700   1.000 57.232  0 12  U     B O4    1 ? 
ATOM   554 C  C5    . U     B 1 12 ? 3.139   -8.468  8.065   1.000 60.596  0 12  U     B C5    1 ? 
ATOM   555 C  C6    . U     B 1 12 ? 2.356   -8.585  9.148   1.000 57.348  0 12  U     B C6    1 ? 
ATOM   556 P  P     . C     B 1 13 ? 1.172   -13.148 11.916  1.000 70.147  0 13  C     B P     1 ? 
ATOM   557 O  OP1   . C     B 1 13 ? 0.937   -14.163 12.977  1.000 72.747  0 13  C     B OP1   1 ? 
ATOM   558 O  OP2   . C     B 1 13 ? 2.482   -13.120 11.208  1.000 61.979  0 13  C     B OP2   1 ? 
ATOM   559 O  "O5'" . C     B 1 13 ? 0.204   -13.549 10.701  1.000 65.034  0 13  C     B "O5'" 1 ? 
ATOM   560 C  "C5'" . C     B 1 13 ? -1.203  -13.746 10.909  1.000 62.747  0 13  C     B "C5'" 1 ? 
ATOM   561 C  "C4'" . C     B 1 13 ? -1.880  -13.668 9.555   1.000 59.632  0 13  C     B "C4'" 1 ? 
ATOM   562 O  "O4'" . C     B 1 13 ? -1.529  -12.422 8.887   1.000 57.722  0 13  C     B "O4'" 1 ? 
ATOM   563 C  "C3'" . C     B 1 13 ? -1.470  -14.719 8.525   1.000 58.175  0 13  C     B "C3'" 1 ? 
ATOM   564 O  "O3'" . C     B 1 13 ? -2.108  -15.945 8.842   1.000 58.628  0 13  C     B "O3'" 1 ? 
ATOM   565 C  "C2'" . C     B 1 13 ? -2.006  -14.065 7.236   1.000 51.314  0 13  C     B "C2'" 1 ? 
ATOM   566 O  "O2'" . C     B 1 13 ? -3.414  -14.136 7.152   1.000 48.492  0 13  C     B "O2'" 1 ? 
ATOM   567 C  "C1'" . C     B 1 13 ? -1.583  -12.612 7.483   1.000 54.680  0 13  C     B "C1'" 1 ? 
ATOM   568 N  N1    . C     B 1 13 ? -0.246  -12.314 6.899   1.000 51.894  0 13  C     B N1    1 ? 
ATOM   569 C  C2    . C     B 1 13 ? -0.170  -12.094 5.514   1.000 50.296  0 13  C     B C2    1 ? 
ATOM   570 O  O2    . C     B 1 13 ? -1.215  -12.145 4.853   1.000 47.161  0 13  C     B O2    1 ? 
ATOM   571 N  N3    . C     B 1 13 ? 1.035   -11.866 4.935   1.000 48.002  0 13  C     B N3    1 ? 
ATOM   572 C  C4    . C     B 1 13 ? 2.153   -11.849 5.684   1.000 54.737  0 13  C     B C4    1 ? 
ATOM   573 N  N4    . C     B 1 13 ? 3.301   -11.600 5.074   1.000 56.766  0 13  C     B N4    1 ? 
ATOM   574 C  C5    . C     B 1 13 ? 2.098   -12.084 7.090   1.000 53.113  0 13  C     B C5    1 ? 
ATOM   575 C  C6    . C     B 1 13 ? 0.893   -12.310 7.648   1.000 52.292  0 13  C     B C6    1 ? 
ATOM   576 P  P     . G     B 1 14 ? -1.426  -17.329 8.422   1.000 63.448  0 14  G     B P     1 ? 
ATOM   577 O  OP1   . G     B 1 14 ? -2.339  -18.384 8.935   1.000 62.167  0 14  G     B OP1   1 ? 
ATOM   578 O  OP2   . G     B 1 14 ? 0.011   -17.249 8.771   1.000 62.539  0 14  G     B OP2   1 ? 
ATOM   579 O  "O5'" . G     B 1 14 ? -1.428  -17.403 6.820   1.000 52.556  0 14  G     B "O5'" 1 ? 
ATOM   580 C  "C5'" . G     B 1 14 ? -2.675  -17.580 6.150   1.000 48.264  0 14  G     B "C5'" 1 ? 
ATOM   581 C  "C4'" . G     B 1 14 ? -2.470  -17.404 4.659   1.000 48.361  0 14  G     B "C4'" 1 ? 
ATOM   582 O  "O4'" . G     B 1 14 ? -1.939  -16.091 4.391   1.000 49.620  0 14  G     B "O4'" 1 ? 
ATOM   583 C  "C3'" . G     B 1 14 ? -1.466  -18.319 3.959   1.000 51.965  0 14  G     B "C3'" 1 ? 
ATOM   584 O  "O3'" . G     B 1 14 ? -2.001  -19.609 3.693   1.000 51.980  0 14  G     B "O3'" 1 ? 
ATOM   585 C  "C2'" . G     B 1 14 ? -1.278  -17.549 2.646   1.000 51.651  0 14  G     B "C2'" 1 ? 
ATOM   586 O  "O2'" . G     B 1 14 ? -2.385  -17.724 1.787   1.000 48.837  0 14  G     B "O2'" 1 ? 
ATOM   587 C  "C1'" . G     B 1 14 ? -1.233  -16.116 3.166   1.000 49.763  0 14  G     B "C1'" 1 ? 
ATOM   588 N  N9    . G     B 1 14 ? 0.119   -15.618 3.387   1.000 48.685  0 14  G     B N9    1 ? 
ATOM   589 C  C8    . G     B 1 14 ? 0.820   -15.455 4.560   1.000 51.864  0 14  G     B C8    1 ? 
ATOM   590 N  N7    . G     B 1 14 ? 2.037   -15.003 4.375   1.000 54.408  0 14  G     B N7    1 ? 
ATOM   591 C  C5    . G     B 1 14 ? 2.132   -14.842 2.993   1.000 49.265  0 14  G     B C5    1 ? 
ATOM   592 C  C6    . G     B 1 14 ? 3.190   -14.359 2.184   1.000 47.754  0 14  G     B C6    1 ? 
ATOM   593 O  O6    . G     B 1 14 ? 4.308   -13.972 2.527   1.000 49.880  0 14  G     B O6    1 ? 
ATOM   594 N  N1    . G     B 1 14 ? 2.879   -14.409 0.828   1.000 46.780  0 14  G     B N1    1 ? 
ATOM   595 C  C2    . G     B 1 14 ? 1.666   -14.795 0.314   1.000 47.618  0 14  G     B C2    1 ? 
ATOM   596 N  N2    . G     B 1 14 ? 1.535   -14.791 -1.026  1.000 45.821  0 14  G     B N2    1 ? 
ATOM   597 N  N3    . G     B 1 14 ? 0.669   -15.244 1.065   1.000 46.454  0 14  G     B N3    1 ? 
ATOM   598 C  C4    . G     B 1 14 ? 0.959   -15.211 2.385   1.000 49.032  0 14  G     B C4    1 ? 
HETATM 599 O  O6A   . A1CGJ C 2 .  ? 10.886  -17.228 2.329   1.000 53.269  0 101 A1CGJ A O6A   1 ? 
HETATM 600 C  C6A   . A1CGJ C 2 .  ? 10.431  -17.675 1.268   1.000 52.741  0 101 A1CGJ A C6A   1 ? 
HETATM 601 N  N1A   . A1CGJ C 2 .  ? 11.082  -17.374 0.114   1.000 49.492  0 101 A1CGJ A N1A   1 ? 
HETATM 602 C  C2A   . A1CGJ C 2 .  ? 10.675  -17.846 -1.083  1.000 44.246  0 101 A1CGJ A C2A   1 ? 
HETATM 603 N  N2A   . A1CGJ C 2 .  ? 11.319  -17.535 -2.215  1.000 50.460  0 101 A1CGJ A N2A   1 ? 
HETATM 604 N  N3A   . A1CGJ C 2 .  ? 9.548   -18.589 -1.159  1.000 52.334  0 101 A1CGJ A N3A   1 ? 
HETATM 605 C  C4A   . A1CGJ C 2 .  ? 8.914   -18.896 -0.009  1.000 49.302  0 101 A1CGJ A C4A   1 ? 
HETATM 606 C  C5A   . A1CGJ C 2 .  ? 9.346   -18.457 1.179   1.000 52.940  0 101 A1CGJ A C5A   1 ? 
HETATM 607 N  N7A   . A1CGJ C 2 .  ? 8.496   -18.935 2.106   1.000 57.047  0 101 A1CGJ A N7A   1 ? 
HETATM 608 C  C8A   . A1CGJ C 2 .  ? 7.591   -19.641 1.491   1.000 48.172  0 101 A1CGJ A C8A   1 ? 
HETATM 609 N  N9A   . A1CGJ C 2 .  ? 7.807   -19.645 0.175   1.000 52.559  0 101 A1CGJ A N9A   1 ? 
HETATM 610 C  C1D   . A1CGJ C 2 .  ? 7.028   -20.281 -0.950  1.000 60.365  0 101 A1CGJ A C1D   1 ? 
HETATM 611 O  O4D   . A1CGJ C 2 .  ? 5.867   -21.008 -0.448  1.000 74.963  0 101 A1CGJ A O4D   1 ? 
HETATM 612 C  C2D   . A1CGJ C 2 .  ? 7.791   -21.286 -1.801  1.000 69.624  0 101 A1CGJ A C2D   1 ? 
HETATM 613 C  C3D   . A1CGJ C 2 .  ? 7.354   -22.596 -1.289  1.000 74.045  0 101 A1CGJ A C3D   1 ? 
HETATM 614 O  O3D   . A1CGJ C 2 .  ? 7.496   -23.593 -2.293  1.000 75.171  0 101 A1CGJ A O3D   1 ? 
HETATM 615 C  C4D   . A1CGJ C 2 .  ? 5.902   -22.332 -1.008  1.000 68.324  0 101 A1CGJ A C4D   1 ? 
HETATM 616 C  C5D   . A1CGJ C 2 .  ? 5.525   -23.193 0.193   1.000 74.283  0 101 A1CGJ A C5D   1 ? 
HETATM 617 O  O5D   . A1CGJ C 2 .  ? 6.414   -22.873 1.287   1.000 80.452  0 101 A1CGJ A O5D   1 ? 
HETATM 618 P  PA    . A1CGJ C 2 .  ? 6.395   -23.689 2.694   1.000 97.181  0 101 A1CGJ A PA    1 ? 
HETATM 619 O  O1A   . A1CGJ C 2 .  ? 6.401   -25.235 2.193   1.000 101.334 0 101 A1CGJ A O1A   1 ? 
HETATM 620 O  O2A   . A1CGJ C 2 .  ? 7.581   -23.326 3.482   1.000 71.246  0 101 A1CGJ A O2A   1 ? 
HETATM 621 N  N1C   . A1CGJ C 2 .  ? 4.918   -23.366 3.257   1.000 94.776  0 101 A1CGJ A N1C   1 ? 
HETATM 622 C  C1C   . A1CGJ C 2 .  ? 4.514   -22.221 3.815   1.000 90.601  0 101 A1CGJ A C1C   1 ? 
HETATM 623 N  N3C   . A1CGJ C 2 .  ? 5.283   -21.140 4.084   1.000 71.769  0 101 A1CGJ A N3C   1 ? 
HETATM 624 C  C3C   . A1CGJ C 2 .  ? 3.871   -24.189 3.130   1.000 97.995  0 101 A1CGJ A C3C   1 ? 
HETATM 625 C  C2C   . A1CGJ C 2 .  ? 2.821   -23.562 3.651   1.000 101.949 0 101 A1CGJ A C2C   1 ? 
HETATM 626 N  N2C   . A1CGJ C 2 .  ? 3.200   -22.325 4.037   1.000 106.794 0 101 A1CGJ A N2C   1 ? 
HETATM 627 P  PG    . A1CGJ C 2 .  ? 2.229   -21.090 4.723   1.000 95.070  0 101 A1CGJ A PG    1 ? 
HETATM 628 O  O1G   . A1CGJ C 2 .  ? 2.871   -19.807 5.043   1.000 89.911  0 101 A1CGJ A O1G   1 ? 
HETATM 629 O  O2G   . A1CGJ C 2 .  ? 1.051   -21.470 5.500   1.000 125.263 0 101 A1CGJ A O2G   1 ? 
HETATM 630 O  O5E   . A1CGJ C 2 .  ? 1.408   -20.415 3.440   1.000 81.189  0 101 A1CGJ A O5E   1 ? 
HETATM 631 C  C5E   . A1CGJ C 2 .  ? 0.675   -21.058 2.381   1.000 75.945  0 101 A1CGJ A C5E   1 ? 
HETATM 632 C  C4E   . A1CGJ C 2 .  ? 1.098   -20.388 1.105   1.000 71.950  0 101 A1CGJ A C4E   1 ? 
HETATM 633 O  O4E   . A1CGJ C 2 .  ? 1.475   -19.019 1.476   1.000 71.095  0 101 A1CGJ A O4E   1 ? 
HETATM 634 C  C3E   . A1CGJ C 2 .  ? 2.424   -20.950 0.677   1.000 74.527  0 101 A1CGJ A C3E   1 ? 
HETATM 635 O  O3E   . A1CGJ C 2 .  ? 2.267   -22.233 0.044   1.000 77.458  0 101 A1CGJ A O3E   1 ? 
HETATM 636 C  C2E   . A1CGJ C 2 .  ? 2.815   -19.878 -0.294  1.000 70.113  0 101 A1CGJ A C2E   1 ? 
HETATM 637 C  C1E   . A1CGJ C 2 .  ? 2.464   -18.598 0.494   1.000 64.804  0 101 A1CGJ A C1E   1 ? 
HETATM 638 N  N9B   . A1CGJ C 2 .  ? 3.578   -17.965 1.262   1.000 56.102  0 101 A1CGJ A N9B   1 ? 
HETATM 639 C  C4B   . A1CGJ C 2 .  ? 4.605   -17.386 0.626   1.000 53.122  0 101 A1CGJ A C4B   1 ? 
HETATM 640 N  N3B   . A1CGJ C 2 .  ? 4.852   -17.341 -0.708  1.000 50.269  0 101 A1CGJ A N3B   1 ? 
HETATM 641 C  C2B   . A1CGJ C 2 .  ? 5.982   -16.697 -1.075  1.000 49.938  0 101 A1CGJ A C2B   1 ? 
HETATM 642 N  N2B   . A1CGJ C 2 .  ? 6.352   -16.559 -2.313  1.000 47.149  0 101 A1CGJ A N2B   1 ? 
HETATM 643 N  N1B   . A1CGJ C 2 .  ? 6.813   -16.203 -0.142  1.000 49.026  0 101 A1CGJ A N1B   1 ? 
HETATM 644 C  C6B   . A1CGJ C 2 .  ? 6.554   -16.275 1.162   1.000 53.267  0 101 A1CGJ A C6B   1 ? 
HETATM 645 O  O6B   . A1CGJ C 2 .  ? 7.376   -15.743 1.909   1.000 50.301  0 101 A1CGJ A O6B   1 ? 
HETATM 646 C  C5B   . A1CGJ C 2 .  ? 5.399   -16.873 1.536   1.000 52.723  0 101 A1CGJ A C5B   1 ? 
HETATM 647 N  N7B   . A1CGJ C 2 .  ? 4.879   -17.150 2.736   1.000 55.832  0 101 A1CGJ A N7B   1 ? 
HETATM 648 C  C8B   . A1CGJ C 2 .  ? 3.746   -17.778 2.547   1.000 51.078  0 101 A1CGJ A C8B   1 ? 
HETATM 649 MG MG    . MG    D 3 .  ? 0.465   0.343   0.493   1.000 61.426  0 102 MG    A MG    1 ? 
HETATM 650 MG MG    . MG    E 3 .  ? 2.289   -4.385  -6.317  1.000 53.562  0 103 MG    A MG    1 ? 
HETATM 651 MG MG    . MG    F 3 .  ? -1.701  8.526   2.342   1.000 83.048  0 104 MG    A MG    1 ? 
HETATM 652 MG MG    . MG    G 3 .  ? -5.300  16.874  -5.058  1.000 89.287  0 105 MG    A MG    1 ? 
HETATM 653 O  O6A   . A1CGJ H 2 .  ? -10.463 17.523  -1.874  1.000 54.299  0 101 A1CGJ B O6A   1 ? 
HETATM 654 C  C6A   . A1CGJ H 2 .  ? -11.376 16.932  -2.458  1.000 52.012  0 101 A1CGJ B C6A   1 ? 
HETATM 655 N  N1A   . A1CGJ H 2 .  ? -12.346 16.377  -1.674  1.000 49.172  0 101 A1CGJ B N1A   1 ? 
HETATM 656 C  C2A   . A1CGJ H 2 .  ? -13.391 15.737  -2.205  1.000 44.811  0 101 A1CGJ B C2A   1 ? 
HETATM 657 N  N2A   . A1CGJ H 2 .  ? -14.347 15.210  -1.432  1.000 50.522  0 101 A1CGJ B N2A   1 ? 
HETATM 658 N  N3A   . A1CGJ H 2 .  ? -13.474 15.593  -3.550  1.000 50.339  0 101 A1CGJ B N3A   1 ? 
HETATM 659 C  C4A   . A1CGJ H 2 .  ? -12.521 16.140  -4.313  1.000 51.525  0 101 A1CGJ B C4A   1 ? 
HETATM 660 C  C5A   . A1CGJ H 2 .  ? -11.489 16.805  -3.795  1.000 53.345  0 101 A1CGJ B C5A   1 ? 
HETATM 661 N  N7A   . A1CGJ H 2 .  ? -10.734 17.213  -4.831  1.000 56.042  0 101 A1CGJ B N7A   1 ? 
HETATM 662 C  C8A   . A1CGJ H 2 .  ? -11.315 16.804  -5.927  1.000 50.296  0 101 A1CGJ B C8A   1 ? 
HETATM 663 N  N9A   . A1CGJ H 2 .  ? -12.424 16.139  -5.652  1.000 52.119  0 101 A1CGJ B N9A   1 ? 
HETATM 664 C  C1D   . A1CGJ H 2 .  ? -13.385 15.457  -6.562  1.000 61.339  0 101 A1CGJ B C1D   1 ? 
HETATM 665 O  O4D   . A1CGJ H 2 .  ? -12.925 15.669  -7.910  1.000 74.128  0 101 A1CGJ B O4D   1 ? 
HETATM 666 C  C2D   . A1CGJ H 2 .  ? -14.813 15.971  -6.522  1.000 69.939  0 101 A1CGJ B C2D   1 ? 
HETATM 667 C  C3D   . A1CGJ H 2 .  ? -14.908 16.875  -7.689  1.000 73.983  0 101 A1CGJ B C3D   1 ? 
HETATM 668 O  O3D   . A1CGJ H 2 .  ? -16.228 16.876  -8.168  1.000 79.142  0 101 A1CGJ B O3D   1 ? 
HETATM 669 C  C4D   . A1CGJ H 2 .  ? -14.012 16.196  -8.684  1.000 70.933  0 101 A1CGJ B C4D   1 ? 
HETATM 670 C  C5D   . A1CGJ H 2 .  ? -13.315 17.269  -9.531  1.000 79.073  0 101 A1CGJ B C5D   1 ? 
HETATM 671 O  O5D   . A1CGJ H 2 .  ? -12.676 18.235  -8.659  1.000 84.624  0 101 A1CGJ B O5D   1 ? 
HETATM 672 P  PA    . A1CGJ H 2 .  ? -11.898 19.561  -9.220  1.000 95.682  0 101 A1CGJ B PA    1 ? 
HETATM 673 O  O1A   . A1CGJ H 2 .  ? -13.062 20.260  -10.089 1.000 99.284  0 101 A1CGJ B O1A   1 ? 
HETATM 674 O  O2A   . A1CGJ H 2 .  ? -11.445 20.353  -8.068  1.000 75.523  0 101 A1CGJ B O2A   1 ? 
HETATM 675 N  N1C   . A1CGJ H 2 .  ? -10.823 18.918  -10.217 1.000 95.398  0 101 A1CGJ B N1C   1 ? 
HETATM 676 C  C1C   . A1CGJ H 2 .  ? -9.688  18.290  -9.889  1.000 88.260  0 101 A1CGJ B C1C   1 ? 
HETATM 677 N  N3C   . A1CGJ H 2 .  ? -9.172  18.144  -8.656  1.000 71.039  0 101 A1CGJ B N3C   1 ? 
HETATM 678 C  C3C   . A1CGJ H 2 .  ? -11.016 18.821  -11.534 1.000 95.675  0 101 A1CGJ B C3C   1 ? 
HETATM 679 C  C2C   . A1CGJ H 2 .  ? -9.969  18.174  -12.027 1.000 100.736 0 101 A1CGJ B C2C   1 ? 
HETATM 680 N  N2C   . A1CGJ H 2 .  ? -9.154  17.823  -11.016 1.000 103.786 0 101 A1CGJ B N2C   1 ? 
HETATM 681 P  PG    . A1CGJ H 2 .  ? -7.722  16.877  -11.260 1.000 92.302  0 101 A1CGJ B PG    1 ? 
HETATM 682 O  O1G   . A1CGJ H 2 .  ? -6.798  16.695  -10.114 1.000 85.150  0 101 A1CGJ B O1G   1 ? 
HETATM 683 O  O2G   . A1CGJ H 2 .  ? -7.306  16.626  -12.673 1.000 108.664 0 101 A1CGJ B O2G   1 ? 
HETATM 684 O  O5E   . A1CGJ H 2 .  ? -8.296  15.321  -11.181 1.000 77.685  0 101 A1CGJ B O5E   1 ? 
HETATM 685 C  C5E   . A1CGJ H 2 .  ? -9.044  14.651  -12.217 1.000 73.469  0 101 A1CGJ B C5E   1 ? 
HETATM 686 C  C4E   . A1CGJ H 2 .  ? -9.931  13.684  -11.499 1.000 71.258  0 101 A1CGJ B C4E   1 ? 
HETATM 687 O  O4E   . A1CGJ H 2 .  ? -9.067  13.284  -10.399 1.000 72.333  0 101 A1CGJ B O4E   1 ? 
HETATM 688 C  C3E   . A1CGJ H 2 .  ? -11.006 14.447  -10.790 1.000 76.098  0 101 A1CGJ B C3E   1 ? 
HETATM 689 O  O3E   . A1CGJ H 2 .  ? -12.090 14.744  -11.675 1.000 78.137  0 101 A1CGJ B O3E   1 ? 
HETATM 690 C  C2E   . A1CGJ H 2 .  ? -11.362 13.419  -9.745  1.000 70.791  0 101 A1CGJ B C2E   1 ? 
HETATM 691 C  C1E   . A1CGJ H 2 .  ? -9.954  12.923  -9.314  1.000 66.192  0 101 A1CGJ B C1E   1 ? 
HETATM 692 N  N9B   . A1CGJ H 2 .  ? -9.369  13.569  -8.107  1.000 55.961  0 101 A1CGJ B N9B   1 ? 
HETATM 693 C  C4B   . A1CGJ H 2 .  ? -9.893  13.364  -6.893  1.000 54.142  0 101 A1CGJ B C4B   1 ? 
HETATM 694 N  N3B   . A1CGJ H 2 .  ? -10.995 12.659  -6.563  1.000 50.814  0 101 A1CGJ B N3B   1 ? 
HETATM 695 C  C2B   . A1CGJ H 2 .  ? -11.295 12.618  -5.242  1.000 48.937  0 101 A1CGJ B C2B   1 ? 
HETATM 696 N  N2B   . A1CGJ H 2 .  ? -12.329 11.992  -4.794  1.000 47.349  0 101 A1CGJ B N2B   1 ? 
HETATM 697 N  N1B   . A1CGJ H 2 .  ? -10.587 13.309  -4.341  1.000 49.059  0 101 A1CGJ B N1B   1 ? 
HETATM 698 C  C6B   . A1CGJ H 2 .  ? -9.497  14.000  -4.689  1.000 53.693  0 101 A1CGJ B C6B   1 ? 
HETATM 699 O  O6B   . A1CGJ H 2 .  ? -8.915  14.549  -3.749  1.000 49.804  0 101 A1CGJ B O6B   1 ? 
HETATM 700 C  C5B   . A1CGJ H 2 .  ? -9.146  14.007  -6.008  1.000 51.389  0 101 A1CGJ B C5B   1 ? 
HETATM 701 N  N7B   . A1CGJ H 2 .  ? -8.178  14.629  -6.704  1.000 52.028  0 101 A1CGJ B N7B   1 ? 
HETATM 702 C  C8B   . A1CGJ H 2 .  ? -8.295  14.327  -7.964  1.000 51.332  0 101 A1CGJ B C8B   1 ? 
HETATM 703 MG MG    . MG    I 3 .  ? -8.006  0.084   -0.474  1.000 54.162  0 102 MG    B MG    1 ? 
HETATM 704 MG MG    . MG    J 3 .  ? 6.869   -4.733  3.634   1.000 82.911  0 103 MG    B MG    1 ? 
HETATM 705 MG MG    . MG    K 3 .  ? 6.164   -16.128 6.203   1.000 84.373  0 104 MG    B MG    1 ? 
HETATM 706 O  O     . HOH   L 4 .  ? 5.771   -16.843 4.593   1.000 78.280  0 201 HOH   A O     1 ? 
HETATM 707 O  O     . HOH   L 4 .  ? -1.531  7.868   0.358   1.000 69.540  0 202 HOH   A O     1 ? 
HETATM 708 O  O     . HOH   L 4 .  ? 10.241  -12.841 3.098   1.000 70.942  0 203 HOH   A O     1 ? 
HETATM 709 O  O     . HOH   L 4 .  ? -3.178  -6.683  -6.949  1.000 67.062  0 204 HOH   A O     1 ? 
HETATM 710 O  O     . HOH   L 4 .  ? 7.995   -18.885 4.625   1.000 74.137  0 205 HOH   A O     1 ? 
HETATM 711 O  O     . HOH   L 4 .  ? -9.102  10.757  -13.776 1.000 63.755  0 206 HOH   A O     1 ? 
HETATM 712 O  O     . HOH   L 4 .  ? -0.504  9.832   1.947   1.000 63.678  0 207 HOH   A O     1 ? 
HETATM 713 O  O     . HOH   L 4 .  ? -5.507  14.500  -4.090  1.000 72.495  0 208 HOH   A O     1 ? 
HETATM 714 O  O     . HOH   L 4 .  ? -2.828  15.910  -15.625 1.000 63.790  0 209 HOH   A O     1 ? 
HETATM 715 O  O     . HOH   L 4 .  ? 4.206   -6.984  -2.999  1.000 70.167  0 210 HOH   A O     1 ? 
HETATM 716 O  O     . HOH   L 4 .  ? -0.111  1.155   2.350   1.000 54.828  0 211 HOH   A O     1 ? 
HETATM 717 O  O     . HOH   L 4 .  ? -2.395  15.606  -8.326  1.000 82.488  0 212 HOH   A O     1 ? 
HETATM 718 O  O     . HOH   L 4 .  ? -8.568  -3.837  -1.195  1.000 45.021  0 213 HOH   A O     1 ? 
HETATM 719 O  O     . HOH   L 4 .  ? -0.675  6.890   3.529   1.000 68.290  0 214 HOH   A O     1 ? 
HETATM 720 O  O     . HOH   L 4 .  ? -5.019  -6.015  7.901   1.000 77.775  0 215 HOH   A O     1 ? 
HETATM 721 O  O     . HOH   L 4 .  ? 4.003   10.266  -9.469  1.000 76.733  0 216 HOH   A O     1 ? 
HETATM 722 O  O     . HOH   L 4 .  ? 11.512  -10.006 -2.351  1.000 59.355  0 217 HOH   A O     1 ? 
HETATM 723 O  O     . HOH   L 4 .  ? -4.780  -9.480  3.950   1.000 53.712  0 218 HOH   A O     1 ? 
HETATM 724 O  O     . HOH   L 4 .  ? -3.456  4.487   6.301   1.000 66.150  0 219 HOH   A O     1 ? 
HETATM 725 O  O     . HOH   L 4 .  ? 2.492   -5.459  -4.560  1.000 58.542  0 220 HOH   A O     1 ? 
HETATM 726 O  O     . HOH   L 4 .  ? -1.208  7.558   6.494   1.000 75.807  0 221 HOH   A O     1 ? 
HETATM 727 O  O     . HOH   L 4 .  ? -8.779  1.331   4.817   1.000 67.543  0 222 HOH   A O     1 ? 
HETATM 728 O  O     . HOH   L 4 .  ? -0.866  -4.659  -1.533  1.000 62.930  0 223 HOH   A O     1 ? 
HETATM 729 O  O     . HOH   L 4 .  ? 0.474   -1.568  1.381   1.000 54.842  0 224 HOH   A O     1 ? 
HETATM 730 O  O     . HOH   L 4 .  ? -4.067  15.135  -6.278  1.000 62.415  0 225 HOH   A O     1 ? 
HETATM 731 O  O     . HOH   L 4 .  ? -2.051  10.899  -0.595  1.000 68.061  0 226 HOH   A O     1 ? 
HETATM 732 O  O     . HOH   L 4 .  ? 2.164   -7.270  -1.158  1.000 60.620  0 227 HOH   A O     1 ? 
HETATM 733 O  O     . HOH   L 4 .  ? -9.956  -1.945  2.654   1.000 52.426  0 228 HOH   A O     1 ? 
HETATM 734 O  O     . HOH   L 4 .  ? 0.776   -5.718  -6.984  1.000 46.219  0 229 HOH   A O     1 ? 
HETATM 735 O  O     . HOH   L 4 .  ? 6.892   -8.819  -3.227  1.000 69.510  0 230 HOH   A O     1 ? 
HETATM 736 O  O     . HOH   L 4 .  ? -2.519  -13.065 -0.577  1.000 56.894  0 231 HOH   A O     1 ? 
HETATM 737 O  O     . HOH   L 4 .  ? -3.729  1.098   4.504   1.000 70.305  0 232 HOH   A O     1 ? 
HETATM 738 O  O     . HOH   L 4 .  ? -1.544  4.663   4.737   1.000 65.065  0 233 HOH   A O     1 ? 
HETATM 739 O  O     . HOH   L 4 .  ? 5.416   -8.978  -0.548  1.000 60.163  0 234 HOH   A O     1 ? 
HETATM 740 O  O     . HOH   L 4 .  ? 3.729   -5.575  -7.397  1.000 55.352  0 235 HOH   A O     1 ? 
HETATM 741 O  O     . HOH   L 4 .  ? -6.226  -0.935  -0.977  1.000 55.854  0 236 HOH   A O     1 ? 
HETATM 742 O  O     . HOH   L 4 .  ? -7.520  8.085   -11.860 1.000 64.280  0 237 HOH   A O     1 ? 
HETATM 743 O  O     . HOH   L 4 .  ? 3.154   7.702   -8.160  1.000 78.965  0 238 HOH   A O     1 ? 
HETATM 744 O  O     . HOH   L 4 .  ? -8.872  -5.413  5.133   1.000 73.152  0 239 HOH   A O     1 ? 
HETATM 745 O  O     . HOH   L 4 .  ? -7.404  0.587   1.422   1.000 62.621  0 240 HOH   A O     1 ? 
HETATM 746 O  O     . HOH   L 4 .  ? 5.816   -9.578  2.072   1.000 74.479  0 241 HOH   A O     1 ? 
HETATM 747 O  O     . HOH   L 4 .  ? 13.063  -7.696  -5.063  1.000 94.316  0 242 HOH   A O     1 ? 
HETATM 748 O  O     . HOH   L 4 .  ? 16.006  -10.468 -0.071  1.000 92.884  0 243 HOH   A O     1 ? 
HETATM 749 O  O     . HOH   L 4 .  ? -2.112  14.175  -2.897  1.000 71.208  0 244 HOH   A O     1 ? 
HETATM 750 O  O     . HOH   L 4 .  ? 2.332   9.973   -11.693 1.000 67.549  0 245 HOH   A O     1 ? 
HETATM 751 O  O     . HOH   L 4 .  ? 1.585   -3.930  0.001   1.000 60.166  0 246 HOH   A O     1 ? 
HETATM 752 O  O     . HOH   L 4 .  ? 8.061   -11.039 2.420   1.000 64.043  0 247 HOH   A O     1 ? 
HETATM 753 O  O     . HOH   L 4 .  ? -6.063  -4.806  -4.406  1.000 73.160  0 248 HOH   A O     1 ? 
HETATM 754 O  O     . HOH   L 4 .  ? -3.177  -1.901  1.517   1.000 60.947  0 249 HOH   A O     1 ? 
HETATM 755 O  O     . HOH   L 4 .  ? 13.906  -14.172 5.072   1.000 82.522  0 250 HOH   A O     1 ? 
HETATM 756 O  O     . HOH   L 4 .  ? -8.679  7.091   -9.931  1.000 69.285  0 251 HOH   A O     1 ? 
HETATM 757 O  O     . HOH   L 4 .  ? 3.931   -7.009  0.907   1.000 63.920  0 252 HOH   A O     1 ? 
HETATM 758 O  O     . HOH   L 4 .  ? -10.165 -2.955  6.243   1.000 87.831  0 253 HOH   A O     1 ? 
HETATM 759 O  O     . HOH   L 4 .  ? -2.224  -14.771 -4.530  0.330 59.687  0 254 HOH   A O     1 ? 
HETATM 760 O  O     . HOH   L 4 .  ? -1.817  2.853   3.277   1.000 81.555  0 255 HOH   A O     1 ? 
HETATM 761 O  O     . HOH   L 4 .  ? -8.816  -1.635  0.269   1.000 47.691  0 256 HOH   A O     1 ? 
HETATM 762 O  O     . HOH   L 4 .  ? -4.153  6.290   4.520   1.000 95.170  0 257 HOH   A O     1 ? 
HETATM 763 O  O     . HOH   L 4 .  ? -2.279  8.826   4.219   1.000 75.656  0 258 HOH   A O     1 ? 
HETATM 764 O  O     . HOH   L 4 .  ? -4.544  -9.077  -6.204  0.330 67.902  0 259 HOH   A O     1 ? 
HETATM 765 O  O     . HOH   L 4 .  ? 6.408   -5.238  -8.069  1.000 67.302  0 260 HOH   A O     1 ? 
HETATM 766 O  O     . HOH   L 4 .  ? 14.048  -10.349 1.715   1.000 90.508  0 261 HOH   A O     1 ? 
HETATM 767 O  O     . HOH   L 4 .  ? -3.787  16.112  -3.975  1.000 81.499  0 262 HOH   A O     1 ? 
HETATM 768 O  O     . HOH   L 4 .  ? -3.764  13.396  8.525   1.000 81.836  0 263 HOH   A O     1 ? 
HETATM 769 O  O     . HOH   L 4 .  ? -1.700  -0.115  0.453   1.000 68.906  0 264 HOH   A O     1 ? 
HETATM 770 O  O     . HOH   L 4 .  ? 4.255   13.156  -12.739 1.000 77.807  0 265 HOH   A O     1 ? 
HETATM 771 O  O     . HOH   L 4 .  ? -3.213  7.157   2.373   1.000 76.480  0 266 HOH   A O     1 ? 
HETATM 772 O  O     . HOH   L 4 .  ? -3.545  9.646   1.646   1.000 69.675  0 267 HOH   A O     1 ? 
HETATM 773 O  O     . HOH   M 4 .  ? -6.785  16.025  -5.966  1.000 75.056  0 201 HOH   B O     1 ? 
HETATM 774 O  O     . HOH   M 4 .  ? 4.746   -5.393  3.486   1.000 65.902  0 202 HOH   B O     1 ? 
HETATM 775 O  O     . HOH   M 4 .  ? 6.712   -5.152  5.457   1.000 65.396  0 203 HOH   B O     1 ? 
HETATM 776 O  O     . HOH   M 4 .  ? 2.545   0.712   0.399   1.000 56.149  0 204 HOH   B O     1 ? 
HETATM 777 O  O     . HOH   M 4 .  ? -7.365  4.640   -0.833  1.000 71.052  0 205 HOH   B O     1 ? 
HETATM 778 O  O     . HOH   M 4 .  ? -7.834  -1.813  -6.122  1.000 65.713  0 206 HOH   B O     1 ? 
HETATM 779 O  O     . HOH   M 4 .  ? -2.533  -19.597 0.011   1.000 67.299  0 207 HOH   B O     1 ? 
HETATM 780 O  O     . HOH   M 4 .  ? 8.448   -0.741  -0.490  1.000 68.242  0 208 HOH   B O     1 ? 
HETATM 781 O  O     . HOH   M 4 .  ? 4.903   5.851   -8.159  1.000 72.151  0 209 HOH   B O     1 ? 
HETATM 782 O  O     . HOH   M 4 .  ? -8.452  18.465  -5.292  1.000 76.455  0 210 HOH   B O     1 ? 
HETATM 783 O  O     . HOH   M 4 .  ? 7.368   -2.418  -6.691  1.000 72.132  0 211 HOH   B O     1 ? 
HETATM 784 O  O     . HOH   M 4 .  ? -3.662  -10.064 9.956   1.000 72.146  0 212 HOH   B O     1 ? 
HETATM 785 O  O     . HOH   M 4 .  ? -3.482  -20.666 8.172   1.000 63.899  0 213 HOH   B O     1 ? 
HETATM 786 O  O     . HOH   M 4 .  ? 6.122   -14.325 4.447   1.000 72.371  0 214 HOH   B O     1 ? 
HETATM 787 O  O     . HOH   M 4 .  ? -15.601 14.152  -4.283  1.000 69.133  0 215 HOH   B O     1 ? 
HETATM 788 O  O     . HOH   M 4 .  ? -7.290  15.050  0.304   1.000 72.680  0 216 HOH   B O     1 ? 
HETATM 789 O  O     . HOH   M 4 .  ? -2.920  -21.315 5.566   1.000 70.284  0 217 HOH   B O     1 ? 
HETATM 790 O  O     . HOH   M 4 .  ? 6.542   -2.527  3.304   1.000 67.137  0 218 HOH   B O     1 ? 
HETATM 791 O  O     . HOH   M 4 .  ? -7.230  1.822   -1.039  1.000 57.859  0 219 HOH   B O     1 ? 
HETATM 792 O  O     . HOH   M 4 .  ? 9.456   -1.362  3.295   1.000 76.442  0 220 HOH   B O     1 ? 
HETATM 793 O  O     . HOH   M 4 .  ? -0.138  5.725   -9.817  1.000 53.752  0 221 HOH   B O     1 ? 
HETATM 794 O  O     . HOH   M 4 .  ? 5.773   -8.072  4.972   1.000 65.774  0 222 HOH   B O     1 ? 
HETATM 795 O  O     . HOH   M 4 .  ? 4.421   -2.257  -9.299  1.000 52.146  0 223 HOH   B O     1 ? 
HETATM 796 O  O     . HOH   M 4 .  ? -10.580 10.564  3.293   1.000 60.208  0 224 HOH   B O     1 ? 
HETATM 797 O  O     . HOH   M 4 .  ? -5.243  4.864   -2.578  1.000 59.498  0 225 HOH   B O     1 ? 
HETATM 798 O  O     . HOH   M 4 .  ? 0.207   2.012   -0.648  1.000 54.860  0 226 HOH   B O     1 ? 
HETATM 799 O  O     . HOH   M 4 .  ? -3.505  -8.207  7.580   1.000 81.366  0 227 HOH   B O     1 ? 
HETATM 800 O  O     . HOH   M 4 .  ? 5.444   0.134   -2.700  1.000 69.415  0 228 HOH   B O     1 ? 
HETATM 801 O  O     . HOH   M 4 .  ? -6.585  7.960   -1.175  1.000 59.558  0 229 HOH   B O     1 ? 
HETATM 802 O  O     . HOH   M 4 .  ? 4.288   1.891   -10.553 1.000 72.612  0 230 HOH   B O     1 ? 
HETATM 803 O  O     . HOH   M 4 .  ? -13.373 7.970   6.234   1.000 87.018  0 231 HOH   B O     1 ? 
HETATM 804 O  O     . HOH   M 4 .  ? -2.096  -0.132  -10.906 1.000 46.401  0 232 HOH   B O     1 ? 
HETATM 805 O  O     . HOH   M 4 .  ? 4.091   -15.025 6.325   1.000 66.333  0 233 HOH   B O     1 ? 
HETATM 806 O  O     . HOH   M 4 .  ? -6.245  6.391   -9.883  1.000 56.685  0 234 HOH   B O     1 ? 
HETATM 807 O  O     . HOH   M 4 .  ? -9.488  6.996   0.489   1.000 70.457  0 235 HOH   B O     1 ? 
HETATM 808 O  O     . HOH   M 4 .  ? 0.780   -3.209  -5.559  1.000 57.353  0 236 HOH   B O     1 ? 
HETATM 809 O  O     . HOH   M 4 .  ? -2.743  -15.927 -0.425  1.000 63.944  0 237 HOH   B O     1 ? 
HETATM 810 O  O     . HOH   M 4 .  ? -3.391  1.546   -3.313  1.000 61.300  0 238 HOH   B O     1 ? 
HETATM 811 O  O     . HOH   M 4 .  ? -9.994  0.870   0.047   1.000 54.584  0 239 HOH   B O     1 ? 
HETATM 812 O  O     . HOH   M 4 .  ? 4.000   -3.256  -5.761  1.000 62.931  0 240 HOH   B O     1 ? 
HETATM 813 O  O     . HOH   M 4 .  ? 6.814   -0.809  1.143   1.000 63.530  0 241 HOH   B O     1 ? 
HETATM 814 O  O     . HOH   M 4 .  ? -3.872  -2.798  -7.401  1.000 72.226  0 242 HOH   B O     1 ? 
HETATM 815 O  O     . HOH   M 4 .  ? -5.013  -11.969 8.486   1.000 65.110  0 243 HOH   B O     1 ? 
HETATM 816 O  O     . HOH   M 4 .  ? -6.403  12.350  -0.318  1.000 63.984  0 244 HOH   B O     1 ? 
HETATM 817 O  O     . HOH   M 4 .  ? -2.544  3.202   -1.113  1.000 62.023  0 245 HOH   B O     1 ? 
HETATM 818 O  O     . HOH   M 4 .  ? -7.691  19.017  1.924   1.000 82.406  0 246 HOH   B O     1 ? 
HETATM 819 O  O     . HOH   M 4 .  ? 5.778   -11.546 6.943   1.000 69.798  0 247 HOH   B O     1 ? 
HETATM 820 O  O     . HOH   M 4 .  ? -10.339 14.758  6.177   1.000 92.937  0 248 HOH   B O     1 ? 
HETATM 821 O  O     . HOH   M 4 .  ? 3.346   -15.088 8.861   1.000 76.786  0 249 HOH   B O     1 ? 
HETATM 822 O  O     . HOH   M 4 .  ? 6.856   0.445   -10.046 1.000 85.064  0 250 HOH   B O     1 ? 
HETATM 823 O  O     . HOH   M 4 .  ? -4.132  6.928   -1.243  1.000 63.509  0 251 HOH   B O     1 ? 
HETATM 824 O  O     . HOH   M 4 .  ? -10.349 5.169   -10.392 0.330 61.438  0 252 HOH   B O     1 ? 
HETATM 825 O  O     . HOH   M 4 .  ? 2.282   -3.326  -8.029  1.000 47.837  0 253 HOH   B O     1 ? 
HETATM 826 O  O     . HOH   M 4 .  ? 8.669   -4.197  3.329   1.000 72.391  0 254 HOH   B O     1 ? 
HETATM 827 O  O     . HOH   M 4 .  ? -4.526  -10.265 6.438   1.000 73.169  0 255 HOH   B O     1 ? 
HETATM 828 O  O     . HOH   M 4 .  ? -8.049  -0.476  -8.732  0.330 66.955  0 256 HOH   B O     1 ? 
HETATM 829 O  O     . HOH   M 4 .  ? 8.769   -3.462  -0.538  1.000 75.616  0 257 HOH   B O     1 ? 
HETATM 830 O  O     . HOH   M 4 .  ? -11.264 1.668   2.400   1.000 70.365  0 258 HOH   B O     1 ? 
HETATM 831 O  O     . HOH   M 4 .  ? 6.308   -4.832  1.857   1.000 76.026  0 259 HOH   B O     1 ? 
HETATM 832 O  O     . HOH   M 4 .  ? 0.868   -0.503  -1.384  1.000 66.082  0 260 HOH   B O     1 ? 
HETATM 833 O  O     . HOH   M 4 .  ? -5.332  5.834   0.048   1.000 103.222 0 261 HOH   B O     1 ? 
HETATM 834 O  O     . HOH   M 4 .  ? 6.846   -14.339 6.962   1.000 78.645  0 262 HOH   B O     1 ? 
HETATM 835 O  O     . HOH   M 4 .  ? 7.367   -6.690  2.931   1.000 68.876  0 263 HOH   B O     1 ? 
# 
